data_5NP1
#
_entry.id   5NP1
#
_cell.length_a   1.000
_cell.length_b   1.000
_cell.length_c   1.000
_cell.angle_alpha   90.00
_cell.angle_beta   90.00
_cell.angle_gamma   90.00
#
_symmetry.space_group_name_H-M   'P 1'
#
_entity_poly.entity_id   1
_entity_poly.type   'polypeptide(L)'
_entity_poly.pdbx_seq_one_letter_code
;MDYKDDDDKHMSLVLNDLLICCRQLEHDRATERKKEVEKFKRLIRDPETIKHLDRHSDSKQGKYLNWDAVFRFLQKYIQK
ETECLRIAKPNVSASTQASRQKKMQEISSLVKYFIKCANRRAPRLKCQELLNYIMDTVKDSSNGAIYGADCSNILLKDIL
SVRKYWCEISQQQWLELFSVYFRLYLKPSQDVHRVLVARIIHAVTKGCCSQTDGLNSKFLDFFSKAIQCARQEKSSSGLN
HILAALTIFLKTLAVNFRIRVCELGDEILPTLLYIWTQHRLNDSLKEVIIELFQLQIYIHHPKGAKTQEKGAYESTKWRS
ILYNLYDLLVNEISHIGSRGKYSSGFRNIAVKENLIELMADICHQVFNEDTRSLEISQSYTTTQRESSDYSVPCKRKKIE
LGWEVIKDHLQKSQNDFDLVPWLQIATQLISKYPASLPNCELSPLLMILSQLLPQQRHGERTPYVLRCLTEVALCQDKRS
NLESSQKSDLLKLWNKIWCITFRGISSEQIQAENFGLLGAIIQGSLVEVDREFWKLFTGSACRPSCPAVCCLTLALTTSI
VPGTVKMGIEQNMCEVNRSFSLKESIMKWLLFYQLEGDLENSTEVPPILHSNFPHLVLEKILVSLTMKNCKAAMNFFQSV
PECEHHQKDKEELSFSEVEELFLQTTFDKMDFLTIVRECGIEKHQSSIGFSVHQNLKESLDRCLLGLSEQLLNNYSSEIT
NSETLVRCSRLLVGVLGCYCYMGVIAEEEAYKSELFQKAKSLMQCAGESITLFKNKTNEEFRIGSLRNMMQLCTRCLSNC
TKKSPNKIASGFFLRLLTSKLMNDIADICKSLASFIKKPFDRGEVESMEDDTNGNLMEVEDQSSMNLFNDYPDSSVSDAN
EPGESQSTIGAINPLAEEYLSKQDLLFLDMLKFLCLCVTTAQTNTVSFRAADIRRKLLMLIDSSTLEPTKSLHLHMYLML
LKELPGEEYPLPMEDVLELLKPLSNVCSLYRRDQDVCKTILNHVLHVVKNLGQSNMDSENTRDAQGQFLTVIGAFWHLTK
ERKYIFSVRMALVNCLKTLLEADPYSKWAILNVMGKDFPVNEVFTQFLADNHHQVRMLAAESINRLFQDTKGDSSRLLKA
LPLKLQQTAFENAYLKAQEGMREMSHSAENPETLDEIYNRKSVLLTLIAVVLSCSPICEKQALFALCKSVKENGLEPHLV
KKVLEKVSETFGYRRLEDFMASHLDYLVLEWLNLQDTEYNLSSFPFILLNYTNIEDFYRSCYKVLIPHLVIRSHFDEVKS
IANQIQEDWKSLLTDCFPKILVNILPYFAYEGTRDSGMAQQRETATKVYDMLKSENLLGKQIDHLFISNLPEIVVELLMT
LHEPANSSASQSTDLCDFSGDLDPAPNPPHFPSHVIKATFAYISNCHKTKLKSILEILSKSPDSYQKILLAICEQAAETN
NVYKKHRILKIYHLFVSLLLKDIKSGLGGAWAFVLRDVIYTLIHYINQRPSCIMDVSLRSFSLCCDLLSQVCQTAVTYCK
DALENHLHVIVGTLIPLVYEQVEVQKQVLDLLKYLVIDNKDNENLYITIKLLDPFPDHVVFKDLRITQQKIKYSRGPFSL
LEEINHFLSVSVYDALPLTRLEGLKDLRRQLELHKDQMVDIMRASQDNPQDGIMVKLVVNLLQLSKMAINHTGEKEVLEA
VGSCLGEVGPIDFSTIAIQHSKDASYTKALKLFEDKELQWTFIMLTYLNNTLVEDCVKVRSAAVTCLKNILATKTGHSFW
EIYKMTTDPMLAYLQPFRTSRKKFLEVPRFDKENPFEGLDDINLWIPLSENHDIWIKTLTCAFLDSGGTKCEILQLLKPM
CEVKTDFCQTVLPYLIHDILLQDTNESWRNLLSTHVQGFFTSCLRHFSQTSRSTTPANLDSESEHFFRCCLDKKSQRTML
AVVDYMRRQKRPSSGTIFNDAFWLDLNYLEVAKVAQSCAAHFTALLYAEIYADKKSMDDQEKRSLAFEEGSQSTTISSLS
EKSKEETGISLQDLLLEIYRSIGEPDSLYGCGGGKMLQPITRLRTYEHEAMWGKALVTYDLETAIPSSTRQAGIIQALQN
LGLCHILSVYLKGLDYENKDWCPELEELHYQAAWRNMQWDHCTSVSKEVEGTSYHESLYNALQSLRDREFSTFYESLKYA
RVKEVEEMCKRSLESVYSLYPTLSRLQAIGELESIGELFSRSVTHRQLSEVYIKWQKHSQLLKDSDFSFQEPIMALRTVI
LEILMEKEMDNSQRECIKDILTKHLVELSILARTFKNTQLPERAIFQIKQYNSVSCGVSEWQLEEAQVFWAKKEQSLALS
ILKQMIKKLDASCAANNPSLKLTYTECLRVCGNWLAETCLENPAVIMQTYLEKAVEVAGNYDGESSDELRNGKMKAFLSL
ARFSDTQYQRIENYMKSSEFENKQALLKRAKEEVGLLREHKIQTNRYTVKVQRELELDELALRALKEDRKRFLCKAVENY
INCLLSGEEHDMWVFRLCSLWLENSGVSEVNGMMKRDGMKIPTYKFLPLMYQLAARMGTKMMGGLGFHEVLNNLISRISM
DHPHHTLFIILALANANRDEFLTKPEVARRSRITKNVPKQSSQLDEDRTEAANRIICTIRSRRPQMVRSVEALCDAYIIL
ANLDATQWKTQRKGINIPADQPITKLKNLEDVVVPTMEIKVDHTGEYGNLVTIQSFKAEFRLAGGVNLPKIIDCVGSDGK
ERRQLVKGRDDLRQDAVMQQVFQMCNTLLQRNTETRKRKLTICTYKVVPLSQRSGVLEWCTGTVPIGEFLVNNEDGAHKR
YRPNDFSAFQCQKKMMEVQKKSFEEKYEVFMDVCQNFQPVFRYFCMEKFLDPAIWFEKRLAYTRSVATSSIVGYILGLGD
RHVQNILINEQSAELVHIDLGVAFEQGKILPTPETVPFRLTRDIVDGMGITGVEGVFRRCCEKTMEVMRNSQETLLTIVE
VLLYDPLFDWTMNPLKALYLQQRPEDETELHPTLNADDQECKRNLSDIDQSFNKVAERVLMRLQEKLKGVEEGTVLSVGG
QVNLLIQQAIDPKNLSRLFPGWKAWV
;
_entity_poly.pdbx_strand_id   A
#
# COMPACT_ATOMS: atom_id res chain seq x y z
N LEU A 13 -99.68 4.87 -12.55
CA LEU A 13 -98.28 4.80 -12.16
C LEU A 13 -97.49 4.19 -13.28
N VAL A 14 -97.67 2.88 -13.45
CA VAL A 14 -97.02 2.18 -14.55
C VAL A 14 -97.29 2.90 -15.85
N LEU A 15 -98.56 3.14 -16.14
CA LEU A 15 -98.88 3.87 -17.36
C LEU A 15 -98.98 5.36 -17.13
N ASN A 16 -98.86 5.83 -15.89
CA ASN A 16 -99.06 7.25 -15.62
C ASN A 16 -98.13 8.11 -16.45
N ASP A 17 -96.84 7.87 -16.34
CA ASP A 17 -95.95 8.54 -17.27
C ASP A 17 -96.15 8.03 -18.68
N LEU A 18 -96.46 6.74 -18.83
CA LEU A 18 -96.79 6.26 -20.17
C LEU A 18 -97.95 7.05 -20.73
N LEU A 19 -98.90 7.42 -19.88
CA LEU A 19 -99.86 8.44 -20.27
C LEU A 19 -99.14 9.72 -20.65
N ILE A 20 -98.32 10.25 -19.74
CA ILE A 20 -97.50 11.39 -20.12
C ILE A 20 -96.67 11.06 -21.35
N CYS A 21 -96.26 9.81 -21.51
CA CYS A 21 -95.58 9.40 -22.72
C CYS A 21 -96.55 9.34 -23.88
N CYS A 22 -97.71 8.72 -23.68
CA CYS A 22 -98.78 8.93 -24.63
C CYS A 22 -99.02 10.43 -24.80
N ARG A 23 -99.10 11.16 -23.69
CA ARG A 23 -99.19 12.61 -23.79
C ARG A 23 -97.99 13.17 -24.51
N GLN A 24 -96.84 12.50 -24.44
CA GLN A 24 -95.72 12.94 -25.24
C GLN A 24 -96.01 12.78 -26.72
N LEU A 25 -96.78 11.76 -27.10
CA LEU A 25 -97.27 11.72 -28.47
C LEU A 25 -98.17 12.91 -28.74
N GLU A 26 -98.99 13.28 -27.76
CA GLU A 26 -99.72 14.54 -27.85
C GLU A 26 -98.83 15.73 -27.50
N HIS A 27 -97.72 15.48 -26.82
CA HIS A 27 -96.67 16.47 -26.66
C HIS A 27 -95.68 16.39 -27.80
N ASP A 28 -95.94 15.53 -28.78
CA ASP A 28 -95.19 15.61 -30.01
C ASP A 28 -95.64 16.84 -30.78
N ARG A 29 -95.05 17.03 -31.97
CA ARG A 29 -94.89 18.34 -32.60
C ARG A 29 -96.14 19.22 -32.64
N ALA A 30 -97.31 18.64 -32.89
CA ALA A 30 -98.50 19.45 -33.17
C ALA A 30 -99.07 20.08 -31.90
N THR A 31 -99.56 19.24 -31.00
CA THR A 31 -100.24 19.68 -29.77
C THR A 31 -99.25 19.99 -28.65
N GLU A 32 -97.96 19.87 -28.92
CA GLU A 32 -96.92 19.88 -27.90
C GLU A 32 -96.96 21.10 -26.99
N ARG A 33 -97.53 22.22 -27.44
CA ARG A 33 -97.25 23.51 -26.83
C ARG A 33 -97.50 23.52 -25.33
N LYS A 34 -98.34 22.62 -24.83
CA LYS A 34 -98.59 22.49 -23.40
C LYS A 34 -97.89 21.27 -22.81
N LYS A 35 -98.29 20.06 -23.25
CA LYS A 35 -97.99 18.85 -22.52
C LYS A 35 -96.50 18.64 -22.28
N GLU A 36 -95.64 19.29 -23.08
CA GLU A 36 -94.21 19.21 -22.83
C GLU A 36 -93.85 19.84 -21.51
N VAL A 37 -94.27 21.07 -21.28
CA VAL A 37 -94.17 21.64 -19.95
C VAL A 37 -94.81 20.69 -18.95
N GLU A 38 -96.03 20.25 -19.23
CA GLU A 38 -96.66 19.24 -18.39
C GLU A 38 -95.77 18.03 -18.25
N LYS A 39 -95.19 17.57 -19.35
CA LYS A 39 -94.14 16.59 -19.24
C LYS A 39 -92.98 17.16 -18.44
N PHE A 40 -92.45 18.31 -18.87
CA PHE A 40 -91.42 18.96 -18.08
C PHE A 40 -91.87 19.11 -16.65
N LYS A 41 -93.16 19.34 -16.45
CA LYS A 41 -93.73 19.21 -15.12
C LYS A 41 -93.78 17.76 -14.69
N ARG A 42 -94.38 16.90 -15.51
CA ARG A 42 -94.33 15.48 -15.19
C ARG A 42 -92.91 15.06 -14.89
N LEU A 43 -91.97 15.53 -15.70
CA LEU A 43 -90.56 15.47 -15.34
C LEU A 43 -90.31 16.10 -13.99
N ILE A 44 -90.79 17.32 -13.77
CA ILE A 44 -90.41 18.07 -12.58
C ILE A 44 -90.66 17.26 -11.32
N ARG A 45 -91.58 16.29 -11.38
CA ARG A 45 -91.66 15.31 -10.30
C ARG A 45 -91.26 13.93 -10.81
N ASP A 46 -92.12 13.29 -11.60
CA ASP A 46 -91.89 11.98 -12.17
C ASP A 46 -91.34 11.02 -11.12
N PRO A 47 -92.12 10.69 -10.09
CA PRO A 47 -91.57 9.89 -8.99
C PRO A 47 -91.09 8.55 -9.51
N GLU A 48 -89.85 8.19 -9.15
CA GLU A 48 -89.25 6.92 -9.53
C GLU A 48 -89.27 6.71 -11.04
N THR A 49 -89.25 7.81 -11.80
CA THR A 49 -89.20 7.69 -13.25
C THR A 49 -87.80 7.37 -13.73
N ILE A 50 -86.79 8.03 -13.19
CA ILE A 50 -85.43 7.56 -13.38
C ILE A 50 -85.29 6.14 -12.83
N LYS A 51 -85.97 5.83 -11.73
CA LYS A 51 -86.07 4.44 -11.30
C LYS A 51 -86.78 3.61 -12.34
N HIS A 52 -87.94 4.06 -12.80
CA HIS A 52 -88.49 3.48 -14.00
C HIS A 52 -87.53 3.59 -15.17
N LEU A 53 -86.79 4.68 -15.30
CA LEU A 53 -85.75 4.68 -16.31
C LEU A 53 -84.70 3.62 -16.04
N ASP A 54 -84.39 3.37 -14.77
CA ASP A 54 -83.64 2.17 -14.44
C ASP A 54 -84.50 0.92 -14.50
N ARG A 55 -85.81 1.06 -14.38
CA ARG A 55 -86.69 -0.09 -14.53
C ARG A 55 -86.93 -0.34 -16.01
N ASP A 68 -89.32 1.46 -16.42
CA ASP A 68 -89.29 1.26 -17.87
C ASP A 68 -89.04 2.57 -18.58
N ALA A 69 -88.70 3.62 -17.82
CA ALA A 69 -88.69 4.97 -18.35
C ALA A 69 -87.40 5.30 -19.04
N VAL A 70 -86.48 4.34 -19.10
CA VAL A 70 -85.38 4.50 -20.02
C VAL A 70 -85.94 4.81 -21.39
N PHE A 71 -86.84 3.96 -21.87
CA PHE A 71 -87.54 4.24 -23.12
C PHE A 71 -88.18 5.62 -23.09
N ARG A 72 -88.70 6.01 -21.94
CA ARG A 72 -89.12 7.39 -21.79
C ARG A 72 -87.91 8.30 -21.84
N PHE A 73 -86.93 8.07 -20.98
CA PHE A 73 -85.69 8.80 -21.11
C PHE A 73 -85.14 8.66 -22.52
N LEU A 74 -85.46 7.56 -23.19
CA LEU A 74 -85.18 7.43 -24.61
C LEU A 74 -86.20 8.17 -25.45
N GLN A 75 -87.48 8.06 -25.12
CA GLN A 75 -88.43 8.96 -25.74
C GLN A 75 -88.00 10.38 -25.49
N LYS A 76 -87.41 10.63 -24.32
CA LYS A 76 -86.79 11.91 -24.02
C LYS A 76 -85.72 12.25 -25.04
N TYR A 77 -85.21 11.27 -25.75
CA TYR A 77 -84.74 11.48 -27.11
C TYR A 77 -85.84 11.23 -28.10
N ILE A 78 -86.33 9.98 -28.15
CA ILE A 78 -87.17 9.54 -29.24
C ILE A 78 -88.40 10.43 -29.39
N GLN A 79 -89.19 10.53 -28.34
CA GLN A 79 -90.33 11.42 -28.45
C GLN A 79 -89.89 12.86 -28.59
N LYS A 80 -88.68 13.17 -28.13
CA LYS A 80 -88.30 14.57 -27.99
C LYS A 80 -88.24 15.26 -29.35
N GLU A 81 -87.43 14.74 -30.25
CA GLU A 81 -87.41 15.35 -31.56
C GLU A 81 -88.73 15.14 -32.26
N THR A 82 -89.29 13.94 -32.10
CA THR A 82 -90.66 13.69 -32.55
C THR A 82 -91.59 14.76 -32.04
N GLU A 83 -91.46 15.13 -30.79
CA GLU A 83 -91.99 16.42 -30.41
C GLU A 83 -91.25 17.52 -31.16
N CYS A 84 -89.94 17.56 -30.99
CA CYS A 84 -89.21 18.79 -31.29
C CYS A 84 -88.86 18.88 -32.76
N LEU A 85 -87.91 18.06 -33.20
CA LEU A 85 -87.45 18.18 -34.57
C LEU A 85 -88.62 18.08 -35.53
N ARG A 86 -89.65 17.35 -35.13
CA ARG A 86 -90.87 17.39 -35.91
C ARG A 86 -91.52 18.76 -35.83
N ILE A 87 -91.62 19.32 -34.63
CA ILE A 87 -92.09 20.69 -34.54
C ILE A 87 -91.10 21.61 -35.23
N ALA A 88 -89.83 21.21 -35.27
CA ALA A 88 -88.82 22.01 -35.96
C ALA A 88 -89.08 22.12 -37.45
N LYS A 89 -90.01 21.34 -37.99
CA LYS A 89 -90.37 21.37 -39.40
C LYS A 89 -90.32 22.75 -40.03
N LYS A 102 -86.29 32.01 -37.12
CA LYS A 102 -86.24 32.92 -36.00
C LYS A 102 -86.63 32.22 -34.71
N LYS A 103 -86.51 32.94 -33.60
CA LYS A 103 -86.95 32.45 -32.29
C LYS A 103 -86.32 31.11 -31.94
N MET A 104 -84.99 31.06 -32.03
CA MET A 104 -84.25 29.84 -31.71
C MET A 104 -84.48 29.37 -30.28
N GLN A 105 -85.00 30.24 -29.42
CA GLN A 105 -85.31 29.83 -28.07
C GLN A 105 -86.14 28.57 -28.01
N GLU A 106 -87.04 28.38 -28.97
CA GLU A 106 -87.80 27.14 -29.02
C GLU A 106 -86.86 25.96 -28.92
N ILE A 107 -85.81 25.96 -29.74
CA ILE A 107 -84.75 24.98 -29.55
C ILE A 107 -84.17 25.12 -28.15
N SER A 108 -83.70 26.32 -27.81
CA SER A 108 -83.17 26.53 -26.46
C SER A 108 -84.15 26.03 -25.42
N SER A 109 -85.42 26.35 -25.59
CA SER A 109 -86.42 25.70 -24.76
C SER A 109 -86.36 24.20 -24.93
N LEU A 110 -86.47 23.71 -26.16
CA LEU A 110 -86.28 22.29 -26.37
C LEU A 110 -84.96 21.85 -25.79
N VAL A 111 -83.92 22.65 -25.99
CA VAL A 111 -82.66 22.38 -25.32
C VAL A 111 -82.88 22.30 -23.85
N LYS A 112 -83.49 23.34 -23.29
CA LYS A 112 -83.89 23.25 -21.91
C LYS A 112 -84.66 21.97 -21.65
N TYR A 113 -85.65 21.68 -22.50
CA TYR A 113 -86.37 20.42 -22.35
C TYR A 113 -85.41 19.26 -22.36
N PHE A 114 -84.57 19.17 -23.36
CA PHE A 114 -83.50 18.20 -23.31
C PHE A 114 -82.68 18.41 -22.05
N ILE A 115 -82.18 19.63 -21.84
CA ILE A 115 -81.49 19.89 -20.60
C ILE A 115 -82.35 19.46 -19.44
N LYS A 116 -83.66 19.64 -19.55
CA LYS A 116 -84.54 19.09 -18.53
C LYS A 116 -84.51 17.59 -18.55
N CYS A 117 -84.70 17.00 -19.72
CA CYS A 117 -84.43 15.58 -19.83
C CYS A 117 -83.06 15.30 -19.25
N ALA A 118 -82.06 16.07 -19.67
CA ALA A 118 -80.78 16.03 -19.00
C ALA A 118 -80.92 16.34 -17.53
N ASN A 119 -81.78 17.28 -17.19
CA ASN A 119 -81.92 17.63 -15.79
C ASN A 119 -82.46 16.48 -14.99
N ARG A 120 -82.88 15.39 -15.62
CA ARG A 120 -83.02 14.16 -14.84
C ARG A 120 -81.77 13.97 -14.01
N ARG A 121 -80.60 14.06 -14.64
CA ARG A 121 -79.37 14.55 -14.03
C ARG A 121 -78.82 13.62 -12.97
N ALA A 122 -79.64 12.70 -12.53
CA ALA A 122 -79.17 11.38 -12.16
C ALA A 122 -78.68 10.80 -13.48
N PRO A 123 -79.39 11.12 -14.57
CA PRO A 123 -79.44 10.24 -15.74
C PRO A 123 -78.11 10.07 -16.45
N ARG A 124 -78.08 9.02 -17.28
CA ARG A 124 -76.89 8.68 -18.08
C ARG A 124 -77.25 8.63 -19.56
N LEU A 125 -78.04 7.62 -19.96
CA LEU A 125 -78.64 7.56 -21.29
C LEU A 125 -77.62 7.78 -22.41
N LYS A 126 -76.54 7.00 -22.37
CA LYS A 126 -75.46 7.19 -23.34
C LYS A 126 -75.96 7.16 -24.76
N CYS A 127 -76.94 6.32 -25.07
CA CYS A 127 -77.33 6.13 -26.46
C CYS A 127 -77.74 7.44 -27.09
N GLN A 128 -78.74 8.10 -26.52
CA GLN A 128 -79.03 9.46 -26.94
C GLN A 128 -77.83 10.34 -26.69
N GLU A 129 -77.25 10.20 -25.52
CA GLU A 129 -76.02 10.90 -25.24
C GLU A 129 -74.99 10.58 -26.30
N LEU A 130 -75.18 9.49 -27.04
CA LEU A 130 -74.56 9.40 -28.35
C LEU A 130 -75.52 9.97 -29.38
N LEU A 131 -76.62 9.27 -29.59
CA LEU A 131 -77.49 9.61 -30.68
C LEU A 131 -78.01 11.03 -30.53
N ASN A 132 -78.69 11.30 -29.42
CA ASN A 132 -79.11 12.68 -29.24
C ASN A 132 -77.91 13.57 -29.28
N TYR A 133 -76.79 13.13 -28.71
CA TYR A 133 -75.60 13.92 -28.93
C TYR A 133 -75.26 13.97 -30.39
N ILE A 134 -75.25 12.82 -31.06
CA ILE A 134 -75.18 12.90 -32.50
C ILE A 134 -76.25 13.83 -32.99
N MET A 135 -77.48 13.54 -32.61
CA MET A 135 -78.56 14.47 -32.91
C MET A 135 -78.24 15.83 -32.34
N ASP A 136 -77.38 15.88 -31.35
CA ASP A 136 -76.97 17.20 -30.94
C ASP A 136 -75.90 17.74 -31.84
N THR A 137 -75.45 16.98 -32.82
CA THR A 137 -74.55 17.63 -33.75
C THR A 137 -75.38 18.60 -34.58
N VAL A 138 -74.74 19.29 -35.51
CA VAL A 138 -75.36 20.45 -36.14
C VAL A 138 -76.67 20.10 -36.80
N LYS A 139 -73.53 18.05 -37.71
CA LYS A 139 -74.87 17.73 -38.20
C LYS A 139 -75.53 16.76 -37.27
N ASP A 140 -76.66 17.16 -36.71
CA ASP A 140 -77.44 16.38 -35.76
C ASP A 140 -77.56 14.90 -36.08
N SER A 152 -78.51 25.07 -39.34
CA SER A 152 -79.77 24.88 -38.64
C SER A 152 -79.53 24.33 -37.23
N ASN A 153 -79.08 25.17 -36.30
CA ASN A 153 -79.01 24.82 -34.88
C ASN A 153 -78.99 26.09 -34.03
N ILE A 154 -79.26 25.92 -32.73
CA ILE A 154 -78.96 26.98 -31.78
C ILE A 154 -77.59 26.75 -31.16
N LEU A 155 -76.91 25.67 -31.55
CA LEU A 155 -75.62 25.27 -30.97
C LEU A 155 -75.74 25.01 -29.47
N LEU A 156 -76.94 24.70 -29.02
CA LEU A 156 -77.21 24.70 -27.59
C LEU A 156 -76.52 23.55 -26.89
N LYS A 157 -76.01 22.59 -27.62
CA LYS A 157 -75.30 21.54 -26.93
C LYS A 157 -73.89 21.96 -26.60
N ASP A 158 -73.51 23.18 -27.02
CA ASP A 158 -72.11 23.53 -27.08
C ASP A 158 -71.42 23.25 -25.76
N ILE A 159 -71.91 23.84 -24.68
CA ILE A 159 -71.49 23.35 -23.37
C ILE A 159 -72.36 22.19 -22.93
N LEU A 160 -73.53 22.00 -23.55
CA LEU A 160 -74.44 20.99 -23.05
C LEU A 160 -73.91 19.61 -23.31
N SER A 161 -73.53 19.32 -24.54
CA SER A 161 -72.76 18.13 -24.78
C SER A 161 -71.54 18.10 -23.88
N VAL A 162 -70.79 19.19 -23.83
CA VAL A 162 -69.71 19.29 -22.86
C VAL A 162 -70.25 18.97 -21.49
N ARG A 163 -71.34 19.61 -21.11
CA ARG A 163 -72.03 19.18 -19.90
C ARG A 163 -72.44 17.73 -20.00
N LYS A 164 -72.78 17.26 -21.18
CA LYS A 164 -73.27 15.90 -21.28
C LYS A 164 -72.12 14.92 -21.30
N TYR A 165 -70.92 15.44 -21.26
CA TYR A 165 -69.72 14.64 -21.49
C TYR A 165 -69.16 14.04 -20.21
N TRP A 166 -69.78 14.18 -19.05
CA TRP A 166 -68.96 13.81 -17.91
C TRP A 166 -68.92 12.32 -17.65
N CYS A 167 -70.00 11.75 -17.12
CA CYS A 167 -69.99 10.31 -16.87
C CYS A 167 -70.40 9.51 -18.07
N GLU A 168 -70.97 10.17 -19.07
CA GLU A 168 -70.99 9.53 -20.37
C GLU A 168 -69.57 9.24 -20.82
N ILE A 169 -68.73 10.28 -20.91
CA ILE A 169 -67.36 10.07 -21.35
C ILE A 169 -66.62 9.25 -20.33
N SER A 170 -67.15 9.12 -19.13
CA SER A 170 -66.75 7.97 -18.38
C SER A 170 -66.91 6.71 -19.21
N GLN A 171 -68.10 6.48 -19.77
CA GLN A 171 -68.44 5.15 -20.26
C GLN A 171 -67.72 4.79 -21.56
N GLN A 172 -67.80 5.63 -22.59
CA GLN A 172 -67.43 5.19 -23.92
C GLN A 172 -67.07 6.41 -24.77
N GLN A 173 -66.89 6.18 -26.06
CA GLN A 173 -66.65 7.26 -27.02
C GLN A 173 -67.67 7.16 -28.14
N TRP A 174 -66.76 4.22 -27.92
CA TRP A 174 -66.94 3.96 -29.33
C TRP A 174 -66.04 4.82 -30.18
N LEU A 175 -66.54 5.15 -31.36
CA LEU A 175 -65.77 6.03 -32.23
C LEU A 175 -65.56 7.37 -31.59
N GLU A 176 -66.65 8.04 -31.23
CA GLU A 176 -66.59 9.46 -30.97
C GLU A 176 -66.07 10.15 -32.20
N LEU A 177 -66.22 9.47 -33.33
CA LEU A 177 -65.69 10.01 -34.56
C LEU A 177 -66.22 11.38 -34.81
N PHE A 178 -67.37 11.68 -34.24
CA PHE A 178 -67.93 13.01 -34.38
C PHE A 178 -67.00 14.05 -33.83
N SER A 179 -65.99 13.60 -33.08
CA SER A 179 -64.87 14.46 -32.83
C SER A 179 -64.45 15.06 -34.14
N VAL A 180 -64.30 14.21 -35.14
CA VAL A 180 -64.03 14.74 -36.46
C VAL A 180 -65.18 15.60 -36.92
N TYR A 181 -66.41 15.12 -36.78
CA TYR A 181 -67.52 15.97 -37.13
C TYR A 181 -67.43 17.27 -36.37
N PHE A 182 -67.30 17.16 -35.06
CA PHE A 182 -66.92 18.33 -34.30
C PHE A 182 -65.71 18.99 -34.93
N ARG A 183 -64.68 18.22 -35.22
CA ARG A 183 -63.53 18.84 -35.88
C ARG A 183 -63.97 19.49 -37.16
N LEU A 184 -64.68 18.74 -37.99
CA LEU A 184 -65.35 19.35 -39.12
C LEU A 184 -66.12 20.57 -38.67
N TYR A 185 -66.83 20.45 -37.56
CA TYR A 185 -67.61 21.59 -37.10
C TYR A 185 -66.72 22.79 -36.84
N LEU A 186 -65.71 22.66 -36.00
CA LEU A 186 -64.85 23.81 -35.77
C LEU A 186 -64.12 24.19 -37.05
N LYS A 187 -63.84 23.22 -37.88
CA LYS A 187 -63.20 23.48 -39.15
C LYS A 187 -64.05 24.49 -39.88
N PRO A 188 -65.35 24.41 -39.75
CA PRO A 188 -66.22 25.36 -40.45
C PRO A 188 -66.10 26.77 -39.90
N SER A 189 -66.92 27.67 -40.43
CA SER A 189 -66.75 29.11 -40.28
C SER A 189 -67.24 29.70 -38.95
N GLN A 190 -68.40 29.28 -38.43
CA GLN A 190 -69.07 30.05 -37.39
C GLN A 190 -68.30 30.01 -36.07
N ASP A 191 -68.55 31.00 -35.21
CA ASP A 191 -67.74 31.19 -34.01
C ASP A 191 -68.48 30.70 -32.77
N VAL A 192 -67.98 29.58 -32.24
CA VAL A 192 -67.97 29.32 -30.80
C VAL A 192 -66.54 28.90 -30.51
N HIS A 193 -65.84 29.70 -29.74
CA HIS A 193 -64.55 29.21 -29.29
C HIS A 193 -64.75 28.02 -28.37
N ARG A 194 -65.98 27.71 -28.02
CA ARG A 194 -66.26 26.58 -27.16
C ARG A 194 -65.58 25.33 -27.67
N VAL A 195 -65.82 24.97 -28.92
CA VAL A 195 -65.21 23.78 -29.46
C VAL A 195 -63.70 23.84 -29.33
N LEU A 196 -63.14 25.04 -29.31
CA LEU A 196 -61.69 25.20 -29.47
C LEU A 196 -60.92 24.39 -28.45
N VAL A 197 -61.20 24.58 -27.17
CA VAL A 197 -60.68 23.61 -26.23
C VAL A 197 -61.56 22.36 -26.24
N ALA A 198 -62.86 22.50 -26.51
CA ALA A 198 -63.72 21.32 -26.57
C ALA A 198 -63.22 20.35 -27.60
N ARG A 199 -62.40 20.83 -28.51
CA ARG A 199 -61.56 19.92 -29.25
C ARG A 199 -60.81 19.02 -28.29
N ILE A 200 -60.08 19.62 -27.35
CA ILE A 200 -59.30 18.80 -26.43
C ILE A 200 -60.19 17.76 -25.79
N ILE A 201 -61.47 18.08 -25.65
CA ILE A 201 -62.39 17.08 -25.16
C ILE A 201 -62.46 15.93 -26.12
N HIS A 202 -62.81 16.22 -27.35
CA HIS A 202 -62.68 15.18 -28.35
C HIS A 202 -61.30 14.60 -28.28
N ALA A 203 -60.29 15.45 -28.21
CA ALA A 203 -58.95 14.93 -28.01
C ALA A 203 -58.93 14.03 -26.81
N VAL A 204 -59.38 14.53 -25.66
CA VAL A 204 -59.56 13.63 -24.53
C VAL A 204 -60.36 12.44 -24.96
N THR A 205 -61.50 12.66 -25.62
CA THR A 205 -62.31 11.53 -26.04
C THR A 205 -61.45 10.50 -26.73
N LYS A 206 -60.57 10.95 -27.63
CA LYS A 206 -59.48 10.07 -28.01
C LYS A 206 -58.50 9.94 -26.86
N GLY A 207 -58.02 11.05 -26.37
CA GLY A 207 -56.90 11.02 -25.48
C GLY A 207 -57.19 10.39 -24.17
N CYS A 208 -58.43 10.00 -23.90
CA CYS A 208 -58.66 9.50 -22.56
C CYS A 208 -58.75 7.99 -22.51
N CYS A 209 -59.88 7.43 -22.90
CA CYS A 209 -59.96 5.99 -22.94
C CYS A 209 -59.75 5.41 -24.32
N SER A 210 -59.60 6.23 -25.35
CA SER A 210 -59.92 5.72 -26.69
C SER A 210 -59.07 4.54 -27.07
N GLN A 211 -57.85 4.47 -26.57
CA GLN A 211 -56.85 3.56 -27.10
C GLN A 211 -56.84 3.70 -28.61
N THR A 212 -57.04 4.92 -29.08
CA THR A 212 -57.33 5.17 -30.47
C THR A 212 -56.86 6.54 -30.90
N ASP A 213 -56.49 6.64 -32.18
CA ASP A 213 -56.17 7.89 -32.84
C ASP A 213 -56.17 7.62 -34.33
N GLY A 214 -55.93 8.64 -35.14
CA GLY A 214 -55.94 8.49 -36.58
C GLY A 214 -56.13 9.80 -37.30
N LEU A 215 -56.23 9.68 -38.62
CA LEU A 215 -56.25 10.79 -39.55
C LEU A 215 -55.02 11.63 -39.40
N ASN A 216 -53.97 11.05 -38.83
CA ASN A 216 -52.72 11.73 -38.58
C ASN A 216 -53.01 12.98 -37.80
N SER A 217 -54.14 12.96 -37.11
CA SER A 217 -54.73 14.18 -36.59
C SER A 217 -54.71 15.26 -37.66
N LYS A 218 -54.85 14.88 -38.91
CA LYS A 218 -54.40 15.83 -39.90
C LYS A 218 -55.41 16.92 -40.12
N PHE A 219 -56.70 16.60 -39.99
CA PHE A 219 -57.73 17.56 -40.32
C PHE A 219 -57.53 18.83 -39.52
N LEU A 220 -57.51 18.70 -38.19
CA LEU A 220 -57.10 19.83 -37.38
C LEU A 220 -55.76 20.33 -37.84
N ASP A 221 -54.78 19.44 -37.91
CA ASP A 221 -53.47 19.82 -38.36
C ASP A 221 -53.56 20.61 -39.64
N PHE A 222 -54.30 20.08 -40.61
CA PHE A 222 -54.60 20.86 -41.77
C PHE A 222 -55.20 22.19 -41.38
N PHE A 223 -56.27 22.15 -40.61
CA PHE A 223 -56.87 23.41 -40.19
C PHE A 223 -55.86 24.27 -39.46
N SER A 224 -54.90 23.63 -38.81
CA SER A 224 -54.06 24.37 -37.88
C SER A 224 -53.29 25.46 -38.60
N LYS A 225 -52.48 25.08 -39.57
CA LYS A 225 -51.74 26.10 -40.28
C LYS A 225 -52.69 26.98 -41.07
N ALA A 226 -53.79 26.39 -41.53
CA ALA A 226 -54.84 27.20 -42.09
C ALA A 226 -55.27 28.24 -41.08
N ILE A 227 -55.68 27.77 -39.91
CA ILE A 227 -55.90 28.70 -38.83
C ILE A 227 -54.67 29.54 -38.65
N GLN A 228 -53.52 29.00 -38.98
CA GLN A 228 -52.33 29.74 -38.63
C GLN A 228 -52.07 30.71 -39.57
N CYS A 229 -52.95 30.82 -40.55
CA CYS A 229 -52.79 31.93 -41.44
C CYS A 229 -53.23 33.20 -40.72
N ALA A 230 -54.53 33.35 -40.48
CA ALA A 230 -54.96 34.36 -39.52
C ALA A 230 -56.25 33.90 -38.89
N ARG A 231 -56.43 34.15 -37.59
CA ARG A 231 -57.59 33.63 -36.88
C ARG A 231 -57.65 34.26 -35.48
N GLN A 232 -58.63 33.82 -34.69
CA GLN A 232 -58.72 34.06 -33.26
C GLN A 232 -59.26 32.78 -32.59
N GLU A 233 -59.54 32.88 -31.28
CA GLU A 233 -60.03 31.76 -30.48
C GLU A 233 -58.97 30.65 -30.36
N LYS A 234 -57.71 31.04 -30.47
CA LYS A 234 -56.63 30.09 -30.70
C LYS A 234 -56.20 29.33 -29.47
N SER A 235 -56.18 29.95 -28.29
CA SER A 235 -55.61 29.24 -27.15
C SER A 235 -56.44 28.03 -26.80
N SER A 236 -57.73 28.22 -26.55
CA SER A 236 -58.60 27.06 -26.47
C SER A 236 -58.38 26.19 -27.69
N SER A 237 -58.30 26.82 -28.85
CA SER A 237 -57.97 26.06 -30.05
C SER A 237 -56.57 25.50 -29.97
N GLY A 238 -55.71 26.13 -29.19
CA GLY A 238 -54.40 25.56 -28.98
C GLY A 238 -54.47 24.16 -28.47
N LEU A 239 -55.62 23.77 -27.93
CA LEU A 239 -55.79 22.44 -27.37
C LEU A 239 -55.40 21.37 -28.37
N ASN A 240 -55.43 21.70 -29.66
CA ASN A 240 -54.83 20.82 -30.65
C ASN A 240 -53.42 20.40 -30.25
N HIS A 241 -52.62 21.35 -29.77
CA HIS A 241 -51.28 20.99 -29.31
C HIS A 241 -51.36 19.84 -28.34
N ILE A 242 -52.26 19.95 -27.37
CA ILE A 242 -52.53 18.81 -26.51
C ILE A 242 -52.91 17.61 -27.34
N LEU A 243 -53.94 17.76 -28.17
CA LEU A 243 -54.28 16.70 -29.09
C LEU A 243 -53.04 16.24 -29.82
N ALA A 244 -52.28 17.19 -30.35
CA ALA A 244 -51.00 16.84 -30.91
C ALA A 244 -50.16 16.12 -29.89
N ALA A 245 -49.95 16.76 -28.73
CA ALA A 245 -49.31 16.06 -27.65
C ALA A 245 -49.97 14.72 -27.42
N LEU A 246 -51.29 14.72 -27.30
CA LEU A 246 -52.01 13.46 -27.20
C LEU A 246 -51.67 12.57 -28.37
N THR A 247 -51.75 13.14 -29.58
CA THR A 247 -51.49 12.34 -30.76
C THR A 247 -50.11 11.72 -30.71
N ILE A 248 -49.21 12.28 -29.92
CA ILE A 248 -47.80 12.02 -30.11
C ILE A 248 -47.47 10.55 -30.00
N PHE A 249 -48.40 9.75 -29.52
CA PHE A 249 -48.10 8.37 -29.18
C PHE A 249 -47.46 7.64 -30.35
N LEU A 250 -46.35 6.96 -30.06
CA LEU A 250 -45.88 5.83 -30.84
C LEU A 250 -45.93 6.13 -32.32
N LYS A 251 -45.54 7.33 -32.71
CA LYS A 251 -45.59 7.70 -34.11
C LYS A 251 -44.35 8.50 -34.46
N THR A 252 -44.13 8.67 -35.75
CA THR A 252 -42.91 9.34 -36.17
C THR A 252 -43.00 10.81 -35.81
N LEU A 253 -42.02 11.27 -35.05
CA LEU A 253 -41.88 12.71 -34.91
C LEU A 253 -41.75 13.34 -36.27
N ALA A 254 -41.14 12.62 -37.19
CA ALA A 254 -41.22 13.02 -38.57
C ALA A 254 -42.67 13.14 -38.97
N VAL A 255 -43.43 12.07 -38.80
CA VAL A 255 -44.86 12.17 -39.04
C VAL A 255 -45.38 13.36 -38.26
N ASN A 256 -44.80 13.59 -37.09
CA ASN A 256 -45.22 14.75 -36.34
C ASN A 256 -44.69 16.05 -36.91
N PHE A 257 -43.79 15.99 -37.85
CA PHE A 257 -42.97 17.18 -37.88
C PHE A 257 -43.58 18.33 -38.61
N ARG A 258 -44.77 18.17 -39.18
CA ARG A 258 -45.22 19.03 -40.26
C ARG A 258 -45.24 20.51 -39.87
N ILE A 259 -46.14 20.91 -39.01
CA ILE A 259 -46.77 22.23 -39.07
C ILE A 259 -46.00 23.26 -38.28
N ARG A 260 -44.84 22.88 -37.77
CA ARG A 260 -44.43 23.51 -36.55
C ARG A 260 -44.00 24.93 -36.80
N VAL A 261 -42.87 25.10 -37.48
CA VAL A 261 -42.52 26.44 -37.87
C VAL A 261 -43.65 27.06 -38.65
N CYS A 262 -44.40 26.23 -39.35
CA CYS A 262 -45.51 26.73 -40.15
C CYS A 262 -46.40 27.61 -39.31
N GLU A 263 -46.87 27.09 -38.20
CA GLU A 263 -47.45 28.00 -37.23
C GLU A 263 -46.44 29.07 -36.87
N LEU A 264 -45.20 28.67 -36.62
CA LEU A 264 -44.37 29.41 -35.68
C LEU A 264 -44.24 30.86 -36.08
N GLY A 265 -43.73 31.13 -37.27
CA GLY A 265 -43.57 32.51 -37.66
C GLY A 265 -44.91 33.20 -37.74
N ASP A 266 -45.84 32.60 -38.48
CA ASP A 266 -47.20 33.08 -38.46
C ASP A 266 -47.67 33.22 -37.03
N GLU A 267 -47.47 32.17 -36.24
CA GLU A 267 -47.63 32.34 -34.82
C GLU A 267 -46.80 33.50 -34.31
N ILE A 268 -45.51 33.52 -34.65
CA ILE A 268 -44.62 34.48 -34.02
C ILE A 268 -45.19 35.88 -34.11
N LEU A 269 -45.88 36.18 -35.19
CA LEU A 269 -46.33 37.54 -35.42
C LEU A 269 -47.17 38.04 -34.24
N PRO A 270 -48.28 37.39 -33.95
CA PRO A 270 -48.99 37.69 -32.71
C PRO A 270 -48.33 37.06 -31.50
N THR A 271 -48.42 37.77 -30.38
CA THR A 271 -48.18 37.21 -29.04
C THR A 271 -49.48 36.86 -28.29
N LEU A 272 -50.62 37.14 -28.92
CA LEU A 272 -51.78 37.69 -28.20
C LEU A 272 -52.10 36.89 -26.95
N LEU A 273 -52.30 35.59 -27.09
CA LEU A 273 -52.40 34.78 -25.89
C LEU A 273 -51.04 34.13 -25.75
N TYR A 274 -50.31 34.59 -24.76
CA TYR A 274 -49.13 33.83 -24.40
C TYR A 274 -49.52 32.41 -24.07
N ILE A 275 -50.74 32.20 -23.59
CA ILE A 275 -51.18 30.86 -23.24
C ILE A 275 -51.10 29.95 -24.44
N TRP A 276 -51.83 30.31 -25.49
CA TRP A 276 -51.62 29.61 -26.73
C TRP A 276 -50.14 29.58 -27.04
N THR A 277 -49.49 30.74 -26.99
CA THR A 277 -48.06 30.78 -27.24
C THR A 277 -47.33 29.80 -26.36
N GLN A 278 -47.56 29.89 -25.05
CA GLN A 278 -47.09 28.84 -24.18
C GLN A 278 -47.58 27.50 -24.68
N HIS A 279 -48.90 27.36 -24.84
CA HIS A 279 -49.41 26.13 -25.38
C HIS A 279 -48.66 25.75 -26.63
N ARG A 280 -48.47 26.74 -27.50
CA ARG A 280 -47.56 26.55 -28.62
C ARG A 280 -46.17 26.21 -28.14
N LEU A 281 -45.67 26.95 -27.16
CA LEU A 281 -44.29 26.78 -26.77
C LEU A 281 -44.01 25.35 -26.41
N ASN A 282 -45.05 24.60 -26.09
CA ASN A 282 -44.87 23.27 -25.56
C ASN A 282 -44.15 22.36 -26.54
N ASP A 283 -44.71 22.20 -27.72
CA ASP A 283 -44.78 20.84 -28.23
C ASP A 283 -43.42 20.35 -28.67
N SER A 284 -42.90 20.91 -29.75
CA SER A 284 -41.62 20.44 -30.22
C SER A 284 -40.54 20.65 -29.20
N LEU A 285 -40.72 21.67 -28.35
CA LEU A 285 -39.82 21.88 -27.24
C LEU A 285 -39.76 20.64 -26.39
N LYS A 286 -40.75 19.78 -26.52
CA LYS A 286 -40.55 18.38 -26.22
C LYS A 286 -40.34 17.62 -27.52
N GLU A 287 -41.34 17.62 -28.36
CA GLU A 287 -41.39 16.63 -29.43
C GLU A 287 -40.20 16.75 -30.35
N VAL A 288 -40.02 17.90 -30.97
CA VAL A 288 -38.85 18.00 -31.80
C VAL A 288 -37.63 18.10 -30.92
N ILE A 289 -37.80 18.53 -29.69
CA ILE A 289 -36.75 18.28 -28.75
C ILE A 289 -36.59 16.77 -28.61
N ILE A 290 -37.69 16.05 -28.53
CA ILE A 290 -37.54 14.61 -28.61
C ILE A 290 -36.90 14.27 -29.94
N GLU A 291 -37.25 14.98 -31.00
CA GLU A 291 -36.42 14.86 -32.17
C GLU A 291 -35.03 15.42 -31.93
N LEU A 292 -34.92 16.53 -31.21
CA LEU A 292 -33.62 17.17 -31.00
C LEU A 292 -32.81 16.59 -29.86
N PHE A 293 -33.43 15.83 -28.96
CA PHE A 293 -32.60 15.09 -28.01
C PHE A 293 -31.94 13.92 -28.70
N GLN A 294 -32.30 13.66 -29.95
CA GLN A 294 -32.10 12.37 -30.60
C GLN A 294 -30.94 12.31 -31.58
N LEU A 295 -31.10 12.93 -32.74
CA LEU A 295 -30.11 12.82 -33.79
C LEU A 295 -28.72 13.23 -33.32
N GLN A 296 -28.62 14.04 -32.27
CA GLN A 296 -27.33 14.29 -31.68
C GLN A 296 -26.63 12.98 -31.41
N ILE A 297 -27.30 12.09 -30.68
CA ILE A 297 -26.81 10.73 -30.61
C ILE A 297 -27.06 10.04 -31.93
N TYR A 298 -28.25 10.19 -32.48
CA TYR A 298 -28.63 9.44 -33.64
C TYR A 298 -27.98 10.03 -34.87
N SER A 315 -34.49 19.50 -41.55
CA SER A 315 -35.17 20.74 -41.25
C SER A 315 -35.07 21.05 -39.79
N THR A 316 -34.38 20.17 -39.07
CA THR A 316 -34.03 20.53 -37.71
C THR A 316 -33.23 21.81 -37.71
N LYS A 317 -32.38 21.98 -38.70
CA LYS A 317 -31.82 23.30 -38.92
C LYS A 317 -32.94 24.29 -39.15
N TRP A 318 -33.82 24.00 -40.09
CA TRP A 318 -35.01 24.82 -40.20
C TRP A 318 -35.68 24.94 -38.85
N ARG A 319 -35.73 23.85 -38.10
CA ARG A 319 -36.18 23.97 -36.72
C ARG A 319 -35.26 24.90 -35.96
N SER A 320 -33.96 24.67 -36.06
CA SER A 320 -33.04 25.67 -35.52
C SER A 320 -33.36 27.03 -36.09
N ILE A 321 -33.66 27.09 -37.38
CA ILE A 321 -34.16 28.32 -37.92
C ILE A 321 -35.48 28.66 -37.25
N LEU A 322 -36.40 27.72 -37.22
CA LEU A 322 -37.55 27.96 -36.39
C LEU A 322 -37.10 28.35 -34.99
N TYR A 323 -36.06 27.69 -34.50
CA TYR A 323 -35.49 28.12 -33.23
C TYR A 323 -34.88 29.48 -33.34
N ASN A 324 -34.35 29.84 -34.50
CA ASN A 324 -33.91 31.22 -34.64
C ASN A 324 -35.04 32.14 -34.23
N LEU A 325 -36.26 31.86 -34.71
CA LEU A 325 -37.40 32.67 -34.33
C LEU A 325 -37.48 32.82 -32.84
N TYR A 326 -37.12 31.78 -32.12
CA TYR A 326 -37.05 31.91 -30.68
C TYR A 326 -35.95 32.86 -30.27
N ASP A 327 -34.78 32.73 -30.90
CA ASP A 327 -33.60 33.37 -30.35
C ASP A 327 -33.88 34.82 -30.03
N LEU A 328 -34.44 35.55 -30.97
CA LEU A 328 -34.89 36.89 -30.65
C LEU A 328 -36.22 36.89 -29.93
N LEU A 329 -37.04 35.86 -30.13
CA LEU A 329 -38.27 35.87 -29.36
C LEU A 329 -37.98 35.99 -27.89
N VAL A 330 -36.80 35.55 -27.47
CA VAL A 330 -36.28 35.94 -26.17
C VAL A 330 -36.33 37.44 -26.04
N ASN A 331 -35.72 38.13 -26.99
CA ASN A 331 -35.73 39.59 -26.93
C ASN A 331 -37.13 40.13 -26.89
N GLU A 332 -38.07 39.44 -27.52
CA GLU A 332 -39.42 39.93 -27.55
C GLU A 332 -39.95 40.16 -26.16
N ILE A 333 -39.34 39.55 -25.15
CA ILE A 333 -39.87 39.63 -23.81
C ILE A 333 -39.99 41.10 -23.41
N SER A 334 -41.19 41.48 -23.01
CA SER A 334 -41.42 42.74 -22.31
C SER A 334 -41.12 42.64 -20.83
N HIS A 335 -41.51 41.53 -20.20
CA HIS A 335 -41.55 41.44 -18.75
C HIS A 335 -40.43 40.60 -18.17
N ASN A 348 -41.83 42.14 -14.44
CA ASN A 348 -40.66 41.84 -13.64
C ASN A 348 -39.69 40.99 -14.42
N ILE A 349 -39.39 39.82 -13.87
CA ILE A 349 -38.70 38.76 -14.59
C ILE A 349 -39.82 37.98 -15.23
N ALA A 350 -41.03 38.51 -15.10
CA ALA A 350 -42.25 37.76 -15.40
C ALA A 350 -42.19 37.10 -16.76
N VAL A 351 -41.88 37.85 -17.82
CA VAL A 351 -41.73 37.20 -19.11
C VAL A 351 -40.71 36.09 -19.01
N LYS A 352 -39.51 36.40 -18.52
CA LYS A 352 -38.53 35.36 -18.21
C LYS A 352 -39.14 34.29 -17.33
N GLU A 353 -39.87 34.68 -16.29
CA GLU A 353 -40.60 33.70 -15.52
C GLU A 353 -41.53 32.91 -16.40
N ASN A 354 -42.42 33.61 -17.12
CA ASN A 354 -43.20 32.92 -18.13
C ASN A 354 -42.30 32.18 -19.08
N LEU A 355 -41.09 32.67 -19.28
CA LEU A 355 -40.19 32.01 -20.19
C LEU A 355 -39.47 30.89 -19.53
N ILE A 356 -39.74 30.61 -18.26
CA ILE A 356 -39.16 29.42 -17.67
C ILE A 356 -39.37 28.26 -18.61
N GLU A 357 -40.60 28.13 -19.08
CA GLU A 357 -40.84 27.29 -20.23
C GLU A 357 -39.91 27.68 -21.37
N LEU A 358 -39.95 28.93 -21.77
CA LEU A 358 -39.08 29.28 -22.87
C LEU A 358 -37.63 29.11 -22.49
N MET A 359 -37.30 29.29 -21.23
CA MET A 359 -36.00 28.89 -20.76
C MET A 359 -35.82 27.41 -20.99
N ALA A 360 -36.74 26.62 -20.47
CA ALA A 360 -36.76 25.24 -20.87
C ALA A 360 -36.73 25.15 -22.39
N ASP A 361 -37.49 25.99 -23.08
CA ASP A 361 -37.35 25.99 -24.53
C ASP A 361 -35.99 26.51 -24.93
N ILE A 362 -35.45 27.46 -24.18
CA ILE A 362 -34.09 27.88 -24.47
C ILE A 362 -33.15 26.71 -24.36
N CYS A 363 -33.43 25.76 -23.49
CA CYS A 363 -32.62 24.56 -23.45
C CYS A 363 -32.54 23.91 -24.81
N HIS A 364 -33.59 24.02 -25.61
CA HIS A 364 -33.44 23.64 -27.00
C HIS A 364 -32.29 24.40 -27.63
N GLN A 365 -32.29 25.72 -27.47
CA GLN A 365 -31.18 26.50 -27.96
C GLN A 365 -29.86 25.96 -27.41
N VAL A 366 -29.88 25.40 -26.22
CA VAL A 366 -28.65 24.80 -25.72
C VAL A 366 -28.30 23.70 -26.70
N PHE A 367 -27.09 23.76 -27.21
CA PHE A 367 -26.58 22.74 -28.12
C PHE A 367 -27.52 22.54 -29.29
N ASN A 368 -28.24 23.58 -29.65
CA ASN A 368 -29.30 23.45 -30.63
C ASN A 368 -30.12 22.21 -30.33
N PRO A 421 -24.46 26.11 -29.62
CA PRO A 421 -23.02 26.36 -29.62
C PRO A 421 -22.70 27.83 -29.43
N TRP A 422 -23.72 28.58 -29.04
CA TRP A 422 -23.69 30.04 -29.00
C TRP A 422 -23.27 30.59 -27.64
N LEU A 423 -22.88 29.71 -26.70
CA LEU A 423 -22.88 30.05 -25.28
C LEU A 423 -22.23 31.39 -25.01
N GLN A 424 -21.15 31.71 -25.70
CA GLN A 424 -20.60 33.04 -25.54
C GLN A 424 -21.47 34.11 -26.19
N ILE A 425 -22.05 33.82 -27.36
CA ILE A 425 -22.99 34.76 -27.93
C ILE A 425 -24.07 35.08 -26.92
N ALA A 426 -24.41 34.10 -26.10
CA ALA A 426 -25.19 34.43 -24.93
C ALA A 426 -24.42 35.38 -24.04
N THR A 427 -23.22 34.99 -23.60
CA THR A 427 -22.41 35.91 -22.83
C THR A 427 -22.25 37.23 -23.56
N GLN A 428 -22.31 37.18 -24.89
CA GLN A 428 -22.43 38.38 -25.69
C GLN A 428 -23.84 38.94 -25.65
N LEU A 429 -24.86 38.11 -25.83
CA LEU A 429 -26.19 38.61 -25.52
C LEU A 429 -26.24 39.07 -24.08
N ILE A 430 -25.27 38.61 -23.28
CA ILE A 430 -25.09 39.05 -21.91
C ILE A 430 -24.07 40.18 -21.85
N SER A 431 -23.59 40.63 -23.00
CA SER A 431 -22.65 41.74 -22.96
C SER A 431 -23.22 42.92 -22.20
N LYS A 432 -24.54 43.04 -22.15
CA LYS A 432 -25.20 43.99 -21.28
C LYS A 432 -26.67 43.65 -21.18
N LEU A 442 -29.21 47.89 -19.21
CA LEU A 442 -29.16 46.44 -19.12
C LEU A 442 -29.90 45.99 -17.90
N SER A 443 -30.66 46.92 -17.35
CA SER A 443 -31.21 46.69 -16.02
C SER A 443 -32.03 45.42 -16.03
N PRO A 444 -33.11 45.34 -16.81
CA PRO A 444 -33.75 44.04 -17.00
C PRO A 444 -32.91 43.10 -17.82
N LEU A 445 -32.10 43.63 -18.73
CA LEU A 445 -31.26 42.76 -19.56
C LEU A 445 -30.38 41.92 -18.67
N LEU A 446 -30.02 42.46 -17.52
CA LEU A 446 -29.40 41.64 -16.52
C LEU A 446 -30.23 40.38 -16.29
N MET A 447 -31.53 40.55 -16.00
CA MET A 447 -32.34 39.40 -15.65
C MET A 447 -32.33 38.33 -16.73
N ILE A 448 -32.14 38.72 -17.98
CA ILE A 448 -32.45 37.81 -19.07
C ILE A 448 -31.41 36.72 -19.16
N LEU A 449 -30.21 37.10 -19.55
CA LEU A 449 -29.14 36.16 -19.41
C LEU A 449 -29.09 35.60 -18.02
N SER A 450 -29.37 36.44 -17.01
CA SER A 450 -29.46 35.90 -15.66
C SER A 450 -30.42 34.75 -15.64
N GLN A 451 -31.64 34.98 -16.11
CA GLN A 451 -32.50 33.85 -16.37
C GLN A 451 -31.78 32.86 -17.25
N LEU A 452 -31.29 33.33 -18.40
CA LEU A 452 -30.62 32.41 -19.31
C LEU A 452 -29.51 31.67 -18.61
N LEU A 453 -28.84 32.33 -17.68
CA LEU A 453 -27.70 31.70 -17.02
C LEU A 453 -28.06 30.35 -16.46
N PRO A 454 -29.02 30.24 -15.55
CA PRO A 454 -29.36 28.92 -15.05
C PRO A 454 -29.75 27.98 -16.15
N GLN A 455 -30.60 28.45 -17.06
CA GLN A 455 -30.95 27.63 -18.19
C GLN A 455 -29.70 27.09 -18.84
N GLN A 456 -28.76 27.97 -19.12
CA GLN A 456 -27.48 27.51 -19.60
C GLN A 456 -26.93 26.44 -18.69
N ARG A 457 -26.81 26.75 -17.41
CA ARG A 457 -26.39 25.73 -16.47
C ARG A 457 -27.31 24.54 -16.55
N HIS A 458 -28.59 24.80 -16.54
CA HIS A 458 -29.55 23.71 -16.47
C HIS A 458 -29.59 22.91 -17.75
N GLY A 459 -29.82 23.56 -18.88
CA GLY A 459 -30.42 22.88 -20.02
C GLY A 459 -29.66 21.66 -20.42
N GLU A 460 -28.40 21.58 -20.02
CA GLU A 460 -27.57 20.43 -20.21
C GLU A 460 -26.49 20.51 -19.15
N ARG A 461 -25.50 19.67 -19.31
CA ARG A 461 -24.19 19.91 -18.75
C ARG A 461 -23.25 20.18 -19.91
N THR A 462 -21.98 20.40 -19.59
CA THR A 462 -20.93 20.64 -20.57
C THR A 462 -21.16 21.87 -21.46
N PRO A 463 -21.13 23.07 -20.91
CA PRO A 463 -20.79 24.25 -21.71
C PRO A 463 -19.27 24.34 -21.78
N TYR A 464 -18.76 25.44 -22.34
CA TYR A 464 -17.32 25.50 -22.52
C TYR A 464 -16.69 25.90 -21.20
N VAL A 465 -15.83 25.02 -20.67
CA VAL A 465 -15.00 25.41 -19.56
C VAL A 465 -14.12 26.54 -19.99
N LEU A 466 -13.84 26.60 -21.29
CA LEU A 466 -13.30 27.81 -21.86
C LEU A 466 -14.24 28.99 -21.60
N ARG A 467 -15.48 28.87 -22.03
CA ARG A 467 -16.40 29.98 -21.80
C ARG A 467 -16.61 30.23 -20.32
N CYS A 468 -16.23 29.27 -19.48
CA CYS A 468 -16.52 29.42 -18.06
C CYS A 468 -16.02 30.77 -17.57
N LEU A 469 -14.75 31.03 -17.79
CA LEU A 469 -14.24 32.35 -17.48
C LEU A 469 -15.02 33.41 -18.22
N THR A 470 -15.23 33.22 -19.52
CA THR A 470 -15.98 34.18 -20.30
C THR A 470 -17.26 34.53 -19.58
N GLU A 471 -17.99 33.51 -19.14
CA GLU A 471 -18.98 33.79 -18.13
C GLU A 471 -18.32 34.34 -16.87
N VAL A 472 -17.40 33.57 -16.28
CA VAL A 472 -16.94 33.92 -14.95
C VAL A 472 -16.46 35.34 -14.94
N ALA A 473 -15.71 35.72 -15.98
CA ALA A 473 -15.33 37.11 -16.09
C ALA A 473 -16.55 38.00 -16.21
N LEU A 474 -17.38 37.76 -17.20
CA LEU A 474 -18.63 38.48 -17.25
C LEU A 474 -19.37 38.32 -15.94
N CYS A 475 -19.35 37.11 -15.40
CA CYS A 475 -20.00 36.84 -14.11
C CYS A 475 -19.37 37.64 -13.01
N GLN A 476 -18.04 37.74 -13.01
CA GLN A 476 -17.37 38.49 -11.97
C GLN A 476 -17.97 39.88 -11.85
N ASP A 477 -17.99 40.61 -12.95
CA ASP A 477 -18.50 41.97 -12.91
C ASP A 477 -19.92 42.02 -12.39
N LYS A 478 -20.82 41.29 -13.04
CA LYS A 478 -22.23 41.58 -12.84
C LYS A 478 -22.76 41.06 -11.52
N ARG A 479 -22.44 39.81 -11.18
CA ARG A 479 -23.32 39.08 -10.28
C ARG A 479 -23.46 39.75 -8.93
N SER A 480 -22.59 40.69 -8.62
CA SER A 480 -22.51 41.18 -7.24
C SER A 480 -23.58 42.24 -6.98
N ASN A 481 -23.43 43.42 -7.54
CA ASN A 481 -24.08 44.60 -6.99
C ASN A 481 -25.31 44.88 -7.82
N LEU A 482 -26.46 44.64 -7.20
CA LEU A 482 -27.79 45.14 -7.54
C LEU A 482 -28.73 44.45 -6.58
N GLU A 483 -29.93 45.00 -6.45
CA GLU A 483 -30.99 44.21 -5.86
C GLU A 483 -31.22 42.97 -6.71
N SER A 484 -31.15 43.13 -8.02
CA SER A 484 -31.38 42.01 -8.91
C SER A 484 -30.16 41.11 -8.97
N SER A 485 -28.96 41.70 -8.85
CA SER A 485 -27.74 40.94 -9.08
C SER A 485 -27.72 39.69 -8.22
N GLN A 486 -28.47 39.71 -7.11
CA GLN A 486 -28.64 38.52 -6.30
C GLN A 486 -29.16 37.36 -7.13
N LYS A 487 -30.31 37.55 -7.77
CA LYS A 487 -30.78 36.51 -8.68
C LYS A 487 -29.68 36.13 -9.65
N SER A 488 -29.06 37.12 -10.25
CA SER A 488 -27.87 36.86 -11.05
C SER A 488 -26.82 36.15 -10.22
N ASP A 489 -26.45 36.74 -9.08
CA ASP A 489 -25.56 36.05 -8.18
C ASP A 489 -26.07 34.65 -7.88
N LEU A 490 -27.32 34.55 -7.46
CA LEU A 490 -27.89 33.23 -7.23
C LEU A 490 -27.65 32.37 -8.45
N LEU A 491 -28.04 32.86 -9.61
CA LEU A 491 -27.67 32.18 -10.84
C LEU A 491 -26.17 31.99 -10.90
N LYS A 492 -25.41 33.08 -10.74
CA LYS A 492 -23.96 32.93 -10.71
C LYS A 492 -23.56 31.89 -9.69
N LEU A 493 -24.01 32.06 -8.46
CA LEU A 493 -23.81 31.02 -7.45
C LEU A 493 -24.25 29.68 -7.99
N TRP A 494 -25.46 29.63 -8.55
CA TRP A 494 -25.87 28.42 -9.24
C TRP A 494 -24.89 28.08 -10.36
N ASN A 495 -24.64 29.04 -11.23
CA ASN A 495 -23.63 28.83 -12.26
C ASN A 495 -22.34 28.36 -11.62
N LYS A 496 -21.91 29.03 -10.56
CA LYS A 496 -20.77 28.53 -9.82
C LYS A 496 -20.97 27.07 -9.45
N ILE A 497 -22.08 26.77 -8.79
CA ILE A 497 -22.44 25.38 -8.55
C ILE A 497 -22.37 24.62 -9.86
N TRP A 498 -23.00 25.16 -10.89
CA TRP A 498 -22.92 24.53 -12.20
C TRP A 498 -21.47 24.35 -12.62
N CYS A 499 -20.60 25.27 -12.24
CA CYS A 499 -19.21 25.07 -12.61
C CYS A 499 -18.61 23.88 -11.88
N ILE A 500 -19.17 23.50 -10.74
CA ILE A 500 -18.47 22.57 -9.87
C ILE A 500 -18.26 21.25 -10.57
N THR A 501 -19.34 20.62 -11.01
CA THR A 501 -19.19 19.36 -11.73
C THR A 501 -18.61 19.60 -13.09
N PHE A 502 -18.72 20.81 -13.62
CA PHE A 502 -17.97 21.12 -14.83
C PHE A 502 -16.55 20.80 -14.45
N ARG A 503 -15.90 19.98 -15.26
CA ARG A 503 -14.63 19.42 -14.85
C ARG A 503 -13.85 18.93 -16.05
N GLY A 504 -12.65 18.41 -15.80
CA GLY A 504 -11.79 17.84 -16.81
C GLY A 504 -10.65 18.72 -17.27
N ILE A 505 -10.70 20.03 -17.08
CA ILE A 505 -9.65 20.94 -17.52
C ILE A 505 -9.36 21.91 -16.38
N SER A 506 -8.12 21.94 -15.89
CA SER A 506 -7.82 22.71 -14.70
C SER A 506 -6.94 23.92 -15.01
N SER A 507 -7.57 25.08 -14.90
CA SER A 507 -6.90 26.33 -14.56
C SER A 507 -7.78 26.92 -13.48
N GLU A 508 -7.24 27.05 -12.29
CA GLU A 508 -8.05 27.46 -11.16
C GLU A 508 -8.18 28.94 -11.09
N GLN A 509 -7.57 29.64 -12.04
CA GLN A 509 -7.62 31.10 -12.03
C GLN A 509 -9.05 31.58 -11.86
N ILE A 510 -9.97 31.07 -12.68
CA ILE A 510 -11.38 31.38 -12.46
C ILE A 510 -11.79 30.96 -11.07
N GLN A 511 -11.49 29.70 -10.71
CA GLN A 511 -11.74 29.22 -9.37
C GLN A 511 -11.08 30.13 -8.34
N ALA A 512 -9.83 30.50 -8.56
CA ALA A 512 -9.21 31.49 -7.70
C ALA A 512 -10.01 32.77 -7.69
N GLU A 513 -10.24 33.35 -8.89
CA GLU A 513 -11.13 34.48 -8.99
C GLU A 513 -12.44 34.17 -8.29
N ASN A 514 -13.00 32.99 -8.57
CA ASN A 514 -14.16 32.55 -7.81
C ASN A 514 -13.83 32.48 -6.33
N PHE A 515 -12.79 31.74 -5.97
CA PHE A 515 -12.38 31.75 -4.57
C PHE A 515 -12.23 33.19 -4.09
N GLY A 516 -11.66 34.04 -4.92
CA GLY A 516 -11.73 35.46 -4.64
C GLY A 516 -13.15 35.94 -4.57
N LEU A 517 -13.92 35.70 -5.62
CA LEU A 517 -15.32 36.01 -5.52
C LEU A 517 -15.95 35.34 -4.31
N LEU A 518 -15.52 34.12 -3.99
CA LEU A 518 -16.05 33.44 -2.83
C LEU A 518 -16.00 34.35 -1.64
N GLY A 519 -14.88 35.05 -1.47
CA GLY A 519 -14.91 36.18 -0.59
C GLY A 519 -15.84 37.26 -1.11
N ALA A 520 -15.58 37.72 -2.34
CA ALA A 520 -16.34 38.84 -2.84
C ALA A 520 -17.83 38.59 -2.68
N ILE A 521 -18.26 37.37 -2.92
CA ILE A 521 -19.62 37.03 -2.57
C ILE A 521 -19.81 37.05 -1.07
N ILE A 522 -19.00 36.27 -0.36
CA ILE A 522 -19.15 36.25 1.08
C ILE A 522 -18.89 37.64 1.59
N GLN A 523 -18.19 38.45 0.80
CA GLN A 523 -18.12 39.85 1.10
C GLN A 523 -19.49 40.49 1.12
N GLY A 524 -20.36 40.14 0.18
CA GLY A 524 -21.61 40.86 0.19
C GLY A 524 -22.37 40.53 1.45
N SER A 525 -22.65 39.25 1.66
CA SER A 525 -23.02 38.71 2.95
C SER A 525 -24.22 39.42 3.55
N LEU A 526 -25.02 40.07 2.71
CA LEU A 526 -26.24 40.69 3.19
C LEU A 526 -27.31 40.36 2.16
N VAL A 527 -28.36 39.66 2.59
CA VAL A 527 -29.42 39.28 1.67
C VAL A 527 -30.68 39.01 2.46
N GLU A 528 -31.81 38.98 1.77
CA GLU A 528 -32.98 38.35 2.35
C GLU A 528 -32.82 36.85 2.30
N VAL A 529 -32.81 36.28 1.11
CA VAL A 529 -32.87 34.84 0.92
C VAL A 529 -31.71 34.31 0.10
N ASP A 530 -31.63 34.70 -1.17
CA ASP A 530 -30.90 33.93 -2.16
C ASP A 530 -29.49 33.60 -1.73
N ARG A 531 -28.89 34.42 -0.87
CA ARG A 531 -27.67 34.00 -0.21
C ARG A 531 -27.85 32.62 0.40
N GLU A 532 -28.98 32.41 1.07
CA GLU A 532 -29.29 31.07 1.55
C GLU A 532 -29.12 30.07 0.42
N PHE A 533 -29.63 30.39 -0.75
CA PHE A 533 -29.29 29.60 -1.90
C PHE A 533 -27.82 29.81 -2.26
N TRP A 534 -27.43 31.06 -2.46
CA TRP A 534 -26.10 31.33 -2.94
C TRP A 534 -25.03 30.74 -2.04
N LYS A 535 -25.35 30.53 -0.77
CA LYS A 535 -24.33 30.20 0.20
C LYS A 535 -23.54 28.99 -0.23
N LEU A 536 -24.17 27.82 -0.16
CA LEU A 536 -23.47 26.66 -0.64
C LEU A 536 -23.22 26.79 -2.12
N PHE A 537 -24.16 27.41 -2.82
CA PHE A 537 -23.96 27.73 -4.22
C PHE A 537 -22.68 28.50 -4.44
N THR A 538 -22.28 29.28 -3.46
CA THR A 538 -20.90 29.67 -3.42
C THR A 538 -20.03 28.58 -2.82
N GLY A 539 -20.50 27.97 -1.73
CA GLY A 539 -19.65 27.08 -0.97
C GLY A 539 -19.25 25.83 -1.71
N SER A 540 -20.07 25.41 -2.66
CA SER A 540 -19.71 24.22 -3.41
C SER A 540 -18.42 24.40 -4.17
N ALA A 541 -17.92 25.62 -4.32
CA ALA A 541 -16.60 25.81 -4.90
C ALA A 541 -15.61 24.90 -4.22
N CYS A 542 -15.82 24.68 -2.93
CA CYS A 542 -15.34 23.48 -2.27
C CYS A 542 -16.45 22.46 -2.14
N ARG A 543 -17.50 22.79 -1.38
CA ARG A 543 -18.55 21.88 -0.97
C ARG A 543 -19.24 21.16 -2.12
N PRO A 547 -14.25 31.24 2.05
CA PRO A 547 -13.57 30.41 3.05
C PRO A 547 -14.48 29.97 4.19
N ALA A 548 -13.94 29.23 5.13
CA ALA A 548 -14.73 28.73 6.24
C ALA A 548 -14.83 29.73 7.30
N VAL A 549 -14.22 30.88 7.00
CA VAL A 549 -14.35 32.04 7.87
C VAL A 549 -15.82 32.34 8.12
N CYS A 550 -16.67 32.00 7.18
CA CYS A 550 -18.08 32.24 7.40
C CYS A 550 -18.70 31.15 8.25
N CYS A 551 -17.93 30.13 8.62
CA CYS A 551 -18.39 29.24 9.68
C CYS A 551 -18.77 30.06 10.90
N LEU A 552 -18.14 31.23 11.05
CA LEU A 552 -18.67 32.22 11.95
C LEU A 552 -20.14 32.47 11.65
N THR A 553 -20.44 32.84 10.41
CA THR A 553 -21.83 33.01 10.04
C THR A 553 -22.58 31.70 10.17
N LEU A 554 -21.88 30.58 10.09
CA LEU A 554 -22.53 29.30 10.30
C LEU A 554 -22.86 29.09 11.76
N ALA A 555 -21.88 29.28 12.64
CA ALA A 555 -22.21 29.36 14.06
C ALA A 555 -23.27 30.41 14.29
N LEU A 556 -23.30 31.42 13.41
CA LEU A 556 -24.22 32.55 13.46
C LEU A 556 -25.49 32.32 12.67
N THR A 557 -25.67 31.11 12.12
CA THR A 557 -26.67 30.90 11.08
C THR A 557 -28.09 31.25 11.50
N THR A 558 -28.33 31.46 12.79
CA THR A 558 -29.62 31.99 13.22
C THR A 558 -30.01 33.21 12.40
N SER A 559 -29.04 34.07 12.10
CA SER A 559 -29.25 35.16 11.18
C SER A 559 -29.80 34.64 9.86
N VAL A 565 -31.87 28.19 7.80
CA VAL A 565 -31.43 26.83 7.55
C VAL A 565 -31.24 26.67 6.08
N LYS A 566 -31.89 27.57 5.34
CA LYS A 566 -32.00 27.40 3.90
C LYS A 566 -30.62 27.28 3.28
N MET A 567 -29.78 28.28 3.48
CA MET A 567 -28.36 28.02 3.37
C MET A 567 -27.98 26.93 4.34
N GLY A 568 -28.29 27.16 5.61
CA GLY A 568 -27.50 26.51 6.63
C GLY A 568 -27.61 25.02 6.57
N ILE A 569 -28.83 24.49 6.67
CA ILE A 569 -28.97 23.05 6.72
C ILE A 569 -28.22 22.46 5.54
N GLU A 570 -28.22 23.16 4.42
CA GLU A 570 -27.35 22.85 3.30
C GLU A 570 -25.92 23.30 3.58
N GLN A 571 -25.74 24.62 3.72
CA GLN A 571 -24.41 25.15 3.97
C GLN A 571 -23.73 24.39 5.08
N ASN A 572 -24.47 24.04 6.13
CA ASN A 572 -23.91 23.19 7.16
C ASN A 572 -23.51 21.85 6.60
N MET A 573 -24.41 21.18 5.91
CA MET A 573 -23.97 20.02 5.17
C MET A 573 -22.82 20.39 4.26
N CYS A 574 -23.01 21.43 3.46
CA CYS A 574 -21.91 21.94 2.67
C CYS A 574 -20.70 22.20 3.55
N GLU A 575 -20.94 22.63 4.79
CA GLU A 575 -19.86 22.65 5.75
C GLU A 575 -19.50 21.24 6.19
N VAL A 576 -20.50 20.45 6.57
CA VAL A 576 -20.22 19.07 6.95
C VAL A 576 -19.54 18.34 5.82
N ASN A 577 -19.71 18.86 4.61
CA ASN A 577 -18.97 18.37 3.46
C ASN A 577 -17.46 18.45 3.66
N ARG A 578 -16.98 19.39 4.48
CA ARG A 578 -15.55 19.48 4.69
C ARG A 578 -15.00 18.15 5.19
N SER A 579 -15.52 17.66 6.31
CA SER A 579 -15.17 16.36 6.86
C SER A 579 -16.14 16.06 7.98
N PHE A 580 -15.91 14.93 8.65
CA PHE A 580 -16.49 14.76 9.97
C PHE A 580 -15.99 15.85 10.91
N SER A 581 -14.69 15.95 11.05
CA SER A 581 -14.05 16.97 11.88
C SER A 581 -13.86 18.38 11.29
N LEU A 582 -13.50 18.47 10.01
CA LEU A 582 -12.64 19.55 9.51
C LEU A 582 -13.05 20.97 9.87
N LYS A 583 -14.30 21.33 9.59
CA LYS A 583 -14.78 22.70 9.74
C LYS A 583 -14.92 23.13 11.20
N GLU A 584 -14.70 22.23 12.15
CA GLU A 584 -15.21 22.35 13.51
C GLU A 584 -14.31 23.23 14.37
N SER A 585 -13.27 23.80 13.76
CA SER A 585 -12.12 24.35 14.48
C SER A 585 -12.51 25.20 15.69
N ILE A 586 -13.55 26.01 15.58
CA ILE A 586 -14.05 26.68 16.77
C ILE A 586 -14.83 25.67 17.59
N MET A 587 -14.40 25.47 18.84
CA MET A 587 -15.07 24.50 19.70
C MET A 587 -16.48 24.94 20.03
N LYS A 588 -16.77 26.23 19.93
CA LYS A 588 -18.10 26.74 20.23
C LYS A 588 -19.08 26.61 19.08
N TRP A 589 -18.60 26.39 17.85
CA TRP A 589 -19.45 26.51 16.69
C TRP A 589 -20.66 25.59 16.77
N LEU A 590 -20.47 24.35 17.22
CA LEU A 590 -21.55 23.37 17.15
C LEU A 590 -22.74 23.82 17.96
N LEU A 591 -22.54 24.06 19.25
CA LEU A 591 -23.61 24.66 20.00
C LEU A 591 -23.95 26.03 19.44
N PHE A 592 -22.95 26.78 19.00
CA PHE A 592 -23.27 28.02 18.31
C PHE A 592 -24.09 27.74 17.07
N TYR A 593 -23.71 26.71 16.33
CA TYR A 593 -24.61 26.24 15.30
C TYR A 593 -25.86 25.64 15.91
N GLN A 594 -25.73 24.98 17.05
CA GLN A 594 -26.95 24.60 17.75
C GLN A 594 -27.64 25.82 18.31
N LEU A 595 -26.88 26.87 18.58
CA LEU A 595 -27.49 28.17 18.81
C LEU A 595 -27.90 28.79 17.51
N GLU A 596 -27.11 28.59 16.45
CA GLU A 596 -27.66 28.79 15.12
C GLU A 596 -28.78 27.80 14.87
N GLY A 597 -28.85 26.73 15.66
CA GLY A 597 -29.98 25.84 15.69
C GLY A 597 -31.07 26.24 16.65
N ASP A 598 -31.00 27.45 17.20
CA ASP A 598 -32.08 27.98 18.03
C ASP A 598 -33.13 28.74 17.22
N LEU A 599 -32.92 28.87 15.91
CA LEU A 599 -33.80 29.67 15.06
C LEU A 599 -35.12 28.97 14.77
N GLU A 600 -35.08 27.84 14.07
CA GLU A 600 -36.30 27.07 13.86
C GLU A 600 -36.98 26.77 15.17
N ASN A 601 -36.20 26.69 16.26
CA ASN A 601 -36.77 26.59 17.58
C ASN A 601 -37.32 27.94 18.00
N PHE A 613 -37.69 24.33 9.67
CA PHE A 613 -36.79 23.81 8.64
C PHE A 613 -37.01 22.32 8.46
N PRO A 614 -38.26 21.94 8.20
CA PRO A 614 -38.57 20.51 8.12
C PRO A 614 -37.76 19.83 7.03
N HIS A 615 -37.20 20.65 6.13
CA HIS A 615 -36.39 20.17 5.02
C HIS A 615 -35.13 19.47 5.49
N LEU A 616 -34.88 19.53 6.79
CA LEU A 616 -33.66 19.10 7.43
C LEU A 616 -33.71 17.62 7.78
N VAL A 617 -34.75 16.91 7.34
CA VAL A 617 -35.28 15.73 8.00
C VAL A 617 -34.17 14.79 8.44
N LEU A 618 -33.13 14.63 7.65
CA LEU A 618 -31.93 14.01 8.19
C LEU A 618 -30.84 14.97 8.68
N GLU A 619 -31.00 16.29 8.51
CA GLU A 619 -29.87 17.20 8.77
C GLU A 619 -29.50 17.28 10.24
N LYS A 620 -30.32 16.72 11.11
CA LYS A 620 -29.86 16.52 12.48
C LYS A 620 -28.56 15.78 12.49
N ILE A 621 -28.52 14.62 11.83
CA ILE A 621 -27.25 13.93 11.68
C ILE A 621 -26.24 14.84 11.02
N LEU A 622 -26.67 15.58 9.99
CA LEU A 622 -25.79 16.61 9.44
C LEU A 622 -25.39 17.60 10.52
N VAL A 623 -26.36 18.05 11.30
CA VAL A 623 -26.01 18.79 12.50
C VAL A 623 -25.12 17.95 13.39
N SER A 624 -25.44 16.66 13.53
CA SER A 624 -24.75 15.80 14.49
C SER A 624 -23.33 15.46 14.06
N LEU A 625 -22.93 15.86 12.86
CA LEU A 625 -21.75 15.28 12.21
C LEU A 625 -20.44 15.59 12.92
N THR A 626 -20.44 16.48 13.92
CA THR A 626 -19.19 16.96 14.49
C THR A 626 -18.64 16.10 15.61
N MET A 627 -19.41 15.12 16.09
CA MET A 627 -19.12 14.49 17.37
C MET A 627 -17.68 13.98 17.46
N LYS A 628 -17.26 13.15 16.50
CA LYS A 628 -15.96 12.49 16.57
C LYS A 628 -15.78 11.82 17.93
N ASN A 629 -16.89 11.34 18.47
CA ASN A 629 -17.00 10.76 19.80
C ASN A 629 -16.63 11.74 20.91
N CYS A 630 -16.70 13.04 20.66
CA CYS A 630 -16.38 13.96 21.74
C CYS A 630 -17.53 14.10 22.74
N LYS A 631 -18.75 14.31 22.25
CA LYS A 631 -19.93 14.47 23.09
C LYS A 631 -19.81 15.65 24.07
N ALA A 632 -18.96 16.63 23.71
CA ALA A 632 -18.76 17.76 24.60
C ALA A 632 -20.06 18.50 24.84
N ALA A 633 -20.71 18.91 23.77
CA ALA A 633 -21.96 19.64 23.84
C ALA A 633 -23.14 18.70 23.87
N MET A 634 -22.86 17.40 23.92
CA MET A 634 -23.83 16.40 23.50
C MET A 634 -25.20 16.61 24.09
N ASN A 635 -25.36 16.36 25.37
CA ASN A 635 -26.70 16.46 25.90
C ASN A 635 -27.13 17.90 26.05
N PHE A 636 -26.18 18.82 26.02
CA PHE A 636 -26.50 20.23 26.18
C PHE A 636 -27.58 20.65 25.19
N PHE A 637 -27.34 20.41 23.91
CA PHE A 637 -28.40 20.66 22.95
C PHE A 637 -29.58 19.75 23.20
N GLN A 638 -29.32 18.51 23.62
CA GLN A 638 -30.38 17.53 23.78
C GLN A 638 -31.46 18.07 24.70
N SER A 639 -31.08 18.44 25.91
CA SER A 639 -32.08 19.04 26.77
C SER A 639 -32.50 20.41 26.26
N VAL A 640 -31.62 21.09 25.51
CA VAL A 640 -31.82 22.50 25.21
C VAL A 640 -33.20 22.70 24.63
N PRO A 641 -33.49 22.08 23.50
CA PRO A 641 -34.90 22.03 23.09
C PRO A 641 -35.75 21.21 24.04
N GLU A 642 -35.25 20.08 24.55
CA GLU A 642 -36.05 19.33 25.51
C GLU A 642 -36.51 20.24 26.62
N CYS A 643 -35.65 21.19 26.99
CA CYS A 643 -36.13 22.26 27.82
C CYS A 643 -37.28 22.97 27.14
N GLU A 644 -37.05 23.52 25.94
CA GLU A 644 -38.14 24.13 25.21
C GLU A 644 -39.31 23.19 25.16
N HIS A 645 -39.03 21.91 24.88
CA HIS A 645 -40.05 20.89 24.83
C HIS A 645 -40.91 20.95 26.07
N HIS A 646 -40.28 20.98 27.22
CA HIS A 646 -41.05 21.41 28.37
C HIS A 646 -41.34 22.89 28.28
N GLN A 647 -40.30 23.70 28.05
CA GLN A 647 -40.40 25.14 28.27
C GLN A 647 -41.57 25.69 27.48
N LYS A 648 -41.68 25.31 26.23
CA LYS A 648 -42.98 25.38 25.62
C LYS A 648 -43.58 24.00 25.83
N ASP A 649 -44.55 23.95 26.70
CA ASP A 649 -45.49 22.84 26.75
C ASP A 649 -46.83 23.52 26.85
N LYS A 650 -47.66 23.34 25.83
CA LYS A 650 -49.05 23.76 25.90
C LYS A 650 -49.87 22.84 25.02
N GLU A 651 -51.09 22.55 25.43
CA GLU A 651 -52.00 21.82 24.56
C GLU A 651 -52.63 22.71 23.51
N GLU A 652 -52.83 23.99 23.82
CA GLU A 652 -53.46 24.93 22.90
C GLU A 652 -52.44 25.76 22.10
N LEU A 653 -51.14 25.52 22.27
CA LEU A 653 -50.17 26.35 21.56
C LEU A 653 -50.10 26.00 20.07
N SER A 654 -49.25 26.72 19.36
CA SER A 654 -49.05 26.58 17.93
C SER A 654 -47.90 25.60 17.64
N PHE A 655 -47.46 25.57 16.37
CA PHE A 655 -46.22 24.91 15.97
C PHE A 655 -46.22 23.43 16.29
N SER A 656 -47.03 22.70 15.53
CA SER A 656 -47.34 21.33 15.87
C SER A 656 -46.06 20.53 16.05
N GLU A 657 -46.12 19.61 16.94
CA GLU A 657 -45.00 18.93 17.55
C GLU A 657 -44.29 18.20 16.63
N VAL A 658 -44.86 18.17 15.44
CA VAL A 658 -44.16 17.60 14.30
C VAL A 658 -42.75 18.11 14.28
N GLU A 659 -42.59 19.41 14.01
CA GLU A 659 -41.28 20.02 14.10
C GLU A 659 -40.65 19.73 15.44
N GLU A 660 -41.45 19.70 16.50
CA GLU A 660 -40.90 19.33 17.79
C GLU A 660 -40.47 17.88 17.78
N LEU A 661 -41.40 16.98 17.45
CA LEU A 661 -40.96 15.61 17.28
C LEU A 661 -39.89 15.51 16.24
N PHE A 662 -39.77 16.50 15.37
CA PHE A 662 -38.72 16.45 14.37
C PHE A 662 -37.35 16.38 15.00
N LEU A 663 -37.25 16.64 16.29
CA LEU A 663 -35.98 16.33 16.93
C LEU A 663 -35.92 14.89 17.38
N GLN A 664 -37.02 14.14 17.24
CA GLN A 664 -37.18 12.98 18.11
C GLN A 664 -36.00 12.01 18.03
N THR A 665 -35.70 11.48 16.86
CA THR A 665 -34.56 10.59 16.82
C THR A 665 -33.29 11.35 16.53
N THR A 666 -33.37 12.66 16.43
CA THR A 666 -32.16 13.43 16.13
C THR A 666 -31.05 13.02 17.05
N PHE A 667 -31.40 12.64 18.28
CA PHE A 667 -30.45 11.95 19.12
C PHE A 667 -29.95 10.70 18.43
N ASP A 668 -30.87 9.80 18.08
CA ASP A 668 -30.45 8.65 17.30
C ASP A 668 -29.71 9.12 16.06
N LYS A 669 -30.08 10.31 15.55
CA LYS A 669 -29.32 10.90 14.46
C LYS A 669 -27.92 11.28 14.88
N MET A 670 -27.60 11.20 16.17
CA MET A 670 -26.20 11.24 16.54
C MET A 670 -25.65 9.85 16.79
N ASP A 671 -26.07 9.22 17.89
CA ASP A 671 -25.46 7.96 18.32
C ASP A 671 -25.93 6.75 17.54
N PHE A 672 -27.21 6.39 17.63
CA PHE A 672 -27.69 5.28 16.82
C PHE A 672 -27.34 5.50 15.37
N LEU A 673 -27.24 6.76 14.97
CA LEU A 673 -26.53 7.07 13.74
C LEU A 673 -25.10 6.55 13.78
N THR A 674 -24.34 6.98 14.79
CA THR A 674 -22.90 6.72 14.78
C THR A 674 -22.52 5.64 15.76
N PHE A 690 -31.70 1.09 25.84
CA PHE A 690 -30.71 0.49 24.96
C PHE A 690 -29.84 1.58 24.43
N SER A 691 -28.83 1.21 23.65
CA SER A 691 -27.91 2.21 23.13
C SER A 691 -28.69 3.36 22.54
N VAL A 692 -29.68 3.04 21.71
CA VAL A 692 -30.68 4.05 21.38
C VAL A 692 -31.68 4.20 22.52
N HIS A 693 -32.21 3.09 23.02
CA HIS A 693 -33.39 3.21 23.87
C HIS A 693 -33.09 3.86 25.21
N GLN A 694 -31.82 4.10 25.50
CA GLN A 694 -31.46 4.71 26.78
C GLN A 694 -32.26 5.98 27.02
N ASN A 695 -32.23 6.92 26.08
CA ASN A 695 -32.79 8.25 26.30
C ASN A 695 -34.25 8.30 25.92
N LEU A 696 -34.83 7.13 25.58
CA LEU A 696 -36.13 7.09 24.97
C LEU A 696 -37.14 7.89 25.76
N LYS A 697 -36.94 8.03 27.06
CA LYS A 697 -37.74 8.97 27.82
C LYS A 697 -37.57 10.39 27.29
N GLU A 698 -36.33 10.88 27.26
CA GLU A 698 -36.11 12.21 26.72
C GLU A 698 -36.76 12.31 25.37
N SER A 699 -36.78 11.21 24.63
CA SER A 699 -37.66 11.10 23.49
C SER A 699 -39.11 10.98 23.92
N LEU A 700 -39.42 10.04 24.81
CA LEU A 700 -40.81 9.83 25.18
C LEU A 700 -41.42 11.11 25.70
N ASP A 701 -40.57 12.06 26.07
CA ASP A 701 -41.05 13.43 26.20
C ASP A 701 -41.86 13.80 24.98
N ARG A 702 -41.31 13.55 23.79
CA ARG A 702 -42.14 13.72 22.61
C ARG A 702 -43.35 12.82 22.64
N CYS A 703 -43.24 11.63 23.22
CA CYS A 703 -44.37 10.72 23.17
C CYS A 703 -45.61 11.40 23.71
N LEU A 704 -45.53 11.94 24.91
CA LEU A 704 -46.61 12.77 25.38
C LEU A 704 -46.79 13.98 24.49
N LEU A 705 -45.69 14.64 24.12
CA LEU A 705 -45.83 15.69 23.13
C LEU A 705 -46.57 15.15 21.94
N GLY A 706 -46.17 13.98 21.47
CA GLY A 706 -46.98 13.29 20.50
C GLY A 706 -48.32 12.92 21.09
N LEU A 707 -48.34 12.60 22.36
CA LEU A 707 -49.62 12.24 22.93
C LEU A 707 -50.41 13.47 23.26
N SER A 708 -49.83 14.62 22.95
CA SER A 708 -50.51 15.85 23.27
C SER A 708 -51.68 16.05 22.32
N GLU A 709 -51.42 16.32 21.06
CA GLU A 709 -52.52 16.81 20.23
C GLU A 709 -53.39 15.69 19.71
N GLN A 710 -53.04 14.43 20.00
CA GLN A 710 -53.54 13.32 19.21
C GLN A 710 -55.05 13.26 19.24
N LEU A 711 -55.62 13.15 20.41
CA LEU A 711 -57.01 12.79 20.47
C LEU A 711 -57.94 13.91 20.05
N LEU A 712 -57.41 15.11 19.84
CA LEU A 712 -58.29 16.27 19.97
C LEU A 712 -59.24 16.34 18.80
N ASN A 713 -58.73 16.63 17.61
CA ASN A 713 -59.56 16.45 16.45
C ASN A 713 -59.97 15.00 16.33
N ASN A 714 -59.06 14.09 16.70
CA ASN A 714 -59.42 12.70 16.77
C ASN A 714 -60.68 12.52 17.58
N TYR A 715 -60.87 13.33 18.60
CA TYR A 715 -62.22 13.47 19.09
C TYR A 715 -63.03 14.43 18.22
N SER A 716 -62.43 15.54 17.82
CA SER A 716 -63.24 16.71 17.48
C SER A 716 -64.05 16.51 16.22
N SER A 717 -63.44 16.01 15.16
CA SER A 717 -64.11 15.95 13.86
C SER A 717 -64.56 17.33 13.43
N GLU A 718 -63.71 18.31 13.68
CA GLU A 718 -63.98 19.70 13.37
C GLU A 718 -62.83 20.26 12.54
N ILE A 719 -62.88 21.54 12.26
CA ILE A 719 -61.93 22.16 11.34
C ILE A 719 -60.60 22.42 12.03
N THR A 720 -59.71 23.14 11.33
CA THR A 720 -58.40 23.60 11.77
C THR A 720 -57.36 22.49 11.72
N ASN A 721 -57.77 21.26 11.51
CA ASN A 721 -56.86 20.14 11.62
C ASN A 721 -56.03 19.97 10.38
N SER A 722 -56.24 20.81 9.38
CA SER A 722 -55.32 20.82 8.27
C SER A 722 -53.90 20.99 8.76
N GLU A 723 -53.68 22.00 9.59
CA GLU A 723 -52.40 22.08 10.28
C GLU A 723 -52.08 20.76 10.91
N THR A 724 -53.03 20.20 11.64
CA THR A 724 -52.84 18.88 12.18
C THR A 724 -52.59 17.88 11.08
N LEU A 725 -53.40 17.91 10.03
CA LEU A 725 -53.05 17.12 8.87
C LEU A 725 -51.64 17.43 8.45
N VAL A 726 -51.36 18.72 8.22
CA VAL A 726 -49.99 19.14 7.98
C VAL A 726 -49.10 18.58 9.06
N ARG A 727 -49.54 18.67 10.31
CA ARG A 727 -48.79 17.96 11.33
C ARG A 727 -48.77 16.48 11.04
N CYS A 728 -49.94 15.87 10.86
CA CYS A 728 -49.95 14.45 10.57
C CYS A 728 -49.13 14.13 9.34
N SER A 729 -48.90 15.13 8.48
CA SER A 729 -48.04 14.90 7.34
C SER A 729 -46.66 14.44 7.75
N ARG A 730 -46.18 14.86 8.91
CA ARG A 730 -44.88 14.36 9.31
C ARG A 730 -44.97 12.93 9.78
N LEU A 731 -46.18 12.43 10.02
CA LEU A 731 -46.32 11.02 10.36
C LEU A 731 -45.87 10.17 9.21
N LEU A 732 -45.62 10.83 8.10
CA LEU A 732 -45.05 10.23 6.91
C LEU A 732 -43.54 10.15 6.96
N VAL A 733 -42.90 10.58 8.04
CA VAL A 733 -41.50 10.19 8.12
C VAL A 733 -41.55 8.67 8.06
N GLY A 734 -40.85 8.08 7.09
CA GLY A 734 -40.97 6.67 6.79
C GLY A 734 -39.78 5.84 7.24
N VAL A 735 -39.92 4.52 7.08
CA VAL A 735 -38.75 3.66 7.12
C VAL A 735 -38.63 2.83 5.84
N LEU A 736 -39.46 1.79 5.73
CA LEU A 736 -39.63 1.01 4.52
C LEU A 736 -38.31 0.58 3.87
N GLY A 737 -37.39 -0.02 4.62
CA GLY A 737 -36.25 -0.65 4.00
C GLY A 737 -35.15 -0.91 5.00
N CYS A 738 -33.94 -1.13 4.52
CA CYS A 738 -32.81 -1.49 5.38
C CYS A 738 -31.72 -0.44 5.27
N TYR A 739 -31.53 0.32 6.34
CA TYR A 739 -30.58 1.42 6.36
C TYR A 739 -30.20 1.73 7.79
N CYS A 740 -29.09 2.44 7.95
CA CYS A 740 -28.77 2.94 9.28
C CYS A 740 -29.73 4.03 9.72
N TYR A 741 -29.87 5.07 8.91
CA TYR A 741 -30.22 6.36 9.48
C TYR A 741 -31.71 6.46 9.74
N MET A 742 -32.49 6.60 8.69
CA MET A 742 -33.91 6.36 8.89
C MET A 742 -34.10 5.00 9.50
N GLY A 743 -33.27 4.05 9.11
CA GLY A 743 -33.31 2.76 9.75
C GLY A 743 -33.29 2.89 11.25
N VAL A 744 -32.50 3.85 11.75
CA VAL A 744 -32.53 4.09 13.17
C VAL A 744 -33.86 4.64 13.62
N ILE A 745 -34.68 5.19 12.71
CA ILE A 745 -35.88 5.88 13.16
C ILE A 745 -36.96 4.95 13.67
N ALA A 746 -36.76 3.64 13.55
CA ALA A 746 -37.91 2.75 13.54
C ALA A 746 -38.53 2.61 14.91
N GLU A 747 -37.83 1.97 15.84
CA GLU A 747 -38.30 2.03 17.21
C GLU A 747 -38.41 3.47 17.68
N GLU A 748 -37.50 4.33 17.21
CA GLU A 748 -37.60 5.76 17.48
C GLU A 748 -38.93 6.31 16.99
N GLU A 749 -39.57 5.58 16.10
CA GLU A 749 -40.96 5.76 15.74
C GLU A 749 -41.82 4.64 16.27
N ALA A 750 -41.55 3.42 15.82
CA ALA A 750 -42.51 2.35 15.93
C ALA A 750 -42.63 1.88 17.36
N TYR A 751 -41.56 1.30 17.90
CA TYR A 751 -41.61 1.11 19.32
C TYR A 751 -41.95 2.42 20.02
N LYS A 752 -41.50 3.55 19.46
CA LYS A 752 -41.77 4.84 20.10
C LYS A 752 -43.26 5.07 20.28
N SER A 753 -44.05 4.87 19.24
CA SER A 753 -45.48 4.83 19.49
C SER A 753 -45.89 3.37 19.42
N GLU A 754 -46.20 2.81 20.58
CA GLU A 754 -46.63 1.43 20.58
C GLU A 754 -48.15 1.37 20.53
N LEU A 755 -48.80 1.75 21.63
CA LEU A 755 -50.22 2.06 21.62
C LEU A 755 -50.48 3.55 21.48
N PHE A 756 -49.44 4.36 21.39
CA PHE A 756 -49.54 5.78 21.74
C PHE A 756 -50.76 6.42 21.09
N GLN A 757 -50.73 6.56 19.78
CA GLN A 757 -51.90 6.94 19.01
C GLN A 757 -52.61 5.70 18.48
N LYS A 758 -52.14 4.51 18.88
CA LYS A 758 -52.35 3.31 18.06
C LYS A 758 -53.78 3.19 17.61
N ALA A 759 -54.68 2.90 18.52
CA ALA A 759 -56.05 3.07 18.12
C ALA A 759 -56.39 4.55 18.05
N LYS A 760 -55.74 5.36 18.88
CA LYS A 760 -56.07 6.77 18.95
C LYS A 760 -56.04 7.37 17.57
N SER A 761 -54.95 7.19 16.87
CA SER A 761 -55.00 7.47 15.45
C SER A 761 -56.03 6.59 14.78
N LEU A 762 -56.06 5.30 15.12
CA LEU A 762 -56.71 4.34 14.23
C LEU A 762 -58.17 4.69 14.01
N MET A 763 -58.93 4.77 15.07
CA MET A 763 -60.35 5.00 14.85
C MET A 763 -60.57 6.34 14.18
N GLN A 764 -59.66 7.29 14.37
CA GLN A 764 -59.81 8.56 13.70
C GLN A 764 -60.00 8.35 12.22
N CYS A 765 -59.35 7.35 11.66
CA CYS A 765 -59.69 6.92 10.33
C CYS A 765 -61.13 6.47 10.29
N ALA A 766 -61.46 5.46 11.10
CA ALA A 766 -62.86 5.10 11.23
C ALA A 766 -63.66 6.34 11.53
N GLY A 767 -63.07 7.27 12.29
CA GLY A 767 -63.65 8.58 12.39
C GLY A 767 -63.79 9.22 11.03
N GLU A 768 -62.72 9.31 10.28
CA GLU A 768 -62.91 9.84 8.95
C GLU A 768 -63.78 8.94 8.10
N SER A 769 -64.07 7.73 8.58
CA SER A 769 -64.53 6.70 7.65
C SER A 769 -65.84 7.09 6.98
N ILE A 770 -66.87 7.36 7.75
CA ILE A 770 -68.16 7.60 7.11
C ILE A 770 -68.11 8.92 6.36
N THR A 771 -67.16 9.77 6.71
CA THR A 771 -66.97 11.07 6.11
C THR A 771 -65.81 11.73 6.83
N ALA A 833 -60.64 26.03 -16.27
CA ALA A 833 -59.41 25.31 -16.57
C ALA A 833 -59.61 23.81 -16.34
N SER A 834 -60.53 23.48 -15.45
CA SER A 834 -60.80 22.10 -15.08
C SER A 834 -61.50 21.34 -16.18
N PHE A 835 -61.89 22.02 -17.26
CA PHE A 835 -62.94 21.53 -18.14
C PHE A 835 -62.65 20.15 -18.70
N ILE A 836 -61.39 19.70 -18.71
CA ILE A 836 -61.11 18.42 -19.31
C ILE A 836 -61.79 17.29 -18.56
N LYS A 837 -62.36 17.56 -17.41
CA LYS A 837 -62.84 16.50 -16.54
C LYS A 837 -64.18 15.98 -16.96
N LYS A 838 -64.80 16.52 -18.01
CA LYS A 838 -66.00 15.84 -18.51
C LYS A 838 -65.60 14.40 -18.77
N PRO A 839 -64.65 14.16 -19.66
CA PRO A 839 -64.09 12.80 -19.71
C PRO A 839 -63.42 12.42 -18.42
N PHE A 840 -62.74 13.38 -17.79
CA PHE A 840 -61.82 13.17 -16.69
C PHE A 840 -62.50 13.23 -15.34
N ASP A 841 -63.82 13.32 -15.33
CA ASP A 841 -64.53 13.03 -14.11
C ASP A 841 -64.00 11.75 -13.50
N ARG A 842 -63.72 10.76 -14.33
CA ARG A 842 -62.99 9.60 -13.83
C ARG A 842 -61.64 10.03 -13.28
N GLY A 843 -60.92 10.87 -14.03
CA GLY A 843 -59.73 11.44 -13.45
C GLY A 843 -60.06 12.22 -12.21
N GLU A 844 -61.16 12.97 -12.26
CA GLU A 844 -61.69 13.45 -11.01
C GLU A 844 -61.93 12.27 -10.08
N VAL A 845 -62.62 11.24 -10.56
CA VAL A 845 -62.79 10.05 -9.74
C VAL A 845 -61.44 9.52 -9.34
N GLU A 846 -60.41 9.83 -10.10
CA GLU A 846 -59.08 9.42 -9.68
C GLU A 846 -58.63 10.23 -8.48
N SER A 847 -58.67 11.56 -8.57
CA SER A 847 -57.67 12.35 -7.84
C SER A 847 -58.23 13.46 -6.95
N MET A 848 -58.81 14.50 -7.54
CA MET A 848 -58.74 15.83 -6.96
C MET A 848 -59.85 16.13 -5.97
N GLU A 849 -60.69 15.15 -5.68
CA GLU A 849 -61.97 15.42 -5.03
C GLU A 849 -61.81 16.20 -3.73
N ASP A 850 -61.28 15.58 -2.67
CA ASP A 850 -61.59 16.06 -1.32
C ASP A 850 -60.39 16.24 -0.40
N ASP A 851 -60.17 17.49 0.02
CA ASP A 851 -59.17 17.83 1.02
C ASP A 851 -59.40 17.16 2.34
N THR A 852 -60.58 17.34 2.90
CA THR A 852 -60.97 16.51 4.02
C THR A 852 -60.77 15.07 3.62
N ASN A 853 -60.24 14.31 4.56
CA ASN A 853 -59.88 12.91 4.39
C ASN A 853 -58.68 12.74 3.48
N GLY A 854 -58.28 13.77 2.75
CA GLY A 854 -56.88 13.84 2.38
C GLY A 854 -56.07 13.82 3.64
N ASN A 855 -56.62 14.38 4.70
CA ASN A 855 -56.16 14.03 6.02
C ASN A 855 -56.30 12.54 6.26
N LEU A 856 -57.51 12.00 6.10
CA LEU A 856 -57.65 10.55 6.28
C LEU A 856 -56.66 9.83 5.43
N MET A 857 -56.38 10.39 4.26
CA MET A 857 -55.20 9.97 3.54
C MET A 857 -53.96 10.24 4.36
N GLU A 858 -53.75 11.50 4.76
CA GLU A 858 -52.62 11.77 5.61
C GLU A 858 -52.63 10.83 6.80
N VAL A 859 -53.80 10.64 7.37
CA VAL A 859 -53.98 9.55 8.31
C VAL A 859 -53.60 8.24 7.66
N GLU A 860 -54.24 7.91 6.54
CA GLU A 860 -53.89 6.68 5.87
C GLU A 860 -52.39 6.61 5.67
N ASP A 861 -51.79 7.72 5.30
CA ASP A 861 -50.34 7.78 5.29
C ASP A 861 -49.79 7.54 6.68
N GLN A 862 -50.22 8.33 7.65
CA GLN A 862 -49.86 8.01 9.02
C GLN A 862 -50.21 6.56 9.31
N SER A 863 -51.36 6.11 8.83
CA SER A 863 -51.70 4.70 8.92
C SER A 863 -50.75 3.86 8.11
N SER A 864 -50.31 4.36 6.96
CA SER A 864 -49.35 3.59 6.19
C SER A 864 -48.16 3.21 7.06
N MET A 865 -47.80 4.09 7.99
CA MET A 865 -46.72 3.74 8.89
C MET A 865 -46.97 2.39 9.52
N ASN A 866 -48.23 2.06 9.81
CA ASN A 866 -48.53 0.79 10.44
C ASN A 866 -48.00 -0.35 9.62
N LEU A 867 -48.43 -0.43 8.38
CA LEU A 867 -47.81 -1.36 7.47
C LEU A 867 -46.31 -1.16 7.49
N PHE A 868 -45.87 0.07 7.26
CA PHE A 868 -44.44 0.32 7.35
C PHE A 868 -43.90 -0.22 8.65
N ASN A 869 -44.56 0.09 9.74
CA ASN A 869 -44.19 -0.54 10.99
C ASN A 869 -44.31 -2.04 10.94
N ASP A 870 -45.24 -2.56 10.15
CA ASP A 870 -45.69 -3.93 10.36
C ASP A 870 -44.56 -4.94 10.24
N TYR A 871 -43.42 -4.55 9.72
CA TYR A 871 -42.26 -5.42 9.82
C TYR A 871 -41.28 -4.85 10.83
N SER A 885 -45.38 -1.23 19.35
CA SER A 885 -46.23 -2.40 19.48
C SER A 885 -47.61 -2.20 18.84
N GLN A 886 -48.54 -3.10 19.16
CA GLN A 886 -49.92 -3.01 18.69
C GLN A 886 -50.03 -3.04 17.16
N SER A 887 -49.68 -4.19 16.59
CA SER A 887 -49.71 -4.34 15.14
C SER A 887 -51.11 -4.59 14.61
N THR A 888 -51.88 -5.42 15.30
CA THR A 888 -53.17 -5.83 14.78
C THR A 888 -54.08 -4.66 14.52
N ILE A 889 -53.77 -3.51 15.10
CA ILE A 889 -54.41 -2.28 14.66
C ILE A 889 -54.34 -2.21 13.16
N GLY A 890 -53.15 -2.40 12.60
CA GLY A 890 -53.07 -2.56 11.18
C GLY A 890 -54.03 -3.62 10.71
N ALA A 891 -53.95 -4.81 11.31
CA ALA A 891 -54.91 -5.85 10.96
C ALA A 891 -56.32 -5.35 11.15
N ILE A 892 -56.58 -4.73 12.29
CA ILE A 892 -57.85 -4.05 12.47
C ILE A 892 -58.10 -3.10 11.32
N ASN A 893 -57.14 -2.21 11.08
CA ASN A 893 -57.32 -1.22 10.03
C ASN A 893 -57.79 -1.82 8.72
N PRO A 894 -57.11 -2.80 8.14
CA PRO A 894 -57.69 -3.40 6.95
C PRO A 894 -59.01 -4.04 7.23
N LEU A 895 -59.08 -4.82 8.30
CA LEU A 895 -60.37 -5.36 8.69
C LEU A 895 -61.37 -4.24 8.76
N ALA A 896 -60.99 -3.13 9.36
CA ALA A 896 -61.76 -1.91 9.21
C ALA A 896 -61.88 -1.55 7.74
N GLU A 897 -60.77 -1.41 7.05
CA GLU A 897 -60.86 -0.99 5.67
C GLU A 897 -61.75 -1.92 4.87
N GLU A 898 -61.88 -3.16 5.31
CA GLU A 898 -62.57 -4.19 4.58
C GLU A 898 -64.03 -3.90 4.33
N TYR A 899 -64.59 -2.90 5.00
CA TYR A 899 -66.01 -2.90 5.32
C TYR A 899 -66.93 -3.17 4.13
N LEU A 900 -66.83 -2.40 3.07
CA LEU A 900 -67.87 -2.43 2.04
C LEU A 900 -67.95 -3.79 1.37
N ALA A 930 -68.76 2.05 -2.58
CA ALA A 930 -67.44 2.60 -2.39
C ALA A 930 -67.15 3.62 -3.46
N ALA A 931 -67.05 4.89 -3.08
CA ALA A 931 -66.84 5.96 -4.07
C ALA A 931 -65.58 6.77 -3.80
N ASP A 932 -65.58 7.64 -2.80
CA ASP A 932 -64.30 8.14 -2.36
C ASP A 932 -63.47 7.02 -1.79
N ILE A 933 -64.14 5.93 -1.41
CA ILE A 933 -63.46 4.74 -1.00
C ILE A 933 -62.57 4.23 -2.11
N ARG A 934 -62.73 4.76 -3.31
CA ARG A 934 -61.67 4.62 -4.29
C ARG A 934 -60.37 5.06 -3.68
N ARG A 935 -60.33 6.27 -3.13
CA ARG A 935 -59.17 6.65 -2.37
C ARG A 935 -58.90 5.64 -1.28
N LYS A 936 -59.95 5.08 -0.68
CA LYS A 936 -59.70 3.96 0.19
C LYS A 936 -59.24 2.77 -0.60
N LEU A 937 -59.92 2.48 -1.69
CA LEU A 937 -59.37 1.47 -2.57
C LEU A 937 -57.94 1.80 -2.88
N LEU A 938 -57.63 3.09 -3.00
CA LEU A 938 -56.23 3.45 -3.08
C LEU A 938 -55.51 2.94 -1.85
N MET A 939 -55.97 3.32 -0.69
CA MET A 939 -55.42 2.69 0.49
C MET A 939 -55.52 1.18 0.40
N LEU A 940 -56.62 0.67 -0.15
CA LEU A 940 -56.75 -0.78 -0.28
C LEU A 940 -55.50 -1.35 -0.90
N ILE A 941 -54.98 -0.65 -1.89
CA ILE A 941 -53.68 -1.03 -2.39
C ILE A 941 -52.60 -0.79 -1.36
N ASP A 942 -52.74 0.25 -0.56
CA ASP A 942 -51.55 0.80 0.05
C ASP A 942 -50.83 -0.22 0.89
N SER A 943 -51.47 -1.33 1.22
CA SER A 943 -50.78 -2.45 1.78
C SER A 943 -49.59 -2.80 0.92
N HIS A 953 -52.94 -12.21 8.61
CA HIS A 953 -51.67 -12.49 7.97
C HIS A 953 -51.66 -11.89 6.62
N LEU A 954 -50.47 -11.49 6.18
CA LEU A 954 -50.29 -11.25 4.77
C LEU A 954 -50.88 -12.42 4.01
N HIS A 955 -50.58 -13.64 4.47
CA HIS A 955 -51.32 -14.78 3.99
C HIS A 955 -52.81 -14.59 4.14
N MET A 956 -53.26 -14.28 5.34
CA MET A 956 -54.70 -14.22 5.56
C MET A 956 -55.30 -13.07 4.78
N TYR A 957 -54.47 -12.26 4.19
CA TYR A 957 -54.91 -10.94 3.81
C TYR A 957 -55.58 -10.93 2.56
N LEU A 958 -55.73 -12.13 2.04
CA LEU A 958 -56.13 -12.29 0.65
C LEU A 958 -57.30 -11.40 0.30
N MET A 959 -58.33 -11.38 1.15
CA MET A 959 -59.49 -10.59 0.83
C MET A 959 -59.13 -9.13 0.61
N LEU A 960 -57.95 -8.70 1.09
CA LEU A 960 -57.49 -7.38 0.72
C LEU A 960 -57.63 -7.19 -0.77
N LEU A 961 -57.32 -8.24 -1.52
CA LEU A 961 -57.65 -8.25 -2.92
C LEU A 961 -59.15 -8.20 -3.13
N LYS A 962 -59.89 -8.96 -2.32
CA LYS A 962 -61.31 -9.11 -2.60
C LYS A 962 -61.96 -7.76 -2.68
N GLU A 963 -61.28 -6.75 -2.16
CA GLU A 963 -61.63 -5.39 -2.50
C GLU A 963 -61.84 -5.28 -4.00
N LEU A 964 -60.78 -5.43 -4.74
CA LEU A 964 -60.88 -5.35 -6.17
C LEU A 964 -61.97 -6.26 -6.66
N PRO A 965 -62.12 -7.43 -6.01
CA PRO A 965 -62.91 -8.48 -6.66
C PRO A 965 -64.27 -8.01 -7.08
N GLY A 966 -64.98 -7.32 -6.21
CA GLY A 966 -66.04 -6.49 -6.70
C GLY A 966 -65.46 -5.30 -7.41
N GLU A 967 -64.54 -4.63 -6.76
CA GLU A 967 -64.20 -3.27 -7.11
C GLU A 967 -63.77 -3.17 -8.55
N GLU A 968 -62.74 -3.91 -8.89
CA GLU A 968 -62.34 -3.92 -10.26
C GLU A 968 -63.51 -4.26 -11.14
N TYR A 969 -64.15 -5.39 -10.86
CA TYR A 969 -65.32 -5.79 -11.62
C TYR A 969 -66.25 -4.61 -11.80
N PRO A 970 -66.56 -3.86 -10.75
CA PRO A 970 -67.30 -2.62 -10.96
C PRO A 970 -66.68 -1.74 -12.00
N LEU A 971 -65.40 -1.61 -12.03
CA LEU A 971 -65.00 -0.64 -13.00
C LEU A 971 -65.00 -1.29 -14.37
N PRO A 972 -65.92 -0.91 -15.25
CA PRO A 972 -65.61 -0.97 -16.68
C PRO A 972 -64.43 -0.12 -17.00
N MET A 973 -64.09 0.79 -16.11
CA MET A 973 -62.71 1.25 -15.98
C MET A 973 -62.11 1.84 -17.23
N GLU A 974 -62.77 2.83 -17.82
CA GLU A 974 -61.98 3.73 -18.65
C GLU A 974 -60.84 4.28 -17.82
N ASP A 975 -60.97 4.16 -16.51
CA ASP A 975 -59.99 4.58 -15.54
C ASP A 975 -58.73 3.74 -15.65
N VAL A 976 -57.67 4.30 -15.09
CA VAL A 976 -56.32 3.76 -15.06
C VAL A 976 -56.31 2.79 -13.91
N LEU A 977 -57.48 2.63 -13.33
CA LEU A 977 -57.63 2.28 -11.94
C LEU A 977 -56.69 1.17 -11.54
N GLU A 978 -56.52 0.21 -12.40
CA GLU A 978 -55.73 -0.87 -11.91
C GLU A 978 -54.28 -0.50 -11.96
N LEU A 979 -53.99 0.70 -12.45
CA LEU A 979 -52.63 1.14 -12.37
C LEU A 979 -52.11 0.89 -10.98
N LEU A 980 -52.88 1.29 -10.00
CA LEU A 980 -52.47 0.97 -8.65
C LEU A 980 -52.50 -0.52 -8.43
N LYS A 981 -53.41 -1.20 -9.11
CA LYS A 981 -53.60 -2.61 -8.84
C LYS A 981 -52.21 -3.21 -8.92
N PRO A 982 -51.41 -2.69 -9.80
CA PRO A 982 -50.04 -3.17 -9.85
C PRO A 982 -49.34 -3.13 -8.51
N LEU A 983 -49.42 -2.00 -7.83
CA LEU A 983 -48.74 -1.96 -6.57
C LEU A 983 -49.41 -2.92 -5.62
N SER A 984 -50.72 -3.02 -5.76
CA SER A 984 -51.45 -4.03 -5.03
C SER A 984 -50.96 -5.40 -5.43
N ASN A 985 -51.07 -5.71 -6.71
CA ASN A 985 -50.52 -6.97 -7.14
C ASN A 985 -49.10 -7.11 -6.69
N VAL A 986 -48.35 -6.01 -6.65
CA VAL A 986 -47.01 -6.07 -6.07
C VAL A 986 -47.10 -6.75 -4.71
N CYS A 987 -48.01 -6.30 -3.88
CA CYS A 987 -48.22 -7.07 -2.67
C CYS A 987 -48.72 -8.45 -2.99
N SER A 988 -49.68 -8.57 -3.91
CA SER A 988 -50.13 -9.90 -4.26
C SER A 988 -48.96 -10.77 -4.59
N LEU A 989 -48.08 -10.24 -5.42
CA LEU A 989 -46.77 -10.83 -5.53
C LEU A 989 -46.15 -11.01 -4.18
N TYR A 990 -46.10 -9.95 -3.38
CA TYR A 990 -45.40 -10.06 -2.12
C TYR A 990 -46.02 -11.15 -1.28
N ARG A 991 -47.18 -11.63 -1.67
CA ARG A 991 -47.68 -12.90 -1.19
C ARG A 991 -47.48 -13.98 -2.24
N ARG A 992 -48.31 -13.93 -3.28
CA ARG A 992 -48.68 -15.10 -4.08
C ARG A 992 -47.57 -16.12 -4.30
N CYS A 997 -54.21 -23.38 -1.68
CA CYS A 997 -55.57 -23.21 -1.20
C CYS A 997 -55.67 -21.87 -0.54
N LYS A 998 -55.28 -21.85 0.72
CA LYS A 998 -55.02 -20.56 1.35
C LYS A 998 -54.12 -19.74 0.46
N THR A 999 -53.08 -20.36 -0.07
CA THR A 999 -52.15 -19.64 -0.93
C THR A 999 -52.79 -19.23 -2.24
N ILE A 1000 -54.00 -19.70 -2.51
CA ILE A 1000 -54.37 -19.83 -3.92
C ILE A 1000 -55.00 -18.58 -4.49
N LEU A 1001 -56.24 -18.29 -4.10
CA LEU A 1001 -57.15 -17.58 -4.97
C LEU A 1001 -56.60 -16.26 -5.45
N ASN A 1002 -55.59 -15.75 -4.76
CA ASN A 1002 -55.08 -14.44 -5.08
C ASN A 1002 -54.67 -14.36 -6.53
N HIS A 1003 -53.75 -15.21 -6.93
CA HIS A 1003 -53.49 -15.31 -8.35
C HIS A 1003 -54.80 -15.57 -9.07
N VAL A 1004 -55.55 -16.56 -8.62
CA VAL A 1004 -56.82 -16.86 -9.24
C VAL A 1004 -57.63 -15.60 -9.38
N LEU A 1005 -57.67 -14.82 -8.33
CA LEU A 1005 -58.13 -13.46 -8.50
C LEU A 1005 -57.22 -12.72 -9.46
N HIS A 1006 -55.93 -12.62 -9.14
CA HIS A 1006 -55.06 -11.83 -9.98
C HIS A 1006 -55.14 -12.30 -11.41
N VAL A 1007 -55.53 -13.55 -11.60
CA VAL A 1007 -55.93 -13.99 -12.93
C VAL A 1007 -57.06 -13.11 -13.42
N VAL A 1008 -58.13 -13.02 -12.64
CA VAL A 1008 -59.17 -12.11 -13.07
C VAL A 1008 -58.55 -10.76 -13.31
N LYS A 1009 -57.61 -10.36 -12.47
CA LYS A 1009 -56.88 -9.14 -12.76
C LYS A 1009 -56.32 -9.22 -14.15
N ASN A 1010 -55.67 -10.31 -14.47
CA ASN A 1010 -55.24 -10.50 -15.84
C ASN A 1010 -56.44 -10.62 -16.75
N LEU A 1011 -57.41 -11.43 -16.36
CA LEU A 1011 -58.63 -11.42 -17.14
C LEU A 1011 -59.13 -10.01 -17.26
N GLY A 1012 -58.86 -9.19 -16.26
CA GLY A 1012 -59.08 -7.77 -16.41
C GLY A 1012 -58.45 -7.26 -17.68
N GLN A 1013 -57.42 -7.92 -18.13
CA GLN A 1013 -56.75 -7.49 -19.35
C GLN A 1013 -56.74 -8.54 -20.42
N SER A 1014 -56.07 -9.66 -20.19
CA SER A 1014 -55.96 -10.65 -21.24
C SER A 1014 -57.34 -10.96 -21.78
N ASN A 1015 -58.24 -11.35 -20.89
CA ASN A 1015 -59.61 -11.44 -21.32
C ASN A 1015 -60.04 -10.15 -21.98
N MET A 1016 -59.80 -9.01 -21.34
CA MET A 1016 -60.11 -7.76 -22.01
C MET A 1016 -59.51 -7.74 -23.39
N ASP A 1017 -58.25 -8.15 -23.52
CA ASP A 1017 -57.65 -8.25 -24.83
C ASP A 1017 -57.87 -6.98 -25.62
N SER A 1018 -57.84 -5.85 -24.93
CA SER A 1018 -58.27 -4.60 -25.53
C SER A 1018 -58.12 -3.50 -24.49
N GLU A 1019 -58.10 -2.26 -24.98
CA GLU A 1019 -58.24 -1.07 -24.14
C GLU A 1019 -57.18 -0.96 -23.05
N ASN A 1020 -55.91 -1.03 -23.42
CA ASN A 1020 -54.88 -0.71 -22.43
C ASN A 1020 -54.24 0.64 -22.67
N THR A 1021 -53.38 0.73 -23.67
CA THR A 1021 -52.63 1.94 -23.96
C THR A 1021 -51.71 2.16 -22.78
N ARG A 1022 -51.96 1.36 -21.78
CA ARG A 1022 -51.40 1.48 -20.49
C ARG A 1022 -50.90 0.15 -20.12
N ASP A 1023 -51.87 -0.73 -20.08
CA ASP A 1023 -52.07 -1.54 -18.92
C ASP A 1023 -50.89 -2.23 -18.31
N ALA A 1024 -50.41 -3.25 -18.97
CA ALA A 1024 -50.12 -4.46 -18.24
C ALA A 1024 -48.79 -4.41 -17.56
N GLN A 1025 -48.11 -3.28 -17.66
CA GLN A 1025 -46.71 -3.24 -17.29
C GLN A 1025 -46.47 -3.94 -15.96
N GLY A 1026 -47.37 -3.75 -15.01
CA GLY A 1026 -47.26 -4.57 -13.83
C GLY A 1026 -47.59 -6.00 -14.13
N GLN A 1027 -48.69 -6.23 -14.84
CA GLN A 1027 -48.96 -7.59 -15.26
C GLN A 1027 -47.71 -8.17 -15.86
N PHE A 1028 -46.99 -7.35 -16.60
CA PHE A 1028 -45.64 -7.74 -16.94
C PHE A 1028 -44.84 -8.00 -15.69
N LEU A 1029 -44.73 -7.01 -14.82
CA LEU A 1029 -43.96 -7.24 -13.61
C LEU A 1029 -44.48 -8.43 -12.84
N THR A 1030 -45.74 -8.80 -13.10
CA THR A 1030 -46.36 -9.86 -12.34
C THR A 1030 -45.65 -11.18 -12.48
N VAL A 1031 -44.72 -11.29 -13.42
CA VAL A 1031 -44.26 -12.63 -13.79
C VAL A 1031 -43.23 -13.15 -12.82
N ILE A 1032 -42.85 -12.37 -11.81
CA ILE A 1032 -41.78 -12.79 -10.93
C ILE A 1032 -42.15 -14.09 -10.26
N GLY A 1033 -41.14 -14.86 -9.89
CA GLY A 1033 -41.40 -16.11 -9.21
C GLY A 1033 -42.10 -17.11 -10.08
N ALA A 1034 -41.52 -17.42 -11.23
CA ALA A 1034 -42.14 -18.40 -12.12
C ALA A 1034 -42.12 -19.79 -11.51
N PHE A 1035 -43.26 -20.45 -11.55
CA PHE A 1035 -43.27 -21.86 -11.32
C PHE A 1035 -42.51 -22.45 -12.49
N LYS A 1043 -58.71 -22.99 -17.86
CA LYS A 1043 -58.57 -22.81 -19.30
C LYS A 1043 -58.20 -21.38 -19.57
N TYR A 1044 -59.19 -20.50 -19.41
CA TYR A 1044 -58.97 -19.08 -19.64
C TYR A 1044 -57.74 -18.62 -18.89
N ILE A 1045 -57.62 -18.94 -17.61
CA ILE A 1045 -56.42 -18.60 -16.86
C ILE A 1045 -55.36 -19.69 -16.92
N PHE A 1046 -55.69 -20.86 -17.47
CA PHE A 1046 -54.79 -22.00 -17.36
C PHE A 1046 -53.46 -21.70 -18.00
N SER A 1047 -53.47 -21.35 -19.27
CA SER A 1047 -52.24 -21.12 -20.01
C SER A 1047 -51.29 -20.18 -19.29
N VAL A 1048 -51.80 -19.05 -18.82
CA VAL A 1048 -50.93 -18.01 -18.29
C VAL A 1048 -50.21 -18.42 -17.04
N ARG A 1049 -50.80 -19.25 -16.19
CA ARG A 1049 -50.35 -19.21 -14.81
C ARG A 1049 -48.96 -19.76 -14.76
N MET A 1050 -48.06 -18.91 -14.29
CA MET A 1050 -46.62 -19.11 -14.31
C MET A 1050 -46.11 -19.35 -15.73
N ALA A 1051 -46.86 -18.95 -16.76
CA ALA A 1051 -46.27 -18.73 -18.06
C ALA A 1051 -46.59 -17.35 -18.58
N LEU A 1052 -47.81 -17.17 -19.04
CA LEU A 1052 -48.41 -15.87 -19.18
C LEU A 1052 -47.67 -15.10 -20.23
N VAL A 1053 -46.52 -15.61 -20.60
CA VAL A 1053 -45.60 -14.84 -21.39
C VAL A 1053 -46.03 -14.78 -22.82
N ASN A 1054 -46.80 -15.77 -23.27
CA ASN A 1054 -47.39 -15.64 -24.58
C ASN A 1054 -48.04 -14.29 -24.73
N CYS A 1055 -48.69 -13.84 -23.67
CA CYS A 1055 -49.08 -12.45 -23.62
C CYS A 1055 -47.84 -11.58 -23.72
N LEU A 1056 -46.90 -11.77 -22.80
CA LEU A 1056 -45.66 -11.02 -22.91
C LEU A 1056 -45.12 -11.14 -24.30
N LYS A 1057 -45.22 -12.34 -24.88
CA LYS A 1057 -44.98 -12.43 -26.30
C LYS A 1057 -45.96 -11.54 -27.04
N THR A 1058 -47.24 -11.79 -26.85
CA THR A 1058 -48.20 -10.97 -27.53
C THR A 1058 -47.97 -9.52 -27.18
N LEU A 1059 -47.28 -9.29 -26.08
CA LEU A 1059 -47.05 -7.95 -25.62
C LEU A 1059 -46.26 -7.18 -26.61
N LEU A 1060 -45.78 -7.83 -27.66
CA LEU A 1060 -44.73 -7.22 -28.43
C LEU A 1060 -45.26 -6.04 -29.22
N GLU A 1061 -46.10 -6.29 -30.20
CA GLU A 1061 -46.09 -5.35 -31.30
C GLU A 1061 -46.78 -4.05 -30.97
N ALA A 1062 -48.10 -4.07 -30.87
CA ALA A 1062 -48.83 -2.82 -30.93
C ALA A 1062 -48.84 -2.26 -29.53
N ASP A 1063 -48.26 -1.08 -29.41
CA ASP A 1063 -48.22 -0.48 -28.08
C ASP A 1063 -47.84 0.99 -28.15
N PRO A 1064 -47.77 1.68 -27.01
CA PRO A 1064 -46.83 2.78 -27.20
C PRO A 1064 -45.62 2.01 -27.55
N TYR A 1065 -44.95 2.35 -28.63
CA TYR A 1065 -44.61 1.24 -29.49
C TYR A 1065 -43.84 0.25 -28.68
N SER A 1066 -44.39 -0.95 -28.64
CA SER A 1066 -43.91 -1.94 -27.71
C SER A 1066 -43.61 -1.25 -26.40
N LYS A 1067 -44.64 -0.71 -25.80
CA LYS A 1067 -44.46 -0.28 -24.43
C LYS A 1067 -43.85 -1.43 -23.68
N TRP A 1068 -44.41 -2.59 -23.90
CA TRP A 1068 -43.97 -3.80 -23.29
C TRP A 1068 -42.54 -4.09 -23.56
N ALA A 1069 -41.98 -3.49 -24.60
CA ALA A 1069 -40.66 -3.91 -25.00
C ALA A 1069 -39.75 -4.00 -23.81
N ILE A 1070 -39.88 -3.05 -22.91
CA ILE A 1070 -39.16 -3.15 -21.65
C ILE A 1070 -39.36 -4.51 -21.04
N LEU A 1071 -40.59 -5.01 -21.10
CA LEU A 1071 -40.88 -6.20 -20.34
C LEU A 1071 -40.01 -7.35 -20.75
N ASN A 1072 -39.32 -7.20 -21.87
CA ASN A 1072 -38.36 -8.21 -22.22
C ASN A 1072 -37.48 -8.57 -21.06
N VAL A 1073 -37.09 -7.56 -20.27
CA VAL A 1073 -35.93 -7.71 -19.42
C VAL A 1073 -36.03 -8.95 -18.57
N MET A 1074 -37.11 -9.09 -17.85
CA MET A 1074 -37.10 -10.23 -16.96
C MET A 1074 -37.25 -11.54 -17.70
N GLY A 1075 -37.52 -11.50 -19.00
CA GLY A 1075 -38.24 -12.60 -19.60
C GLY A 1075 -37.63 -13.93 -19.27
N LYS A 1076 -36.35 -14.09 -19.55
CA LYS A 1076 -35.69 -15.30 -19.11
C LYS A 1076 -34.98 -15.06 -17.81
N ASP A 1077 -35.10 -13.85 -17.27
CA ASP A 1077 -33.96 -13.20 -16.66
C ASP A 1077 -33.21 -14.06 -15.64
N PHE A 1078 -33.86 -15.01 -14.99
CA PHE A 1078 -32.99 -15.92 -14.22
C PHE A 1078 -33.45 -17.36 -14.40
N PRO A 1079 -33.43 -17.86 -15.60
CA PRO A 1079 -34.18 -19.09 -15.87
C PRO A 1079 -33.51 -20.33 -15.35
N VAL A 1080 -34.09 -21.46 -15.71
CA VAL A 1080 -33.47 -22.75 -15.61
C VAL A 1080 -33.26 -23.25 -17.03
N ASN A 1081 -32.76 -24.47 -17.15
CA ASN A 1081 -32.10 -24.81 -18.41
C ASN A 1081 -33.12 -25.06 -19.50
N GLU A 1082 -33.85 -26.15 -19.41
CA GLU A 1082 -34.95 -26.32 -20.34
C GLU A 1082 -35.84 -25.10 -20.27
N VAL A 1083 -35.93 -24.49 -19.11
CA VAL A 1083 -36.54 -23.18 -19.04
C VAL A 1083 -35.82 -22.24 -19.98
N PHE A 1084 -34.52 -22.07 -19.81
CA PHE A 1084 -33.79 -21.26 -20.77
C PHE A 1084 -34.08 -21.74 -22.16
N THR A 1085 -34.05 -23.06 -22.34
CA THR A 1085 -34.49 -23.59 -23.63
C THR A 1085 -35.90 -23.13 -23.94
N GLN A 1086 -36.83 -23.38 -23.02
CA GLN A 1086 -38.14 -22.80 -23.19
C GLN A 1086 -38.01 -21.32 -23.44
N PHE A 1087 -37.27 -20.64 -22.58
CA PHE A 1087 -37.01 -19.24 -22.80
C PHE A 1087 -36.47 -19.02 -24.19
N LEU A 1088 -35.48 -19.81 -24.58
CA LEU A 1088 -35.10 -19.77 -25.97
C LEU A 1088 -36.31 -20.01 -26.85
N ALA A 1089 -37.01 -21.11 -26.61
CA ALA A 1089 -38.23 -21.35 -27.35
C ALA A 1089 -39.09 -20.12 -27.32
N ASP A 1090 -39.26 -19.56 -26.15
CA ASP A 1090 -39.81 -18.23 -26.10
C ASP A 1090 -38.97 -17.27 -26.93
N ASN A 1091 -37.67 -17.17 -26.64
CA ASN A 1091 -36.85 -16.24 -27.39
C ASN A 1091 -37.08 -16.44 -28.86
N HIS A 1092 -37.17 -17.69 -29.25
CA HIS A 1092 -37.73 -17.98 -30.55
C HIS A 1092 -39.15 -17.45 -30.64
N HIS A 1093 -40.02 -17.90 -29.75
CA HIS A 1093 -41.39 -17.43 -29.82
C HIS A 1093 -41.39 -15.93 -29.88
N GLN A 1094 -40.48 -15.33 -29.15
CA GLN A 1094 -40.23 -13.92 -29.33
C GLN A 1094 -39.76 -13.64 -30.74
N VAL A 1095 -38.63 -14.24 -31.10
CA VAL A 1095 -38.18 -14.07 -32.46
C VAL A 1095 -39.33 -14.38 -33.39
N ARG A 1096 -40.00 -15.49 -33.12
CA ARG A 1096 -41.26 -15.77 -33.81
C ARG A 1096 -42.21 -14.61 -33.69
N MET A 1097 -42.48 -14.17 -32.47
CA MET A 1097 -43.42 -13.08 -32.33
C MET A 1097 -43.02 -11.92 -33.23
N LEU A 1098 -41.73 -11.71 -33.44
CA LEU A 1098 -41.32 -10.55 -34.20
C LEU A 1098 -41.89 -10.57 -35.60
N ALA A 1099 -42.44 -11.71 -36.02
CA ALA A 1099 -42.80 -11.91 -37.41
C ALA A 1099 -43.68 -10.78 -37.93
N ALA A 1100 -44.79 -10.51 -37.26
CA ALA A 1100 -45.80 -9.66 -37.89
C ALA A 1100 -45.24 -8.31 -38.27
N GLU A 1101 -44.37 -7.74 -37.46
CA GLU A 1101 -43.76 -6.49 -37.84
C GLU A 1101 -42.45 -6.80 -38.51
N SER A 1114 -46.83 2.15 -43.87
CA SER A 1114 -46.13 3.43 -43.92
C SER A 1114 -44.83 3.33 -43.13
N SER A 1115 -44.65 4.25 -42.19
CA SER A 1115 -43.47 4.21 -41.33
C SER A 1115 -43.68 3.27 -40.19
N ARG A 1116 -44.83 2.63 -40.19
CA ARG A 1116 -45.06 1.52 -39.28
C ARG A 1116 -43.94 0.50 -39.39
N LEU A 1117 -43.33 0.40 -40.55
CA LEU A 1117 -42.08 -0.33 -40.62
C LEU A 1117 -41.01 0.41 -39.85
N LEU A 1118 -40.80 1.69 -40.16
CA LEU A 1118 -39.94 2.48 -39.31
C LEU A 1118 -40.40 2.38 -37.89
N LYS A 1119 -41.69 2.18 -37.68
CA LYS A 1119 -42.12 1.69 -36.40
C LYS A 1119 -41.70 0.25 -36.21
N ALA A 1120 -42.03 -0.64 -37.14
CA ALA A 1120 -41.58 -2.01 -36.96
C ALA A 1120 -40.10 -2.02 -36.74
N LEU A 1121 -39.42 -1.05 -37.32
CA LEU A 1121 -38.03 -0.82 -36.97
C LEU A 1121 -37.85 -0.79 -35.47
N PRO A 1122 -38.46 0.02 -34.74
CA PRO A 1122 -38.55 -0.39 -33.35
C PRO A 1122 -39.33 -1.66 -33.25
N LEU A 1123 -40.48 -1.64 -33.93
CA LEU A 1123 -41.59 -2.40 -33.40
C LEU A 1123 -41.43 -3.86 -33.65
N LYS A 1124 -41.13 -4.25 -34.87
CA LYS A 1124 -40.43 -5.50 -34.89
C LYS A 1124 -39.07 -5.31 -34.25
N LEU A 1125 -38.33 -4.37 -34.77
CA LEU A 1125 -36.91 -4.58 -34.76
C LEU A 1125 -36.24 -4.08 -33.53
N GLN A 1126 -36.21 -2.77 -33.28
CA GLN A 1126 -35.55 -2.38 -32.05
C GLN A 1126 -36.15 -3.17 -30.92
N GLN A 1127 -37.41 -3.54 -31.08
CA GLN A 1127 -37.97 -4.55 -30.21
C GLN A 1127 -37.24 -5.85 -30.37
N THR A 1128 -37.19 -6.38 -31.57
CA THR A 1128 -36.34 -7.55 -31.66
C THR A 1128 -34.94 -7.18 -31.23
N ALA A 1129 -34.50 -5.97 -31.56
CA ALA A 1129 -33.23 -5.54 -31.00
C ALA A 1129 -33.32 -5.56 -29.51
N PHE A 1130 -34.41 -5.06 -28.98
CA PHE A 1130 -34.63 -5.32 -27.58
C PHE A 1130 -34.58 -6.80 -27.32
N GLU A 1131 -35.28 -7.57 -28.16
CA GLU A 1131 -35.33 -9.00 -27.91
C GLU A 1131 -33.93 -9.52 -27.73
N ASN A 1132 -32.99 -8.93 -28.44
CA ASN A 1132 -31.62 -9.19 -28.09
C ASN A 1132 -31.36 -8.88 -26.64
N ALA A 1133 -31.65 -7.66 -26.21
CA ALA A 1133 -31.10 -7.22 -24.94
C ALA A 1133 -31.36 -8.23 -23.86
N TYR A 1134 -32.49 -8.91 -23.96
CA TYR A 1134 -32.65 -10.07 -23.12
C TYR A 1134 -31.52 -11.04 -23.34
N LEU A 1135 -31.34 -11.46 -24.57
CA LEU A 1135 -30.19 -12.30 -24.85
C LEU A 1135 -28.93 -11.62 -24.38
N LYS A 1136 -28.97 -10.30 -24.32
CA LYS A 1136 -27.79 -9.73 -23.73
C LYS A 1136 -27.62 -10.18 -22.31
N ALA A 1137 -28.61 -10.83 -21.72
CA ALA A 1137 -28.40 -11.15 -20.31
C ALA A 1137 -27.44 -12.31 -20.12
N GLN A 1138 -27.86 -13.53 -20.45
CA GLN A 1138 -27.30 -14.66 -19.72
C GLN A 1138 -26.64 -15.76 -20.56
N GLU A 1139 -27.42 -16.60 -21.22
CA GLU A 1139 -26.88 -17.92 -21.53
C GLU A 1139 -27.95 -18.70 -22.25
N GLY A 1140 -27.58 -19.90 -22.68
CA GLY A 1140 -28.35 -20.51 -23.71
C GLY A 1140 -28.41 -19.56 -24.86
N MET A 1141 -27.31 -18.87 -25.14
CA MET A 1141 -27.32 -17.70 -25.99
C MET A 1141 -28.09 -17.95 -27.25
N ARG A 1142 -27.58 -18.80 -28.12
CA ARG A 1142 -28.05 -18.80 -29.48
C ARG A 1142 -28.01 -17.36 -29.94
N GLU A 1143 -27.03 -16.65 -29.43
CA GLU A 1143 -27.24 -15.24 -29.24
C GLU A 1143 -27.41 -14.53 -30.56
N MET A 1144 -26.43 -14.65 -31.42
CA MET A 1144 -26.64 -14.12 -32.75
C MET A 1144 -27.27 -15.15 -33.65
N SER A 1145 -27.46 -16.38 -33.15
CA SER A 1145 -28.32 -17.27 -33.90
C SER A 1145 -29.60 -16.56 -34.19
N HIS A 1146 -30.03 -15.72 -33.25
CA HIS A 1146 -30.97 -14.69 -33.61
C HIS A 1146 -30.39 -13.81 -34.70
N SER A 1147 -29.24 -13.20 -34.43
CA SER A 1147 -28.73 -12.22 -35.37
C SER A 1147 -28.53 -12.83 -36.72
N ALA A 1148 -28.60 -14.14 -36.79
CA ALA A 1148 -28.90 -14.73 -38.09
C ALA A 1148 -30.06 -14.01 -38.72
N GLU A 1149 -31.14 -13.84 -37.98
CA GLU A 1149 -32.18 -12.96 -38.49
C GLU A 1149 -31.64 -11.58 -38.78
N ASN A 1150 -30.62 -11.15 -38.06
CA ASN A 1150 -30.23 -9.76 -38.19
C ASN A 1150 -29.97 -9.48 -39.65
N PRO A 1151 -29.42 -10.39 -40.38
CA PRO A 1151 -29.59 -10.37 -41.83
C PRO A 1151 -30.98 -10.65 -42.32
N GLU A 1152 -31.62 -11.66 -41.73
CA GLU A 1152 -32.89 -12.09 -42.28
C GLU A 1152 -33.95 -11.07 -41.95
N THR A 1153 -33.91 -10.58 -40.74
CA THR A 1153 -34.60 -9.35 -40.38
C THR A 1153 -33.77 -8.15 -40.75
N LEU A 1154 -32.58 -8.37 -41.30
CA LEU A 1154 -31.81 -7.33 -41.97
C LEU A 1154 -31.54 -6.19 -41.02
N ASP A 1155 -31.59 -6.46 -39.74
CA ASP A 1155 -31.69 -5.34 -38.84
C ASP A 1155 -30.36 -4.66 -38.56
N GLU A 1156 -29.30 -5.43 -38.32
CA GLU A 1156 -28.18 -4.90 -37.57
C GLU A 1156 -27.54 -3.72 -38.24
N ILE A 1157 -27.89 -3.49 -39.51
CA ILE A 1157 -27.36 -2.42 -40.30
C ILE A 1157 -27.69 -1.09 -39.69
N TYR A 1158 -28.54 -1.11 -38.69
CA TYR A 1158 -28.93 0.11 -38.02
C TYR A 1158 -27.80 0.39 -37.08
N ASN A 1159 -26.79 -0.47 -37.12
CA ASN A 1159 -25.80 -0.50 -36.07
C ASN A 1159 -26.48 -0.93 -34.80
N ARG A 1160 -27.56 -1.66 -34.95
CA ARG A 1160 -27.91 -2.55 -33.87
C ARG A 1160 -26.70 -3.39 -33.53
N LYS A 1161 -25.87 -3.63 -34.53
CA LYS A 1161 -24.53 -4.03 -34.23
C LYS A 1161 -23.91 -3.09 -33.21
N SER A 1162 -23.93 -1.79 -33.49
CA SER A 1162 -23.35 -0.89 -32.49
C SER A 1162 -23.97 -1.16 -31.15
N VAL A 1163 -25.28 -1.33 -31.13
CA VAL A 1163 -25.86 -1.84 -29.92
C VAL A 1163 -25.23 -3.16 -29.58
N LEU A 1164 -25.30 -4.12 -30.48
CA LEU A 1164 -24.62 -5.36 -30.19
C LEU A 1164 -23.21 -5.07 -29.76
N LEU A 1165 -22.56 -4.17 -30.47
CA LEU A 1165 -21.26 -3.73 -30.02
C LEU A 1165 -21.36 -3.17 -28.64
N THR A 1166 -22.20 -2.17 -28.45
CA THR A 1166 -22.44 -1.74 -27.09
C THR A 1166 -22.74 -2.93 -26.23
N LEU A 1167 -23.64 -3.80 -26.69
CA LEU A 1167 -23.94 -4.98 -25.93
C LEU A 1167 -22.68 -5.71 -25.56
N ILE A 1168 -21.69 -5.70 -26.44
CA ILE A 1168 -20.45 -6.35 -26.10
C ILE A 1168 -19.81 -5.75 -24.88
N ALA A 1169 -20.24 -4.56 -24.45
CA ALA A 1169 -19.45 -3.85 -23.47
C ALA A 1169 -19.19 -4.67 -22.23
N VAL A 1170 -19.97 -5.71 -21.99
CA VAL A 1170 -19.56 -6.69 -21.01
C VAL A 1170 -18.13 -7.15 -21.29
N VAL A 1171 -17.86 -7.61 -22.51
CA VAL A 1171 -16.61 -8.31 -22.80
C VAL A 1171 -15.75 -7.51 -23.77
N LEU A 1172 -14.61 -8.07 -24.17
CA LEU A 1172 -13.78 -7.38 -25.15
C LEU A 1172 -14.27 -7.66 -26.56
N SER A 1173 -13.60 -7.06 -27.53
CA SER A 1173 -14.22 -6.82 -28.83
C SER A 1173 -14.48 -8.13 -29.58
N CYS A 1174 -15.72 -8.29 -30.03
CA CYS A 1174 -16.11 -9.37 -30.92
C CYS A 1174 -15.69 -10.71 -30.36
N SER A 1175 -15.65 -10.78 -29.05
CA SER A 1175 -15.21 -11.98 -28.40
C SER A 1175 -16.17 -13.11 -28.72
N PRO A 1176 -17.45 -12.96 -28.36
CA PRO A 1176 -18.38 -14.00 -28.74
C PRO A 1176 -18.51 -14.10 -30.22
N ILE A 1177 -18.41 -12.96 -30.88
CA ILE A 1177 -18.36 -12.97 -32.33
C ILE A 1177 -17.34 -14.00 -32.76
N CYS A 1178 -16.16 -13.94 -32.17
CA CYS A 1178 -15.33 -15.10 -32.28
C CYS A 1178 -16.08 -16.30 -31.72
N GLU A 1179 -16.47 -16.21 -30.47
CA GLU A 1179 -16.76 -17.43 -29.75
C GLU A 1179 -17.82 -18.23 -30.47
N LYS A 1180 -18.96 -17.62 -30.66
CA LYS A 1180 -20.06 -18.38 -31.21
C LYS A 1180 -19.90 -18.56 -32.70
N GLN A 1181 -18.96 -17.87 -33.30
CA GLN A 1181 -18.67 -18.33 -34.63
C GLN A 1181 -18.36 -19.80 -34.61
N ALA A 1182 -17.91 -20.31 -33.47
CA ALA A 1182 -17.93 -21.74 -33.29
C ALA A 1182 -19.31 -22.24 -33.64
N LEU A 1183 -20.30 -21.69 -32.97
CA LEU A 1183 -21.65 -22.15 -33.23
C LEU A 1183 -22.18 -21.67 -34.55
N PHE A 1184 -21.47 -20.76 -35.20
CA PHE A 1184 -21.96 -20.33 -36.48
C PHE A 1184 -22.25 -21.49 -37.41
N ALA A 1185 -21.44 -22.54 -37.35
CA ALA A 1185 -21.52 -23.58 -38.35
C ALA A 1185 -22.88 -24.21 -38.41
N LEU A 1186 -23.71 -23.96 -37.41
CA LEU A 1186 -25.09 -24.38 -37.50
C LEU A 1186 -25.69 -23.94 -38.81
N CYS A 1187 -25.29 -22.80 -39.29
CA CYS A 1187 -25.81 -22.29 -40.54
C CYS A 1187 -25.48 -23.28 -41.64
N VAL A 1200 -28.20 -22.12 -45.72
CA VAL A 1200 -27.83 -21.49 -46.98
C VAL A 1200 -26.92 -20.31 -46.71
N LYS A 1201 -26.00 -20.49 -45.78
CA LYS A 1201 -25.17 -19.42 -45.24
C LYS A 1201 -23.88 -19.23 -46.01
N LYS A 1202 -23.72 -19.95 -47.13
CA LYS A 1202 -22.39 -20.32 -47.60
C LYS A 1202 -21.43 -19.15 -47.60
N VAL A 1203 -21.78 -18.03 -48.22
CA VAL A 1203 -21.23 -16.76 -47.77
C VAL A 1203 -22.18 -16.03 -46.85
N LEU A 1204 -23.38 -16.57 -46.63
CA LEU A 1204 -24.45 -15.74 -46.09
C LEU A 1204 -24.31 -15.46 -44.61
N GLU A 1205 -24.06 -16.48 -43.78
CA GLU A 1205 -23.79 -16.16 -42.40
C GLU A 1205 -22.71 -15.10 -42.34
N LYS A 1206 -21.69 -15.25 -43.15
CA LYS A 1206 -20.53 -14.40 -43.18
C LYS A 1206 -20.86 -12.95 -43.34
N VAL A 1207 -22.03 -12.64 -43.90
CA VAL A 1207 -22.46 -11.26 -43.84
C VAL A 1207 -22.32 -10.77 -42.43
N SER A 1208 -22.63 -11.63 -41.48
CA SER A 1208 -22.47 -11.21 -40.12
C SER A 1208 -21.05 -10.82 -39.80
N GLU A 1209 -20.11 -11.15 -40.66
CA GLU A 1209 -18.78 -10.64 -40.48
C GLU A 1209 -18.60 -9.26 -41.06
N THR A 1210 -19.64 -8.70 -41.66
CA THR A 1210 -19.53 -7.38 -42.23
C THR A 1210 -19.29 -6.33 -41.17
N PHE A 1211 -21.73 -8.13 -40.20
CA PHE A 1211 -21.58 -7.32 -39.02
C PHE A 1211 -20.19 -7.33 -38.46
N GLY A 1212 -19.68 -8.51 -38.18
CA GLY A 1212 -18.40 -8.64 -37.51
C GLY A 1212 -17.27 -8.00 -38.26
N MET A 1220 -12.05 -12.06 -42.31
CA MET A 1220 -12.52 -13.09 -43.22
C MET A 1220 -11.54 -14.24 -43.22
N ALA A 1221 -11.20 -14.76 -42.04
CA ALA A 1221 -10.11 -15.72 -42.02
C ALA A 1221 -10.41 -17.08 -41.44
N SER A 1222 -10.54 -17.17 -40.13
CA SER A 1222 -10.02 -18.37 -39.48
C SER A 1222 -10.92 -19.59 -39.60
N HIS A 1223 -12.22 -19.41 -39.65
CA HIS A 1223 -13.09 -20.50 -39.23
C HIS A 1223 -13.25 -21.50 -40.28
N LEU A 1224 -12.60 -21.27 -41.41
CA LEU A 1224 -12.64 -22.27 -42.46
C LEU A 1224 -12.26 -23.60 -41.90
N ASP A 1225 -11.56 -23.58 -40.79
CA ASP A 1225 -11.48 -24.81 -40.03
C ASP A 1225 -12.88 -25.38 -39.87
N TYR A 1226 -13.80 -24.58 -39.35
CA TYR A 1226 -15.16 -25.06 -39.33
C TYR A 1226 -15.56 -25.49 -40.71
N LEU A 1227 -15.10 -24.79 -41.72
CA LEU A 1227 -15.50 -25.17 -43.05
C LEU A 1227 -15.08 -26.58 -43.36
N VAL A 1228 -14.22 -27.16 -42.55
CA VAL A 1228 -13.99 -28.58 -42.69
C VAL A 1228 -15.33 -29.26 -42.57
N LEU A 1229 -16.28 -28.60 -41.94
CA LEU A 1229 -17.62 -29.11 -42.05
C LEU A 1229 -17.99 -29.30 -43.50
N GLU A 1230 -17.47 -28.49 -44.41
CA GLU A 1230 -17.69 -28.79 -45.81
C GLU A 1230 -17.09 -30.13 -46.15
N TRP A 1231 -15.90 -30.38 -45.67
CA TRP A 1231 -15.40 -31.73 -45.74
C TRP A 1231 -16.28 -32.66 -44.96
N LEU A 1232 -16.91 -32.16 -43.91
CA LEU A 1232 -17.85 -32.98 -43.25
C LEU A 1232 -19.07 -33.06 -44.13
N PHE A 1246 -17.27 -29.41 -49.29
CA PHE A 1246 -15.85 -29.67 -49.40
C PHE A 1246 -15.13 -28.51 -50.06
N ILE A 1247 -14.63 -28.72 -51.28
CA ILE A 1247 -13.58 -27.85 -51.81
C ILE A 1247 -14.11 -26.56 -52.38
N LEU A 1248 -15.41 -26.37 -52.38
CA LEU A 1248 -15.89 -25.01 -52.51
C LEU A 1248 -15.13 -24.14 -51.54
N LEU A 1249 -14.89 -24.69 -50.37
CA LEU A 1249 -13.91 -24.09 -49.50
C LEU A 1249 -12.63 -23.82 -50.27
N ASN A 1250 -12.10 -24.83 -50.95
CA ASN A 1250 -10.86 -24.57 -51.67
C ASN A 1250 -11.02 -23.33 -52.50
N TYR A 1251 -12.14 -23.22 -53.19
CA TYR A 1251 -12.48 -21.94 -53.77
C TYR A 1251 -12.62 -20.88 -52.70
N THR A 1252 -13.49 -21.11 -51.74
CA THR A 1252 -13.61 -20.15 -50.66
C THR A 1252 -12.26 -19.87 -50.07
N ASN A 1253 -11.42 -20.89 -50.00
CA ASN A 1253 -10.03 -20.63 -49.78
C ASN A 1253 -9.48 -19.81 -50.91
N ILE A 1254 -9.59 -20.35 -52.12
CA ILE A 1254 -8.97 -19.71 -53.26
C ILE A 1254 -9.41 -18.28 -53.29
N GLU A 1255 -10.61 -18.02 -52.77
CA GLU A 1255 -11.01 -16.66 -52.49
C GLU A 1255 -9.88 -15.94 -51.78
N ASP A 1256 -9.54 -16.39 -50.59
CA ASP A 1256 -8.37 -15.82 -49.96
C ASP A 1256 -7.15 -16.37 -50.68
N PHE A 1257 -6.97 -17.67 -50.61
CA PHE A 1257 -6.08 -18.44 -51.46
C PHE A 1257 -6.24 -19.89 -51.04
N TYR A 1258 -5.83 -20.83 -51.89
CA TYR A 1258 -5.89 -22.25 -51.59
C TYR A 1258 -4.60 -22.79 -51.01
N ARG A 1259 -3.62 -21.90 -50.80
CA ARG A 1259 -2.29 -22.32 -50.37
C ARG A 1259 -2.37 -23.05 -49.05
N SER A 1260 -3.49 -22.97 -48.40
CA SER A 1260 -3.72 -23.53 -47.10
C SER A 1260 -4.11 -24.95 -47.17
N CYS A 1261 -4.10 -25.56 -48.36
CA CYS A 1261 -4.89 -26.75 -48.63
C CYS A 1261 -4.73 -27.71 -47.48
N TYR A 1262 -3.53 -27.86 -46.95
CA TYR A 1262 -3.40 -28.46 -45.64
C TYR A 1262 -3.58 -27.52 -44.46
N LYS A 1263 -3.39 -26.22 -44.66
CA LYS A 1263 -2.59 -25.47 -43.69
C LYS A 1263 -3.10 -25.64 -42.27
N VAL A 1264 -4.34 -25.27 -42.02
CA VAL A 1264 -4.82 -25.21 -40.65
C VAL A 1264 -5.40 -26.52 -40.21
N LEU A 1265 -5.29 -27.54 -41.05
CA LEU A 1265 -6.17 -28.68 -40.96
C LEU A 1265 -6.17 -29.29 -39.58
N ILE A 1266 -5.15 -29.02 -38.80
CA ILE A 1266 -5.16 -29.46 -37.43
C ILE A 1266 -6.50 -29.07 -36.85
N PRO A 1267 -6.83 -27.79 -36.90
CA PRO A 1267 -8.12 -27.39 -36.33
C PRO A 1267 -9.21 -28.27 -36.83
N HIS A 1268 -9.17 -28.54 -38.12
CA HIS A 1268 -10.06 -29.56 -38.61
C HIS A 1268 -9.62 -30.92 -38.11
N LEU A 1269 -8.34 -31.18 -38.12
CA LEU A 1269 -7.93 -32.47 -37.62
C LEU A 1269 -8.54 -32.67 -36.25
N VAL A 1270 -8.78 -31.59 -35.55
CA VAL A 1270 -9.63 -31.67 -34.38
C VAL A 1270 -11.02 -32.11 -34.78
N ILE A 1271 -11.64 -31.40 -35.71
CA ILE A 1271 -12.86 -31.98 -36.21
C ILE A 1271 -12.57 -33.38 -36.65
N ARG A 1272 -11.44 -33.58 -37.30
CA ARG A 1272 -11.09 -34.94 -37.62
C ARG A 1272 -10.91 -35.72 -36.35
N SER A 1273 -10.35 -35.10 -35.33
CA SER A 1273 -10.40 -35.78 -34.06
C SER A 1273 -11.83 -36.03 -33.70
N HIS A 1274 -12.63 -34.98 -33.74
CA HIS A 1274 -14.06 -35.19 -33.59
C HIS A 1274 -14.52 -36.26 -34.55
N PHE A 1275 -14.05 -36.17 -35.78
CA PHE A 1275 -14.34 -37.27 -36.69
C PHE A 1275 -13.75 -38.55 -36.16
N ASP A 1276 -12.46 -38.54 -35.89
CA ASP A 1276 -11.88 -39.69 -35.24
C ASP A 1276 -12.67 -40.06 -34.01
N GLU A 1277 -13.15 -39.07 -33.28
CA GLU A 1277 -14.05 -39.37 -32.19
C GLU A 1277 -15.27 -40.08 -32.72
N VAL A 1278 -15.94 -39.48 -33.70
CA VAL A 1278 -17.02 -40.22 -34.35
C VAL A 1278 -16.46 -41.51 -34.92
N LYS A 1279 -15.20 -41.49 -35.32
CA LYS A 1279 -14.59 -42.74 -35.72
C LYS A 1279 -14.25 -43.62 -34.54
N SER A 1280 -14.41 -43.15 -33.31
CA SER A 1280 -13.75 -43.85 -32.18
C SER A 1280 -14.63 -44.86 -31.44
N ILE A 1281 -15.59 -44.40 -30.66
CA ILE A 1281 -16.17 -45.28 -29.64
C ILE A 1281 -17.70 -45.29 -29.63
N GLN A 1286 -24.01 -43.75 -32.98
CA GLN A 1286 -24.37 -42.36 -33.19
C GLN A 1286 -24.23 -41.96 -34.65
N GLU A 1287 -25.02 -40.97 -35.05
CA GLU A 1287 -25.01 -40.53 -36.43
C GLU A 1287 -23.66 -39.94 -36.81
N ASP A 1288 -23.11 -39.05 -35.99
CA ASP A 1288 -21.75 -38.64 -36.21
C ASP A 1288 -20.85 -39.87 -36.32
N TRP A 1289 -20.93 -40.76 -35.34
CA TRP A 1289 -20.19 -42.02 -35.45
C TRP A 1289 -20.50 -42.69 -36.76
N LYS A 1290 -21.78 -42.84 -37.07
CA LYS A 1290 -22.15 -43.21 -38.43
C LYS A 1290 -21.46 -42.29 -39.42
N SER A 1291 -21.49 -40.99 -39.17
CA SER A 1291 -20.94 -40.06 -40.14
C SER A 1291 -19.43 -40.22 -40.28
N LEU A 1292 -18.79 -40.99 -39.41
CA LEU A 1292 -17.35 -40.91 -39.29
C LEU A 1292 -16.64 -41.23 -40.60
N LEU A 1293 -17.35 -41.79 -41.56
CA LEU A 1293 -16.74 -42.30 -42.77
C LEU A 1293 -15.97 -41.25 -43.54
N THR A 1294 -16.24 -39.97 -43.35
CA THR A 1294 -15.51 -38.99 -44.14
C THR A 1294 -14.03 -39.12 -43.90
N ASP A 1295 -13.65 -39.84 -42.86
CA ASP A 1295 -12.30 -39.80 -42.33
C ASP A 1295 -11.25 -40.00 -43.41
N CYS A 1296 -11.54 -40.80 -44.42
CA CYS A 1296 -10.54 -40.98 -45.44
C CYS A 1296 -10.23 -39.69 -46.18
N PHE A 1297 -11.03 -38.66 -45.97
CA PHE A 1297 -10.99 -37.42 -46.72
C PHE A 1297 -9.56 -36.89 -46.78
N PRO A 1298 -8.79 -37.06 -45.71
CA PRO A 1298 -7.41 -36.57 -45.72
C PRO A 1298 -6.59 -37.01 -46.92
N LYS A 1299 -6.96 -38.10 -47.57
CA LYS A 1299 -6.05 -38.79 -48.47
C LYS A 1299 -5.55 -37.91 -49.60
N ILE A 1300 -6.16 -36.75 -49.80
CA ILE A 1300 -5.42 -35.69 -50.46
C ILE A 1300 -4.08 -35.53 -49.79
N LEU A 1301 -4.03 -35.80 -48.49
CA LEU A 1301 -2.81 -35.81 -47.70
C LEU A 1301 -2.50 -37.22 -47.18
N VAL A 1302 -1.21 -37.53 -47.19
CA VAL A 1302 -0.58 -38.73 -46.62
C VAL A 1302 -0.05 -38.49 -45.20
N ASN A 1303 -0.33 -37.32 -44.66
CA ASN A 1303 0.60 -36.51 -43.87
C ASN A 1303 0.69 -36.90 -42.40
N ILE A 1304 0.04 -37.98 -41.96
CA ILE A 1304 -0.41 -38.12 -40.58
C ILE A 1304 0.67 -37.83 -39.58
N LEU A 1305 1.93 -37.92 -40.00
CA LEU A 1305 3.03 -37.39 -39.19
C LEU A 1305 2.68 -36.07 -38.56
N PRO A 1306 2.00 -35.15 -39.25
CA PRO A 1306 1.63 -33.88 -38.63
C PRO A 1306 0.83 -34.06 -37.36
N TYR A 1307 0.34 -35.27 -37.12
CA TYR A 1307 -0.20 -35.61 -35.82
C TYR A 1307 0.92 -35.36 -34.83
N PHE A 1308 2.11 -35.14 -35.37
CA PHE A 1308 3.19 -34.59 -34.58
C PHE A 1308 2.70 -33.46 -33.70
N ALA A 1309 2.26 -32.38 -34.29
CA ALA A 1309 2.22 -31.14 -33.55
C ALA A 1309 1.01 -31.07 -32.68
N TYR A 1310 0.29 -32.14 -32.69
CA TYR A 1310 -1.15 -32.15 -32.58
C TYR A 1310 -1.63 -31.93 -31.17
N GLU A 1311 -2.94 -32.14 -31.04
CA GLU A 1311 -3.72 -32.45 -29.87
C GLU A 1311 -4.22 -31.24 -29.13
N GLY A 1312 -3.79 -30.05 -29.49
CA GLY A 1312 -4.20 -28.93 -28.69
C GLY A 1312 -5.70 -28.86 -28.57
N THR A 1313 -6.40 -28.84 -29.68
CA THR A 1313 -7.84 -28.82 -29.53
C THR A 1313 -8.36 -30.18 -29.17
N ARG A 1314 -7.64 -31.22 -29.56
CA ARG A 1314 -7.97 -32.52 -29.03
C ARG A 1314 -8.11 -32.40 -27.55
N ASP A 1315 -7.15 -31.73 -26.95
CA ASP A 1315 -7.43 -31.18 -25.65
C ASP A 1315 -8.65 -30.29 -25.76
N SER A 1316 -8.53 -29.17 -26.46
CA SER A 1316 -9.41 -28.05 -26.19
C SER A 1316 -10.87 -28.40 -26.36
N GLY A 1317 -11.18 -29.55 -26.93
CA GLY A 1317 -12.50 -29.74 -27.50
C GLY A 1317 -13.59 -30.27 -26.62
N MET A 1318 -13.50 -30.11 -25.29
CA MET A 1318 -14.36 -30.88 -24.41
C MET A 1318 -15.84 -30.77 -24.77
N ALA A 1319 -16.40 -29.57 -24.81
CA ALA A 1319 -17.84 -29.40 -24.65
C ALA A 1319 -18.63 -29.82 -25.90
N GLN A 1320 -18.43 -29.12 -27.02
CA GLN A 1320 -19.11 -29.49 -28.26
C GLN A 1320 -18.78 -30.90 -28.67
N GLN A 1321 -17.79 -31.51 -28.03
CA GLN A 1321 -17.53 -32.93 -28.14
C GLN A 1321 -17.79 -33.73 -26.87
N HIS A 1344 -19.60 -6.84 1.40
CA HIS A 1344 -20.09 -6.52 2.73
C HIS A 1344 -19.32 -5.35 3.34
N LEU A 1345 -18.05 -5.21 2.96
CA LEU A 1345 -17.20 -4.19 3.58
C LEU A 1345 -17.69 -2.79 3.28
N PHE A 1346 -18.59 -2.65 2.31
CA PHE A 1346 -19.12 -1.33 1.98
C PHE A 1346 -20.01 -0.80 3.10
N ILE A 1347 -20.33 -1.63 4.08
CA ILE A 1347 -21.35 -1.27 5.07
C ILE A 1347 -20.74 -0.67 6.33
N SER A 1348 -19.42 -0.48 6.36
CA SER A 1348 -18.69 -0.34 7.62
C SER A 1348 -19.25 0.69 8.60
N ASN A 1349 -19.53 1.91 8.15
CA ASN A 1349 -19.62 3.01 9.13
C ASN A 1349 -21.01 3.62 9.29
N LEU A 1350 -21.62 3.34 10.45
CA LEU A 1350 -22.61 4.15 11.16
C LEU A 1350 -21.95 5.44 11.66
N PRO A 1351 -20.71 5.32 12.13
CA PRO A 1351 -19.98 6.49 12.66
C PRO A 1351 -19.71 7.55 11.60
N GLU A 1352 -18.93 8.55 12.03
CA GLU A 1352 -18.93 9.87 11.40
C GLU A 1352 -18.73 9.82 9.89
N ILE A 1353 -18.06 8.80 9.35
CA ILE A 1353 -17.76 8.83 7.93
C ILE A 1353 -19.03 8.97 7.11
N VAL A 1354 -19.98 8.04 7.28
CA VAL A 1354 -21.23 8.15 6.56
C VAL A 1354 -22.09 9.26 7.15
N VAL A 1355 -21.69 9.78 8.31
CA VAL A 1355 -22.20 11.08 8.73
C VAL A 1355 -21.44 12.20 8.01
N GLU A 1356 -20.10 12.11 7.99
CA GLU A 1356 -19.30 13.07 7.23
C GLU A 1356 -19.64 12.98 5.76
N LEU A 1357 -19.55 11.79 5.23
CA LEU A 1357 -20.16 11.44 3.97
C LEU A 1357 -21.59 11.14 4.32
N LEU A 1358 -22.30 10.57 3.36
CA LEU A 1358 -23.64 10.11 3.61
C LEU A 1358 -23.59 8.61 3.51
N MET A 1359 -24.76 7.99 3.60
CA MET A 1359 -24.84 6.55 3.49
C MET A 1359 -25.70 6.20 2.29
N THR A 1360 -25.54 4.97 1.80
CA THR A 1360 -26.19 4.55 0.57
C THR A 1360 -27.71 4.44 0.74
N LEU A 1361 -28.46 4.98 -0.22
CA LEU A 1361 -29.91 4.92 -0.20
C LEU A 1361 -30.42 3.53 -0.54
N HIS A 1362 -31.23 2.97 0.35
CA HIS A 1362 -31.64 1.57 0.29
C HIS A 1362 -33.16 1.46 0.36
N GLU A 1363 -33.68 1.91 1.49
CA GLU A 1363 -35.09 1.92 1.81
C GLU A 1363 -35.82 2.83 0.83
N PRO A 1364 -37.10 3.05 1.10
CA PRO A 1364 -38.14 3.61 0.24
C PRO A 1364 -37.66 4.88 -0.42
N ALA A 1365 -36.65 5.57 0.12
CA ALA A 1365 -35.98 6.55 -0.72
C ALA A 1365 -35.61 5.95 -2.06
N ASN A 1366 -35.25 4.67 -2.07
CA ASN A 1366 -35.30 3.91 -3.31
C ASN A 1366 -36.70 3.97 -3.91
N SER A 1367 -37.71 3.56 -3.14
CA SER A 1367 -39.07 3.53 -3.67
C SER A 1367 -39.66 4.94 -3.77
N SER A 1368 -38.95 5.95 -3.26
CA SER A 1368 -39.50 7.29 -3.06
C SER A 1368 -40.11 7.85 -4.34
N ALA A 1369 -39.53 7.53 -5.50
CA ALA A 1369 -39.85 8.25 -6.72
C ALA A 1369 -41.01 7.61 -7.49
N SER A 1370 -41.61 6.57 -6.92
CA SER A 1370 -42.43 5.65 -7.72
C SER A 1370 -43.62 6.34 -8.39
N GLN A 1371 -43.93 7.58 -8.00
CA GLN A 1371 -45.00 8.35 -8.65
C GLN A 1371 -44.53 8.97 -9.97
N SER A 1372 -45.26 8.70 -11.06
CA SER A 1372 -44.65 8.79 -12.38
C SER A 1372 -45.34 9.62 -13.48
N THR A 1373 -46.53 9.18 -13.88
CA THR A 1373 -46.87 9.03 -15.29
C THR A 1373 -46.55 10.26 -16.14
N ASP A 1374 -47.05 11.43 -15.73
CA ASP A 1374 -47.31 12.50 -16.71
C ASP A 1374 -46.11 12.81 -17.58
N LEU A 1375 -44.97 13.15 -16.97
CA LEU A 1375 -43.90 13.77 -17.74
C LEU A 1375 -43.16 12.75 -18.59
N CYS A 1376 -43.43 11.47 -18.36
CA CYS A 1376 -42.73 10.44 -19.11
C CYS A 1376 -42.96 10.62 -20.59
N ASP A 1377 -43.87 11.52 -20.93
CA ASP A 1377 -43.81 12.23 -22.18
C ASP A 1377 -42.40 12.24 -22.69
N PHE A 1378 -41.52 13.02 -22.06
CA PHE A 1378 -40.11 12.79 -22.30
C PHE A 1378 -39.80 11.34 -22.01
N SER A 1379 -39.91 10.97 -20.73
CA SER A 1379 -39.46 9.68 -20.24
C SER A 1379 -39.89 8.57 -21.17
N GLY A 1380 -41.17 8.21 -21.11
CA GLY A 1380 -41.64 7.09 -21.89
C GLY A 1380 -41.18 7.19 -23.33
N ASP A 1381 -41.20 8.40 -23.87
CA ASP A 1381 -40.66 8.57 -25.21
C ASP A 1381 -39.15 8.50 -25.18
N LEU A 1382 -38.52 9.12 -24.19
CA LEU A 1382 -37.09 8.98 -24.12
C LEU A 1382 -36.73 7.52 -24.19
N ASP A 1383 -37.41 6.71 -23.40
CA ASP A 1383 -37.34 5.27 -23.60
C ASP A 1383 -37.60 4.92 -25.04
N PRO A 1384 -38.69 5.29 -25.61
CA PRO A 1384 -38.89 5.05 -27.04
C PRO A 1384 -37.75 5.66 -27.83
N ALA A 1385 -37.26 6.78 -27.34
CA ALA A 1385 -36.19 7.47 -28.00
C ALA A 1385 -35.02 6.57 -27.80
N PRO A 1386 -33.84 7.01 -28.18
CA PRO A 1386 -32.51 6.54 -28.57
C PRO A 1386 -32.05 5.70 -27.46
N ASN A 1387 -32.76 5.81 -26.36
CA ASN A 1387 -32.94 4.62 -25.53
C ASN A 1387 -33.20 3.41 -26.40
N PRO A 1388 -33.96 3.50 -27.50
CA PRO A 1388 -34.04 2.40 -28.40
C PRO A 1388 -32.64 1.93 -28.75
N PRO A 1389 -31.73 2.84 -29.09
CA PRO A 1389 -30.29 2.56 -28.81
C PRO A 1389 -29.82 2.56 -27.34
N HIS A 1390 -30.24 3.52 -26.52
CA HIS A 1390 -29.54 3.76 -25.25
C HIS A 1390 -29.96 2.80 -24.13
N PHE A 1391 -31.27 2.52 -24.02
CA PHE A 1391 -31.83 1.89 -22.81
C PHE A 1391 -31.12 0.60 -22.42
N PRO A 1392 -30.68 -0.23 -23.36
CA PRO A 1392 -30.10 -1.54 -22.99
C PRO A 1392 -28.91 -1.36 -22.09
N SER A 1393 -28.43 -0.13 -22.02
CA SER A 1393 -27.57 0.20 -20.91
C SER A 1393 -28.21 -0.34 -19.65
N HIS A 1394 -29.52 -0.15 -19.53
CA HIS A 1394 -30.23 -0.89 -18.51
C HIS A 1394 -29.93 -2.36 -18.66
N VAL A 1395 -30.22 -2.90 -19.84
CA VAL A 1395 -29.94 -4.32 -20.05
C VAL A 1395 -28.47 -4.59 -19.75
N ILE A 1396 -27.65 -3.56 -19.90
CA ILE A 1396 -26.23 -3.72 -19.68
C ILE A 1396 -25.84 -3.41 -18.24
N LYS A 1397 -26.78 -2.87 -17.46
CA LYS A 1397 -26.38 -2.10 -16.30
C LYS A 1397 -25.90 -2.97 -15.14
N ALA A 1398 -26.54 -4.13 -14.94
CA ALA A 1398 -26.67 -4.74 -13.62
C ALA A 1398 -25.33 -5.20 -13.03
N THR A 1399 -24.26 -5.12 -13.81
CA THR A 1399 -23.30 -6.21 -13.90
C THR A 1399 -22.53 -6.50 -12.61
N PHE A 1400 -22.65 -5.70 -11.57
CA PHE A 1400 -21.47 -5.35 -10.77
C PHE A 1400 -21.61 -5.65 -9.27
N ALA A 1401 -20.46 -5.58 -8.58
CA ALA A 1401 -20.23 -5.55 -7.13
C ALA A 1401 -20.08 -6.83 -6.31
N TYR A 1402 -20.25 -8.01 -6.89
CA TYR A 1402 -19.99 -9.22 -6.12
C TYR A 1402 -18.49 -9.53 -6.08
N ILE A 1403 -18.05 -10.12 -4.96
CA ILE A 1403 -16.75 -10.79 -4.86
C ILE A 1403 -16.88 -12.29 -5.09
N SER A 1404 -18.09 -12.77 -5.37
CA SER A 1404 -18.31 -14.18 -5.63
C SER A 1404 -17.62 -14.61 -6.91
N ASN A 1405 -15.93 -15.96 -4.72
CA ASN A 1405 -16.72 -17.07 -4.18
C ASN A 1405 -17.29 -17.95 -5.29
N CYS A 1406 -18.20 -17.37 -6.08
CA CYS A 1406 -18.83 -18.13 -7.15
C CYS A 1406 -17.77 -18.83 -7.98
N HIS A 1407 -16.61 -18.18 -8.11
CA HIS A 1407 -15.50 -18.77 -8.84
C HIS A 1407 -15.25 -20.19 -8.41
N LYS A 1408 -15.16 -20.42 -7.12
CA LYS A 1408 -15.38 -21.77 -6.64
C LYS A 1408 -16.86 -22.06 -6.52
N THR A 1409 -17.64 -21.10 -6.01
CA THR A 1409 -18.99 -21.44 -5.57
C THR A 1409 -19.89 -21.72 -6.76
N LYS A 1410 -19.95 -20.80 -7.71
CA LYS A 1410 -20.60 -21.12 -8.97
C LYS A 1410 -19.91 -22.31 -9.61
N LEU A 1418 -23.16 -31.09 -18.40
CA LEU A 1418 -22.67 -32.05 -19.37
C LEU A 1418 -21.88 -31.36 -20.45
N SER A 1419 -20.57 -31.22 -20.23
CA SER A 1419 -19.73 -30.60 -21.23
C SER A 1419 -19.38 -31.64 -22.27
N LYS A 1420 -18.59 -32.62 -21.87
CA LYS A 1420 -18.27 -33.72 -22.74
C LYS A 1420 -18.53 -35.00 -21.98
N SER A 1421 -18.83 -36.04 -22.69
CA SER A 1421 -18.00 -37.15 -22.30
C SER A 1421 -17.43 -37.55 -23.64
N PRO A 1422 -16.78 -36.58 -24.28
CA PRO A 1422 -15.55 -36.92 -24.96
C PRO A 1422 -14.58 -37.44 -23.94
N ASP A 1423 -14.83 -37.14 -22.67
CA ASP A 1423 -14.22 -37.92 -21.61
C ASP A 1423 -14.45 -39.39 -21.88
N SER A 1424 -15.71 -39.76 -22.07
CA SER A 1424 -15.97 -41.14 -22.45
C SER A 1424 -15.22 -41.48 -23.72
N TYR A 1425 -14.83 -40.48 -24.49
CA TYR A 1425 -14.02 -40.70 -25.68
C TYR A 1425 -12.54 -40.53 -25.44
N GLN A 1426 -12.15 -40.22 -24.20
CA GLN A 1426 -10.96 -39.40 -24.00
C GLN A 1426 -9.79 -39.85 -24.86
N LYS A 1427 -9.25 -41.02 -24.58
CA LYS A 1427 -8.01 -41.43 -25.20
C LYS A 1427 -8.23 -42.30 -26.43
N ILE A 1428 -9.49 -42.51 -26.82
CA ILE A 1428 -9.78 -43.58 -27.77
C ILE A 1428 -8.87 -43.48 -28.98
N LEU A 1429 -8.50 -42.28 -29.37
CA LEU A 1429 -7.45 -42.16 -30.36
C LEU A 1429 -6.16 -42.77 -29.85
N LEU A 1430 -5.69 -42.27 -28.71
CA LEU A 1430 -4.50 -42.86 -28.12
C LEU A 1430 -4.66 -44.36 -28.03
N ALA A 1431 -5.88 -44.81 -27.80
CA ALA A 1431 -6.15 -46.23 -27.96
C ALA A 1431 -5.81 -46.67 -29.37
N ILE A 1432 -6.40 -46.05 -30.38
CA ILE A 1432 -5.98 -46.37 -31.72
C ILE A 1432 -4.50 -46.05 -31.87
N CYS A 1433 -4.02 -45.07 -31.12
CA CYS A 1433 -2.68 -44.54 -31.27
C CYS A 1433 -1.66 -45.17 -30.32
N GLU A 1434 -2.09 -46.15 -29.51
CA GLU A 1434 -1.20 -46.80 -28.53
C GLU A 1434 -0.71 -45.82 -27.47
N GLN A 1435 -1.63 -44.99 -26.97
CA GLN A 1435 -1.43 -44.22 -25.74
C GLN A 1435 -0.21 -43.33 -25.85
N ALA A 1436 0.15 -42.98 -27.07
CA ALA A 1436 1.21 -42.01 -27.23
C ALA A 1436 0.82 -40.70 -26.61
N ALA A 1437 -0.48 -40.39 -26.59
CA ALA A 1437 -0.98 -39.30 -25.80
C ALA A 1437 -0.42 -39.39 -24.42
N GLU A 1438 -0.35 -40.59 -23.89
CA GLU A 1438 0.65 -40.75 -22.86
C GLU A 1438 1.99 -40.74 -23.56
N THR A 1439 2.23 -41.78 -24.35
CA THR A 1439 3.60 -42.23 -24.55
C THR A 1439 4.37 -41.27 -25.41
N ASN A 1440 4.05 -41.20 -26.68
CA ASN A 1440 4.77 -40.22 -27.45
C ASN A 1440 4.41 -38.83 -27.00
N ASN A 1441 3.16 -38.59 -26.66
CA ASN A 1441 2.89 -37.26 -26.13
C ASN A 1441 3.66 -37.05 -24.87
N VAL A 1442 4.01 -38.13 -24.18
CA VAL A 1442 5.15 -37.99 -23.29
C VAL A 1442 6.41 -37.78 -24.09
N TYR A 1443 6.70 -38.69 -25.03
CA TYR A 1443 7.94 -38.54 -25.77
C TYR A 1443 8.02 -37.19 -26.44
N LYS A 1444 6.87 -36.56 -26.63
CA LYS A 1444 6.79 -35.20 -27.12
C LYS A 1444 7.62 -34.23 -26.30
N LYS A 1445 7.73 -34.48 -25.01
CA LYS A 1445 7.89 -33.50 -23.97
C LYS A 1445 6.57 -32.84 -23.64
N HIS A 1446 5.53 -33.00 -24.45
CA HIS A 1446 4.22 -32.43 -24.14
C HIS A 1446 4.38 -30.98 -23.74
N ARG A 1447 5.33 -30.31 -24.38
CA ARG A 1447 6.17 -29.45 -23.57
C ARG A 1447 5.40 -28.20 -23.21
N ILE A 1448 5.21 -27.31 -24.17
CA ILE A 1448 4.19 -26.32 -23.91
C ILE A 1448 2.84 -26.97 -24.07
N LEU A 1449 2.79 -28.18 -24.63
CA LEU A 1449 1.51 -28.83 -24.69
C LEU A 1449 0.88 -28.79 -23.33
N LYS A 1450 1.70 -28.98 -22.33
CA LYS A 1450 1.33 -28.42 -21.07
C LYS A 1450 0.93 -26.96 -21.22
N ILE A 1451 1.92 -26.11 -21.49
CA ILE A 1451 1.68 -24.67 -21.43
C ILE A 1451 0.58 -24.28 -22.38
N TYR A 1452 0.33 -25.14 -23.35
CA TYR A 1452 -0.87 -24.98 -24.14
C TYR A 1452 -2.04 -24.80 -23.22
N HIS A 1453 -2.17 -25.68 -22.26
CA HIS A 1453 -3.30 -25.60 -21.36
C HIS A 1453 -3.41 -24.19 -20.83
N LEU A 1454 -2.30 -23.65 -20.34
CA LEU A 1454 -2.31 -22.28 -19.85
C LEU A 1454 -2.90 -21.37 -20.88
N PHE A 1455 -2.36 -21.41 -22.08
CA PHE A 1455 -2.96 -20.61 -23.13
C PHE A 1455 -4.44 -20.86 -23.18
N VAL A 1456 -4.82 -22.14 -23.27
CA VAL A 1456 -6.23 -22.47 -23.35
C VAL A 1456 -6.97 -21.73 -22.27
N SER A 1457 -6.41 -21.69 -21.08
CA SER A 1457 -6.93 -20.76 -20.11
C SER A 1457 -6.88 -19.35 -20.62
N LEU A 1458 -5.72 -18.96 -21.13
CA LEU A 1458 -5.31 -17.58 -20.97
C LEU A 1458 -6.39 -16.60 -21.36
N LEU A 1459 -7.26 -16.99 -22.26
CA LEU A 1459 -8.22 -16.07 -22.83
C LEU A 1459 -9.11 -15.42 -21.81
N LEU A 1460 -9.20 -15.96 -20.60
CA LEU A 1460 -10.36 -15.72 -19.75
C LEU A 1460 -10.64 -14.24 -19.58
N LYS A 1461 -11.91 -13.87 -19.73
CA LYS A 1461 -12.43 -12.57 -19.32
C LYS A 1461 -13.48 -12.75 -18.25
N ASP A 1462 -14.67 -13.22 -18.60
CA ASP A 1462 -15.47 -13.91 -17.62
C ASP A 1462 -15.32 -15.39 -17.91
N ILE A 1463 -14.61 -16.03 -17.00
CA ILE A 1463 -14.39 -17.45 -17.15
C ILE A 1463 -15.44 -18.18 -16.38
N LYS A 1464 -16.37 -17.44 -15.81
CA LYS A 1464 -17.11 -18.03 -14.70
C LYS A 1464 -18.25 -18.85 -15.24
N SER A 1465 -19.29 -18.20 -15.70
CA SER A 1465 -20.11 -18.86 -16.67
C SER A 1465 -19.32 -18.96 -17.94
N GLY A 1466 -18.20 -18.25 -17.97
CA GLY A 1466 -17.33 -18.32 -19.10
C GLY A 1466 -16.43 -19.48 -18.83
N LEU A 1467 -15.21 -19.35 -19.35
CA LEU A 1467 -14.28 -20.46 -19.47
C LEU A 1467 -14.20 -21.29 -18.21
N GLY A 1468 -13.71 -20.70 -17.14
CA GLY A 1468 -13.08 -21.48 -16.10
C GLY A 1468 -13.93 -22.67 -15.75
N GLY A 1469 -15.23 -22.48 -15.68
CA GLY A 1469 -16.09 -23.61 -15.44
C GLY A 1469 -15.77 -24.73 -16.39
N ALA A 1470 -15.74 -24.44 -17.67
CA ALA A 1470 -15.08 -25.38 -18.54
C ALA A 1470 -13.58 -25.30 -18.31
N TRP A 1471 -13.05 -24.09 -18.35
CA TRP A 1471 -11.61 -23.97 -18.48
C TRP A 1471 -10.91 -24.61 -17.31
N ALA A 1472 -11.30 -24.26 -16.12
CA ALA A 1472 -10.76 -25.03 -15.03
C ALA A 1472 -11.02 -26.50 -15.26
N PHE A 1473 -12.27 -26.88 -15.54
CA PHE A 1473 -12.53 -28.28 -15.82
C PHE A 1473 -11.55 -28.79 -16.83
N VAL A 1474 -11.23 -27.96 -17.81
CA VAL A 1474 -10.14 -28.29 -18.68
C VAL A 1474 -8.90 -28.54 -17.87
N LEU A 1475 -8.47 -27.57 -17.08
CA LEU A 1475 -7.37 -27.88 -16.19
C LEU A 1475 -7.67 -29.14 -15.43
N ARG A 1476 -8.86 -29.25 -14.88
CA ARG A 1476 -9.23 -30.51 -14.26
C ARG A 1476 -9.01 -31.63 -15.23
N ASP A 1477 -9.57 -31.50 -16.40
CA ASP A 1477 -9.20 -32.46 -17.40
C ASP A 1477 -7.71 -32.44 -17.63
N VAL A 1478 -7.10 -31.25 -17.66
CA VAL A 1478 -5.67 -31.23 -17.86
C VAL A 1478 -5.04 -31.96 -16.73
N ILE A 1479 -5.52 -31.69 -15.53
CA ILE A 1479 -5.22 -32.59 -14.47
C ILE A 1479 -5.65 -33.97 -14.87
N TYR A 1480 -6.91 -34.15 -15.24
CA TYR A 1480 -7.33 -35.48 -15.63
C TYR A 1480 -6.36 -36.03 -16.64
N THR A 1481 -5.94 -35.18 -17.57
CA THR A 1481 -4.78 -35.53 -18.35
C THR A 1481 -3.61 -35.78 -17.44
N LEU A 1482 -3.23 -34.78 -16.67
CA LEU A 1482 -2.09 -34.96 -15.80
C LEU A 1482 -2.30 -36.17 -14.91
N ILE A 1483 -3.56 -36.48 -14.61
CA ILE A 1483 -3.87 -37.47 -13.61
C ILE A 1483 -3.24 -38.80 -13.92
N HIS A 1484 -3.53 -39.34 -15.09
CA HIS A 1484 -3.18 -40.73 -15.31
C HIS A 1484 -1.69 -40.94 -15.25
N TYR A 1485 -0.92 -39.86 -15.21
CA TYR A 1485 0.51 -39.94 -15.36
C TYR A 1485 1.10 -40.94 -14.38
N ILE A 1486 2.04 -41.75 -14.86
CA ILE A 1486 2.75 -42.67 -13.99
C ILE A 1486 4.23 -42.35 -14.11
N ASN A 1487 4.82 -42.68 -15.24
CA ASN A 1487 6.22 -42.37 -15.38
C ASN A 1487 6.42 -40.90 -15.63
N GLN A 1488 5.97 -40.41 -16.76
CA GLN A 1488 6.45 -39.15 -17.30
C GLN A 1488 6.09 -37.96 -16.42
N ARG A 1489 5.28 -38.16 -15.39
CA ARG A 1489 4.75 -37.03 -14.65
C ARG A 1489 5.85 -36.12 -14.13
N PRO A 1490 6.73 -36.63 -13.28
CA PRO A 1490 8.04 -36.02 -13.19
C PRO A 1490 8.85 -36.27 -14.43
N SER A 1491 8.58 -37.39 -15.09
CA SER A 1491 9.49 -37.95 -16.09
C SER A 1491 9.27 -37.33 -17.44
N CYS A 1492 8.41 -36.35 -17.54
CA CYS A 1492 8.95 -35.31 -18.37
C CYS A 1492 9.41 -34.20 -17.45
N ILE A 1493 8.52 -33.37 -16.93
CA ILE A 1493 8.77 -32.68 -15.68
C ILE A 1493 7.50 -32.67 -14.89
N MET A 1494 7.49 -33.28 -13.74
CA MET A 1494 6.60 -32.69 -12.77
C MET A 1494 7.01 -31.27 -12.54
N ASP A 1495 8.30 -31.00 -12.71
CA ASP A 1495 8.81 -29.68 -12.40
C ASP A 1495 8.06 -28.64 -13.19
N VAL A 1496 8.12 -28.76 -14.51
CA VAL A 1496 7.20 -27.99 -15.30
C VAL A 1496 5.82 -28.21 -14.76
N SER A 1497 5.43 -29.48 -14.62
CA SER A 1497 4.07 -29.77 -14.21
C SER A 1497 3.73 -29.08 -12.91
N LEU A 1498 4.57 -29.26 -11.92
CA LEU A 1498 4.13 -28.82 -10.61
C LEU A 1498 3.96 -27.33 -10.55
N ARG A 1499 5.03 -26.60 -10.87
CA ARG A 1499 4.93 -25.15 -10.80
C ARG A 1499 3.79 -24.69 -11.66
N SER A 1500 3.50 -25.46 -12.70
CA SER A 1500 2.31 -25.19 -13.45
C SER A 1500 1.10 -25.33 -12.58
N PHE A 1501 0.91 -26.49 -12.00
CA PHE A 1501 -0.10 -26.60 -10.99
C PHE A 1501 0.08 -25.48 -9.99
N SER A 1502 1.32 -25.22 -9.61
CA SER A 1502 1.55 -24.12 -8.72
C SER A 1502 0.99 -22.86 -9.32
N LEU A 1503 1.41 -22.54 -10.52
CA LEU A 1503 0.72 -21.49 -11.21
C LEU A 1503 -0.76 -21.76 -11.21
N CYS A 1504 -1.16 -22.97 -11.59
CA CYS A 1504 -2.56 -23.28 -11.59
C CYS A 1504 -3.13 -22.98 -10.24
N CYS A 1505 -2.45 -23.45 -9.22
CA CYS A 1505 -2.73 -22.90 -7.93
C CYS A 1505 -2.56 -21.41 -7.96
N ASP A 1506 -1.39 -20.92 -8.37
CA ASP A 1506 -1.18 -19.48 -8.33
C ASP A 1506 -2.31 -18.78 -9.03
N LEU A 1507 -2.81 -19.36 -10.10
CA LEU A 1507 -4.05 -18.89 -10.65
C LEU A 1507 -5.16 -19.04 -9.64
N LEU A 1508 -5.41 -20.26 -9.20
CA LEU A 1508 -6.37 -20.45 -8.14
C LEU A 1508 -6.01 -19.57 -6.97
N SER A 1509 -4.72 -19.44 -6.71
CA SER A 1509 -4.30 -18.48 -5.70
C SER A 1509 -4.69 -17.10 -6.11
N GLN A 1510 -4.26 -16.67 -7.29
CA GLN A 1510 -4.75 -15.41 -7.79
C GLN A 1510 -6.24 -15.36 -7.74
N VAL A 1511 -6.87 -16.50 -7.98
CA VAL A 1511 -8.29 -16.60 -7.85
C VAL A 1511 -8.64 -16.62 -6.38
N ALA A 1522 -12.73 -21.93 -8.13
CA ALA A 1522 -11.58 -22.44 -7.38
C ALA A 1522 -11.93 -23.80 -6.88
N LEU A 1523 -13.22 -24.09 -6.99
CA LEU A 1523 -13.76 -25.27 -6.37
C LEU A 1523 -12.91 -26.48 -6.69
N GLU A 1524 -12.43 -26.58 -7.91
CA GLU A 1524 -11.68 -27.77 -8.28
C GLU A 1524 -10.23 -27.65 -7.89
N ASN A 1525 -9.84 -26.56 -7.26
CA ASN A 1525 -8.49 -26.53 -6.75
C ASN A 1525 -8.23 -27.71 -5.84
N HIS A 1526 -9.29 -28.34 -5.35
CA HIS A 1526 -9.15 -29.66 -4.78
C HIS A 1526 -8.37 -30.58 -5.70
N LEU A 1527 -8.74 -30.62 -6.96
CA LEU A 1527 -7.86 -31.35 -7.85
C LEU A 1527 -6.46 -30.80 -7.73
N HIS A 1528 -6.32 -29.50 -7.88
CA HIS A 1528 -5.03 -28.87 -7.65
C HIS A 1528 -4.48 -29.33 -6.32
N VAL A 1529 -5.33 -29.42 -5.33
CA VAL A 1529 -4.90 -30.16 -4.17
C VAL A 1529 -4.57 -31.58 -4.58
N ILE A 1530 -5.53 -32.25 -5.22
CA ILE A 1530 -5.38 -33.68 -5.44
C ILE A 1530 -4.06 -33.92 -6.11
N VAL A 1531 -3.53 -32.88 -6.74
CA VAL A 1531 -2.18 -32.92 -7.23
C VAL A 1531 -1.22 -33.25 -6.11
N GLY A 1532 -1.62 -33.08 -4.88
CA GLY A 1532 -0.72 -33.52 -3.88
C GLY A 1532 -0.66 -35.02 -3.84
N THR A 1533 -1.37 -35.68 -4.76
CA THR A 1533 -1.35 -37.14 -4.80
C THR A 1533 0.09 -37.62 -4.70
N LEU A 1534 0.90 -37.33 -5.70
CA LEU A 1534 2.34 -37.22 -5.49
C LEU A 1534 2.92 -38.44 -4.79
N ILE A 1535 2.37 -39.62 -5.05
CA ILE A 1535 2.75 -40.74 -4.18
C ILE A 1535 4.23 -41.05 -4.30
N PRO A 1536 4.73 -41.42 -5.48
CA PRO A 1536 6.17 -41.37 -5.69
C PRO A 1536 6.62 -39.95 -5.79
N LEU A 1537 5.68 -39.08 -6.10
CA LEU A 1537 5.92 -37.67 -6.38
C LEU A 1537 5.90 -36.89 -5.11
N VAL A 1538 5.81 -37.65 -4.03
CA VAL A 1538 6.29 -37.23 -2.73
C VAL A 1538 7.73 -36.79 -2.94
N TYR A 1539 8.30 -37.19 -4.03
CA TYR A 1539 9.47 -36.47 -4.43
C TYR A 1539 9.19 -34.94 -4.61
N GLU A 1540 7.91 -34.52 -4.60
CA GLU A 1540 7.59 -33.10 -4.54
C GLU A 1540 8.32 -32.47 -3.37
N GLN A 1541 8.73 -31.22 -3.54
CA GLN A 1541 10.04 -30.79 -3.10
C GLN A 1541 9.90 -29.38 -2.59
N VAL A 1542 11.05 -28.73 -2.40
CA VAL A 1542 11.00 -27.29 -2.31
C VAL A 1542 10.36 -26.75 -3.56
N GLU A 1543 10.22 -27.61 -4.54
CA GLU A 1543 9.10 -27.48 -5.44
C GLU A 1543 7.92 -27.17 -4.55
N VAL A 1544 7.55 -28.10 -3.67
CA VAL A 1544 6.24 -27.99 -3.04
C VAL A 1544 6.25 -26.96 -1.94
N GLN A 1545 7.39 -26.34 -1.69
CA GLN A 1545 7.52 -25.62 -0.44
C GLN A 1545 6.80 -24.29 -0.42
N LYS A 1546 7.32 -23.31 -1.14
CA LYS A 1546 6.61 -22.05 -1.17
C LYS A 1546 5.24 -22.28 -1.72
N GLN A 1547 5.12 -23.31 -2.53
CA GLN A 1547 3.81 -23.73 -2.97
C GLN A 1547 2.97 -24.04 -1.79
N VAL A 1548 3.41 -24.99 -0.99
CA VAL A 1548 2.75 -25.21 0.27
C VAL A 1548 2.65 -23.89 0.99
N LEU A 1549 3.74 -23.13 0.99
CA LEU A 1549 3.71 -21.87 1.69
C LEU A 1549 2.59 -21.02 1.17
N ASP A 1550 2.59 -20.77 -0.13
CA ASP A 1550 1.42 -20.17 -0.71
C ASP A 1550 0.19 -20.94 -0.29
N LEU A 1551 0.25 -22.26 -0.43
CA LEU A 1551 -0.97 -23.06 -0.41
C LEU A 1551 -1.78 -22.74 0.81
N LEU A 1552 -1.11 -22.40 1.87
CA LEU A 1552 -1.76 -21.97 3.04
C LEU A 1552 -2.71 -20.86 2.79
N LYS A 1553 -2.22 -19.89 2.05
CA LYS A 1553 -2.26 -18.59 2.61
C LYS A 1553 -3.62 -18.23 3.14
N TYR A 1554 -4.65 -18.27 2.32
CA TYR A 1554 -5.95 -17.98 2.89
C TYR A 1554 -6.73 -19.24 3.23
N LEU A 1555 -6.14 -20.41 2.98
CA LEU A 1555 -6.96 -21.60 2.72
C LEU A 1555 -8.07 -21.75 3.74
N VAL A 1556 -7.76 -21.55 5.02
CA VAL A 1556 -8.81 -21.59 6.01
C VAL A 1556 -9.67 -20.36 5.93
N ILE A 1557 -9.07 -19.19 5.67
CA ILE A 1557 -9.85 -17.98 5.74
C ILE A 1557 -11.04 -18.08 4.81
N ASP A 1558 -10.97 -18.97 3.85
CA ASP A 1558 -12.08 -19.12 2.94
C ASP A 1558 -13.24 -19.83 3.60
N ASN A 1559 -14.31 -19.98 2.82
CA ASN A 1559 -15.42 -20.81 3.24
C ASN A 1559 -14.89 -22.19 3.53
N LYS A 1560 -15.17 -22.67 4.72
CA LYS A 1560 -14.47 -23.85 5.18
C LYS A 1560 -14.69 -25.02 4.29
N ASP A 1561 -15.67 -24.92 3.40
CA ASP A 1561 -15.70 -25.89 2.33
C ASP A 1561 -14.32 -25.98 1.74
N ASN A 1562 -13.65 -24.85 1.61
CA ASN A 1562 -12.22 -24.89 1.33
C ASN A 1562 -11.50 -25.67 2.40
N GLU A 1563 -11.62 -25.21 3.64
CA GLU A 1563 -10.94 -25.90 4.71
C GLU A 1563 -11.32 -27.36 4.74
N ASN A 1564 -12.56 -27.66 4.36
CA ASN A 1564 -13.02 -29.03 4.34
C ASN A 1564 -12.01 -29.91 3.66
N LEU A 1565 -11.56 -29.50 2.49
CA LEU A 1565 -10.35 -30.10 1.98
C LEU A 1565 -9.10 -29.50 2.59
N TYR A 1566 -9.05 -28.18 2.77
CA TYR A 1566 -7.77 -27.47 2.76
C TYR A 1566 -6.82 -28.05 3.77
N ILE A 1567 -7.36 -28.75 4.75
CA ILE A 1567 -6.59 -29.47 5.74
C ILE A 1567 -5.76 -30.53 5.03
N THR A 1568 -6.03 -30.75 3.76
CA THR A 1568 -5.14 -31.63 3.04
C THR A 1568 -3.70 -31.18 3.18
N ILE A 1569 -3.47 -29.88 3.35
CA ILE A 1569 -2.16 -29.44 3.78
C ILE A 1569 -1.72 -30.22 5.00
N LYS A 1570 -2.65 -30.49 5.90
CA LYS A 1570 -2.29 -31.37 7.00
C LYS A 1570 -2.23 -32.80 6.54
N LEU A 1571 -3.15 -33.22 5.67
CA LEU A 1571 -2.88 -34.45 4.97
C LEU A 1571 -1.52 -34.38 4.34
N LEU A 1572 -1.22 -33.24 3.72
CA LEU A 1572 0.15 -33.01 3.30
C LEU A 1572 1.08 -33.04 4.48
N ASP A 1573 0.73 -32.38 5.56
CA ASP A 1573 1.57 -32.43 6.74
C ASP A 1573 1.81 -33.87 7.16
N PRO A 1574 0.83 -34.75 7.01
CA PRO A 1574 0.78 -35.98 7.80
C PRO A 1574 2.00 -36.87 7.72
N PHE A 1575 2.71 -36.89 6.64
CA PHE A 1575 3.74 -37.92 6.73
C PHE A 1575 5.12 -37.27 6.83
N PRO A 1576 5.85 -37.52 7.89
CA PRO A 1576 7.12 -36.79 8.11
C PRO A 1576 8.21 -37.15 7.13
N ASP A 1577 8.08 -38.29 6.47
CA ASP A 1577 9.19 -38.79 5.70
C ASP A 1577 9.63 -37.73 4.70
N HIS A 1578 10.91 -37.42 4.77
CA HIS A 1578 11.50 -36.43 3.89
C HIS A 1578 10.83 -35.08 4.02
N VAL A 1579 10.17 -34.83 5.14
CA VAL A 1579 9.55 -33.54 5.37
C VAL A 1579 10.48 -32.62 6.14
N VAL A 1580 11.69 -33.07 6.42
CA VAL A 1580 12.60 -32.28 7.22
C VAL A 1580 12.67 -30.87 6.67
N PHE A 1581 12.98 -30.75 5.39
CA PHE A 1581 12.87 -29.45 4.76
C PHE A 1581 11.50 -28.87 5.03
N LYS A 1582 10.46 -29.63 4.73
CA LYS A 1582 9.13 -29.12 4.98
C LYS A 1582 9.06 -28.60 6.38
N ASP A 1583 9.48 -29.42 7.34
CA ASP A 1583 9.67 -28.88 8.67
C ASP A 1583 10.58 -27.68 8.62
N LEU A 1584 11.77 -27.84 8.07
CA LEU A 1584 12.66 -26.70 7.99
C LEU A 1584 11.96 -25.54 7.34
N ARG A 1585 11.11 -25.83 6.39
CA ARG A 1585 10.41 -24.75 5.74
C ARG A 1585 9.11 -24.43 6.41
N ILE A 1586 8.78 -25.08 7.50
CA ILE A 1586 7.41 -25.10 7.96
C ILE A 1586 7.02 -23.72 8.48
N THR A 1587 7.99 -22.81 8.53
CA THR A 1587 8.02 -21.75 9.51
C THR A 1587 6.69 -21.04 9.71
N GLN A 1588 6.09 -20.60 8.63
CA GLN A 1588 4.88 -19.82 8.81
C GLN A 1588 3.75 -20.65 9.39
N GLN A 1589 3.90 -21.97 9.46
CA GLN A 1589 2.84 -22.81 10.01
C GLN A 1589 2.48 -22.33 11.39
N LYS A 1590 3.39 -21.56 11.98
CA LYS A 1590 3.01 -20.72 13.10
C LYS A 1590 1.78 -19.92 12.77
N ILE A 1591 1.79 -19.18 11.69
CA ILE A 1591 0.56 -18.53 11.30
C ILE A 1591 -0.51 -19.56 10.99
N LYS A 1592 -0.13 -20.71 10.45
CA LYS A 1592 -1.10 -21.79 10.30
C LYS A 1592 -1.52 -22.34 11.64
N TYR A 1593 -0.73 -22.07 12.67
CA TYR A 1593 -0.99 -22.52 14.03
C TYR A 1593 -1.89 -21.58 14.80
N SER A 1594 -2.38 -20.51 14.20
CA SER A 1594 -3.19 -19.55 14.95
C SER A 1594 -4.69 -19.90 14.95
N ARG A 1595 -5.37 -19.68 13.83
CA ARG A 1595 -6.82 -19.68 13.86
C ARG A 1595 -7.48 -21.01 13.57
N GLY A 1596 -6.74 -22.01 13.15
CA GLY A 1596 -7.33 -23.31 12.89
C GLY A 1596 -7.87 -23.90 14.16
N LEU A 1601 -5.69 -28.16 14.88
CA LEU A 1601 -5.77 -27.62 13.54
C LEU A 1601 -4.67 -26.62 13.36
N GLU A 1602 -4.98 -25.38 13.66
CA GLU A 1602 -3.91 -24.48 14.04
C GLU A 1602 -3.03 -25.19 15.05
N GLU A 1603 -3.66 -25.74 16.07
CA GLU A 1603 -2.97 -26.62 16.98
C GLU A 1603 -2.26 -27.72 16.25
N ILE A 1604 -2.96 -28.45 15.38
CA ILE A 1604 -2.26 -29.41 14.56
C ILE A 1604 -1.10 -28.72 13.88
N ASN A 1605 -1.38 -27.62 13.18
CA ASN A 1605 -0.28 -26.83 12.62
C ASN A 1605 0.74 -26.55 13.68
N HIS A 1606 0.30 -26.03 14.82
CA HIS A 1606 1.21 -25.95 15.94
C HIS A 1606 1.82 -27.31 16.22
N PHE A 1607 0.98 -28.33 16.40
CA PHE A 1607 1.53 -29.66 16.61
C PHE A 1607 2.50 -30.00 15.51
N LEU A 1608 2.12 -29.71 14.28
CA LEU A 1608 3.09 -29.79 13.21
C LEU A 1608 4.27 -28.88 13.52
N SER A 1609 4.00 -27.60 13.73
CA SER A 1609 5.06 -26.71 14.14
C SER A 1609 5.80 -27.29 15.32
N VAL A 1610 5.08 -27.90 16.24
CA VAL A 1610 5.72 -28.69 17.27
C VAL A 1610 6.47 -29.84 16.63
N SER A 1611 5.76 -30.67 15.88
CA SER A 1611 6.45 -31.71 15.15
C SER A 1611 7.60 -31.09 14.39
N VAL A 1612 7.38 -29.90 13.84
CA VAL A 1612 8.50 -29.12 13.33
C VAL A 1612 9.46 -28.82 14.46
N TYR A 1613 8.95 -28.31 15.56
CA TYR A 1613 9.89 -27.83 16.56
C TYR A 1613 10.43 -28.99 17.36
N ASP A 1614 9.97 -30.18 17.00
CA ASP A 1614 10.25 -31.39 17.74
C ASP A 1614 11.73 -31.64 17.96
N ALA A 1615 12.58 -31.05 17.11
CA ALA A 1615 14.01 -31.27 17.21
C ALA A 1615 14.56 -30.68 18.50
N LEU A 1616 14.58 -29.36 18.57
CA LEU A 1616 15.08 -28.65 19.74
C LEU A 1616 14.93 -27.16 19.49
N PRO A 1617 14.10 -26.51 20.30
CA PRO A 1617 13.86 -25.07 20.17
C PRO A 1617 15.15 -24.31 19.91
N LEU A 1618 16.07 -24.92 19.18
CA LEU A 1618 17.33 -24.27 18.89
C LEU A 1618 16.97 -22.82 18.65
N THR A 1619 17.69 -21.90 19.26
CA THR A 1619 17.10 -20.60 19.28
C THR A 1619 17.90 -19.49 18.67
N ARG A 1620 18.92 -19.07 19.39
CA ARG A 1620 19.28 -17.68 19.40
C ARG A 1620 19.38 -17.18 17.99
N LEU A 1621 20.39 -17.62 17.30
CA LEU A 1621 20.36 -17.42 15.87
C LEU A 1621 19.51 -18.47 15.21
N GLU A 1622 19.27 -19.59 15.88
CA GLU A 1622 18.65 -20.70 15.19
C GLU A 1622 17.28 -20.30 14.70
N GLY A 1623 16.42 -19.90 15.61
CA GLY A 1623 15.18 -19.30 15.19
C GLY A 1623 15.44 -18.19 14.22
N LEU A 1624 16.42 -17.34 14.52
CA LEU A 1624 16.76 -16.31 13.58
C LEU A 1624 17.11 -16.91 12.25
N LYS A 1625 18.07 -17.82 12.24
CA LYS A 1625 18.27 -18.58 11.03
C LYS A 1625 16.97 -19.18 10.58
N ASP A 1626 16.27 -19.87 11.47
CA ASP A 1626 14.94 -20.33 11.10
C ASP A 1626 14.15 -19.17 10.53
N LEU A 1627 14.15 -18.05 11.22
CA LEU A 1627 13.54 -16.89 10.61
C LEU A 1627 14.23 -16.58 9.31
N ARG A 1628 15.55 -16.58 9.30
CA ARG A 1628 16.23 -16.35 8.04
C ARG A 1628 15.85 -17.41 7.04
N ARG A 1629 15.31 -18.52 7.49
CA ARG A 1629 15.07 -19.65 6.62
C ARG A 1629 13.77 -19.52 5.88
N GLN A 1630 13.06 -18.42 6.06
CA GLN A 1630 11.70 -18.29 5.59
C GLN A 1630 11.61 -17.74 4.17
N LEU A 1631 12.74 -17.51 3.51
CA LEU A 1631 12.68 -16.73 2.29
C LEU A 1631 12.25 -17.56 1.12
N GLU A 1632 12.02 -18.85 1.35
CA GLU A 1632 11.66 -19.77 0.28
C GLU A 1632 10.45 -19.28 -0.49
N LEU A 1633 9.63 -18.44 0.10
CA LEU A 1633 8.41 -18.03 -0.53
C LEU A 1633 8.52 -16.65 -1.18
N HIS A 1634 7.38 -16.20 -1.66
CA HIS A 1634 7.09 -14.90 -2.24
C HIS A 1634 6.88 -13.90 -1.11
N LYS A 1635 6.33 -12.74 -1.43
CA LYS A 1635 6.41 -11.55 -0.57
C LYS A 1635 5.53 -11.64 0.68
N ASP A 1636 4.23 -11.74 0.50
CA ASP A 1636 3.24 -11.22 1.44
C ASP A 1636 3.00 -12.14 2.63
N GLN A 1637 3.69 -13.27 2.72
CA GLN A 1637 3.32 -14.30 3.68
C GLN A 1637 3.08 -13.70 5.05
N MET A 1638 3.94 -12.78 5.46
CA MET A 1638 3.70 -11.93 6.61
C MET A 1638 3.22 -12.71 7.81
N VAL A 1639 3.76 -13.89 8.05
CA VAL A 1639 2.99 -14.87 8.76
C VAL A 1639 3.47 -15.08 10.19
N ASP A 1640 4.62 -15.70 10.33
CA ASP A 1640 5.03 -16.23 11.61
C ASP A 1640 5.77 -15.22 12.44
N ILE A 1641 5.86 -13.98 11.95
CA ILE A 1641 6.87 -13.07 12.43
C ILE A 1641 6.77 -12.85 13.92
N MET A 1642 5.68 -13.28 14.52
CA MET A 1642 5.52 -13.12 15.95
C MET A 1642 6.72 -13.61 16.73
N ARG A 1643 7.35 -14.66 16.25
CA ARG A 1643 8.58 -15.07 16.90
C ARG A 1643 9.53 -13.88 17.01
N ALA A 1644 9.49 -12.98 16.05
CA ALA A 1644 10.29 -11.77 16.19
C ALA A 1644 10.00 -11.11 17.51
N SER A 1645 8.73 -10.99 17.86
CA SER A 1645 8.43 -10.63 19.23
C SER A 1645 9.01 -11.67 20.17
N GLN A 1646 8.80 -12.95 19.86
CA GLN A 1646 9.28 -14.00 20.73
C GLN A 1646 10.77 -13.89 20.96
N ASP A 1647 11.45 -13.14 20.10
CA ASP A 1647 12.86 -12.88 20.34
C ASP A 1647 13.09 -12.34 21.74
N ASN A 1648 12.39 -11.27 22.09
CA ASN A 1648 12.66 -10.66 23.37
C ASN A 1648 12.58 -11.71 24.46
N PRO A 1649 11.66 -12.64 24.34
CA PRO A 1649 11.57 -13.69 25.36
C PRO A 1649 12.91 -14.38 25.55
N GLN A 1650 13.68 -14.45 24.49
CA GLN A 1650 15.02 -14.97 24.62
C GLN A 1650 16.03 -13.86 24.83
N ASP A 1651 15.58 -12.61 24.95
CA ASP A 1651 16.47 -11.50 24.68
C ASP A 1651 17.71 -11.52 25.56
N GLY A 1652 17.73 -12.33 26.62
CA GLY A 1652 19.01 -12.72 27.16
C GLY A 1652 19.89 -13.32 26.07
N ILE A 1653 19.35 -14.28 25.35
CA ILE A 1653 20.08 -14.80 24.20
C ILE A 1653 20.48 -13.67 23.28
N MET A 1654 19.71 -12.59 23.25
CA MET A 1654 20.11 -11.47 22.43
C MET A 1654 21.42 -10.90 22.90
N VAL A 1655 21.56 -10.71 24.19
CA VAL A 1655 22.88 -10.45 24.70
C VAL A 1655 23.81 -11.55 24.22
N LYS A 1656 23.43 -12.79 24.46
CA LYS A 1656 24.23 -13.86 23.90
C LYS A 1656 24.41 -13.62 22.41
N LEU A 1657 23.34 -13.24 21.73
CA LEU A 1657 23.53 -12.81 20.36
C LEU A 1657 24.50 -11.66 20.30
N VAL A 1658 24.36 -10.71 21.22
CA VAL A 1658 25.27 -9.58 21.19
C VAL A 1658 26.69 -10.05 21.30
N VAL A 1659 26.89 -11.28 21.77
CA VAL A 1659 28.25 -11.79 21.94
C VAL A 1659 28.97 -11.91 20.63
N ASN A 1660 28.29 -11.68 19.54
CA ASN A 1660 28.78 -12.11 18.25
C ASN A 1660 29.82 -11.18 17.70
N LEU A 1661 30.17 -10.15 18.44
CA LEU A 1661 30.64 -8.91 17.88
C LEU A 1661 31.71 -9.07 16.82
N LEU A 1662 32.60 -10.05 16.93
CA LEU A 1662 33.83 -10.03 16.17
C LEU A 1662 33.66 -10.02 14.66
N GLN A 1663 32.48 -10.26 14.15
CA GLN A 1663 32.37 -10.60 12.74
C GLN A 1663 31.65 -9.51 11.95
N LEU A 1664 31.47 -9.79 10.67
CA LEU A 1664 30.90 -8.84 9.74
C LEU A 1664 29.41 -8.99 9.52
N SER A 1665 28.72 -9.89 10.23
CA SER A 1665 27.40 -10.29 9.75
C SER A 1665 26.37 -10.35 10.88
N LYS A 1666 25.14 -10.73 10.51
CA LYS A 1666 24.03 -11.19 11.36
C LYS A 1666 23.28 -10.11 12.11
N MET A 1667 23.83 -8.91 12.19
CA MET A 1667 22.88 -7.84 12.45
C MET A 1667 21.92 -7.75 11.30
N ALA A 1668 22.31 -8.27 10.15
CA ALA A 1668 21.44 -8.33 9.02
C ALA A 1668 20.19 -9.13 9.28
N ILE A 1669 20.18 -9.91 10.36
CA ILE A 1669 18.91 -10.49 10.78
C ILE A 1669 17.88 -9.40 10.79
N ASN A 1670 18.29 -8.23 11.26
CA ASN A 1670 17.52 -7.05 10.98
C ASN A 1670 17.40 -6.82 9.50
N HIS A 1671 18.53 -6.70 8.82
CA HIS A 1671 18.41 -6.42 7.42
C HIS A 1671 17.51 -7.43 6.77
N THR A 1672 17.55 -8.66 7.26
CA THR A 1672 16.54 -9.62 6.87
C THR A 1672 15.16 -9.01 7.02
N GLY A 1673 14.92 -8.30 8.11
CA GLY A 1673 13.72 -7.51 8.15
C GLY A 1673 13.79 -6.38 7.15
N GLU A 1674 14.89 -5.62 7.17
CA GLU A 1674 15.03 -4.61 6.15
C GLU A 1674 14.77 -5.21 4.79
N LYS A 1675 15.24 -6.43 4.60
CA LYS A 1675 14.81 -7.17 3.44
C LYS A 1675 13.31 -7.28 3.42
N GLU A 1676 12.74 -7.85 4.48
CA GLU A 1676 11.30 -7.86 4.54
C GLU A 1676 10.77 -6.46 4.37
N VAL A 1677 11.54 -5.45 4.79
CA VAL A 1677 11.04 -4.09 4.69
C VAL A 1677 10.83 -3.71 3.25
N LEU A 1678 11.87 -3.81 2.45
CA LEU A 1678 11.62 -3.63 1.04
C LEU A 1678 10.71 -4.73 0.54
N GLU A 1679 10.77 -5.90 1.15
CA GLU A 1679 9.95 -6.98 0.69
C GLU A 1679 8.49 -6.60 0.80
N ALA A 1680 7.75 -6.88 -0.27
CA ALA A 1680 6.32 -6.68 -0.30
C ALA A 1680 5.94 -5.25 0.00
N VAL A 1681 6.86 -4.31 -0.22
CA VAL A 1681 6.70 -2.99 0.35
C VAL A 1681 5.48 -2.30 -0.24
N GLY A 1682 5.43 -2.19 -1.56
CA GLY A 1682 4.35 -1.43 -2.16
C GLY A 1682 3.00 -2.05 -1.93
N SER A 1683 2.96 -3.33 -1.67
CA SER A 1683 1.72 -4.07 -1.71
C SER A 1683 0.90 -3.79 -0.45
N CYS A 1684 -0.18 -4.54 -0.29
CA CYS A 1684 -1.24 -4.29 0.68
C CYS A 1684 -0.80 -4.72 2.08
N LEU A 1685 -1.73 -4.68 3.02
CA LEU A 1685 -1.57 -5.25 4.36
C LEU A 1685 -0.38 -4.65 5.10
N GLY A 1686 -0.51 -3.36 5.40
CA GLY A 1686 0.47 -2.74 6.25
C GLY A 1686 0.68 -3.50 7.53
N GLU A 1687 -0.35 -4.22 8.00
CA GLU A 1687 -0.18 -5.06 9.17
C GLU A 1687 1.00 -5.99 9.01
N VAL A 1688 1.36 -6.34 7.79
CA VAL A 1688 2.67 -6.92 7.61
C VAL A 1688 3.71 -5.96 8.15
N GLY A 1689 3.74 -4.73 7.61
CA GLY A 1689 4.77 -3.79 7.94
C GLY A 1689 4.80 -3.56 9.43
N PRO A 1690 3.65 -3.74 10.05
CA PRO A 1690 3.60 -3.76 11.51
C PRO A 1690 4.57 -4.74 12.11
N ILE A 1691 4.72 -5.92 11.51
CA ILE A 1691 5.54 -6.94 12.13
C ILE A 1691 6.94 -6.43 12.41
N ASP A 1692 7.36 -5.37 11.72
CA ASP A 1692 8.57 -4.71 12.11
C ASP A 1692 8.54 -4.33 13.57
N PHE A 1693 7.35 -4.15 14.12
CA PHE A 1693 7.25 -4.00 15.56
C PHE A 1693 7.81 -5.22 16.27
N SER A 1694 7.27 -6.39 15.98
CA SER A 1694 7.89 -7.59 16.51
C SER A 1694 9.36 -7.62 16.16
N THR A 1695 9.72 -6.98 15.06
CA THR A 1695 11.10 -6.82 14.68
C THR A 1695 11.73 -5.59 15.28
N ILE A 1696 10.98 -4.81 16.06
CA ILE A 1696 11.47 -3.48 16.33
C ILE A 1696 12.59 -3.42 17.36
N ALA A 1697 12.91 -4.52 18.04
CA ALA A 1697 13.81 -4.34 19.18
C ALA A 1697 15.21 -4.51 18.63
N ILE A 1698 15.94 -3.42 18.63
CA ILE A 1698 16.88 -3.17 17.56
C ILE A 1698 17.82 -2.03 17.93
N GLN A 1699 18.62 -1.65 16.94
CA GLN A 1699 19.41 -0.43 16.86
C GLN A 1699 20.51 -0.28 17.88
N HIS A 1700 21.01 -1.37 18.41
CA HIS A 1700 22.35 -1.35 18.93
C HIS A 1700 23.33 -1.89 17.93
N SER A 1701 22.88 -2.37 16.78
CA SER A 1701 23.78 -3.09 15.91
C SER A 1701 24.81 -2.14 15.36
N LYS A 1702 25.92 -2.72 14.94
CA LYS A 1702 27.08 -1.90 14.67
C LYS A 1702 28.02 -2.62 13.72
N ASP A 1703 29.22 -2.05 13.58
CA ASP A 1703 30.38 -2.71 12.98
C ASP A 1703 30.24 -2.99 11.48
N ALA A 1704 29.65 -2.05 10.77
CA ALA A 1704 29.85 -1.93 9.32
C ALA A 1704 29.23 -0.61 8.91
N SER A 1705 29.29 -0.32 7.64
CA SER A 1705 28.39 0.68 7.11
C SER A 1705 27.00 0.16 6.77
N TYR A 1706 26.90 -1.00 6.14
CA TYR A 1706 25.98 -1.06 5.01
C TYR A 1706 25.48 -2.46 4.73
N THR A 1707 24.81 -2.56 3.59
CA THR A 1707 23.99 -3.68 3.19
C THR A 1707 24.81 -4.72 2.43
N LYS A 1708 24.13 -5.70 1.86
CA LYS A 1708 24.77 -6.80 1.17
C LYS A 1708 23.79 -7.44 0.20
N ALA A 1709 24.34 -8.21 -0.73
CA ALA A 1709 23.65 -9.10 -1.64
C ALA A 1709 23.56 -10.49 -1.04
N LEU A 1710 23.18 -11.48 -1.85
CA LEU A 1710 22.87 -12.84 -1.39
C LEU A 1710 23.06 -13.82 -2.55
N LYS A 1711 22.59 -15.06 -2.35
CA LYS A 1711 22.47 -16.08 -3.40
C LYS A 1711 23.82 -16.48 -4.02
N LEU A 1712 24.62 -17.19 -3.24
CA LEU A 1712 25.88 -17.74 -3.69
C LEU A 1712 25.64 -18.78 -4.77
N PHE A 1713 24.38 -19.10 -4.99
CA PHE A 1713 24.04 -19.70 -6.26
C PHE A 1713 24.68 -18.89 -7.38
N GLU A 1714 24.58 -17.57 -7.31
CA GLU A 1714 25.29 -16.76 -8.29
C GLU A 1714 26.79 -16.96 -8.17
N ASP A 1715 27.27 -17.18 -6.96
CA ASP A 1715 28.64 -17.60 -6.83
C ASP A 1715 28.79 -19.01 -7.35
N LYS A 1716 27.90 -19.88 -6.94
CA LYS A 1716 27.82 -21.14 -7.65
C LYS A 1716 27.71 -20.87 -9.13
N GLU A 1717 27.02 -19.80 -9.51
CA GLU A 1717 27.09 -19.37 -10.88
C GLU A 1717 28.44 -18.79 -11.21
N LEU A 1718 29.08 -18.13 -10.27
CA LEU A 1718 30.43 -17.72 -10.57
C LEU A 1718 31.29 -18.89 -10.98
N GLN A 1719 30.89 -20.10 -10.64
CA GLN A 1719 31.54 -21.27 -11.21
C GLN A 1719 31.57 -21.19 -12.73
N TRP A 1720 30.62 -20.48 -13.31
CA TRP A 1720 30.61 -20.28 -14.75
C TRP A 1720 31.77 -19.41 -15.18
N THR A 1721 32.11 -19.48 -16.47
CA THR A 1721 33.27 -18.72 -16.99
C THR A 1721 32.90 -17.58 -17.93
N PHE A 1722 32.52 -17.89 -19.16
CA PHE A 1722 32.55 -16.90 -20.23
C PHE A 1722 31.15 -16.42 -20.58
N ILE A 1723 31.03 -15.13 -20.92
CA ILE A 1723 29.79 -14.41 -20.69
C ILE A 1723 28.62 -15.04 -21.38
N MET A 1724 28.88 -15.96 -22.30
CA MET A 1724 27.90 -17.00 -22.54
C MET A 1724 27.46 -17.58 -21.22
N LEU A 1725 28.42 -17.81 -20.34
CA LEU A 1725 28.07 -18.05 -18.96
C LEU A 1725 27.23 -16.90 -18.43
N THR A 1726 27.75 -15.67 -18.52
CA THR A 1726 26.92 -14.55 -18.07
C THR A 1726 25.57 -14.62 -18.73
N TYR A 1727 25.57 -14.92 -20.00
CA TYR A 1727 24.33 -15.32 -20.61
C TYR A 1727 23.77 -16.55 -19.90
N LEU A 1728 24.55 -17.63 -19.84
CA LEU A 1728 24.05 -18.80 -19.14
C LEU A 1728 23.54 -18.39 -17.78
N ASN A 1729 24.29 -17.53 -17.11
CA ASN A 1729 23.74 -16.88 -15.94
C ASN A 1729 22.47 -16.14 -16.30
N ASN A 1730 22.57 -15.20 -17.23
CA ASN A 1730 21.36 -14.49 -17.60
C ASN A 1730 20.25 -15.48 -17.89
N THR A 1731 20.59 -16.53 -18.62
CA THR A 1731 19.63 -17.59 -18.84
C THR A 1731 19.03 -18.08 -17.54
N LEU A 1732 19.80 -18.09 -16.47
CA LEU A 1732 19.16 -18.44 -15.22
C LEU A 1732 18.01 -17.50 -14.96
N VAL A 1733 18.28 -16.20 -14.96
CA VAL A 1733 17.21 -15.25 -14.81
C VAL A 1733 16.10 -15.59 -15.76
N GLU A 1734 16.47 -15.96 -16.96
CA GLU A 1734 15.45 -16.51 -17.82
C GLU A 1734 14.82 -17.72 -17.19
N ASP A 1735 15.60 -18.73 -16.86
CA ASP A 1735 15.04 -19.85 -16.13
C ASP A 1735 14.34 -19.33 -14.91
N CYS A 1736 14.91 -18.29 -14.32
CA CYS A 1736 14.21 -17.62 -13.26
C CYS A 1736 12.91 -17.06 -13.75
N VAL A 1737 12.70 -16.99 -15.05
CA VAL A 1737 11.29 -16.90 -15.30
C VAL A 1737 10.92 -18.34 -15.48
N LYS A 1738 10.24 -18.84 -14.51
CA LYS A 1738 9.20 -19.84 -14.63
C LYS A 1738 7.87 -19.13 -14.62
N VAL A 1739 7.88 -17.81 -14.56
CA VAL A 1739 7.17 -17.11 -13.51
C VAL A 1739 5.65 -17.10 -13.66
N ARG A 1740 5.11 -16.43 -14.66
CA ARG A 1740 3.68 -16.09 -14.61
C ARG A 1740 3.11 -15.90 -16.02
N SER A 1741 1.89 -15.36 -16.09
CA SER A 1741 0.99 -15.45 -17.24
C SER A 1741 1.63 -14.95 -18.53
N ALA A 1742 1.42 -15.70 -19.59
CA ALA A 1742 1.43 -15.21 -20.95
C ALA A 1742 2.80 -14.77 -21.40
N ALA A 1743 3.74 -14.65 -20.49
CA ALA A 1743 5.05 -14.25 -20.95
C ALA A 1743 5.81 -15.49 -21.33
N VAL A 1744 5.07 -16.58 -21.25
CA VAL A 1744 5.62 -17.91 -21.27
C VAL A 1744 6.40 -18.06 -22.55
N THR A 1745 6.22 -17.10 -23.45
CA THR A 1745 6.87 -17.15 -24.75
C THR A 1745 8.34 -17.47 -24.64
N CYS A 1746 8.99 -17.01 -23.60
CA CYS A 1746 10.39 -17.33 -23.57
C CYS A 1746 10.63 -18.81 -23.44
N LEU A 1747 9.61 -19.62 -23.21
CA LEU A 1747 9.82 -21.06 -23.32
C LEU A 1747 10.45 -21.38 -24.65
N LYS A 1748 9.84 -20.91 -25.72
CA LYS A 1748 10.50 -21.06 -26.99
C LYS A 1748 11.88 -20.45 -26.91
N ASN A 1749 11.98 -19.26 -26.34
CA ASN A 1749 13.31 -18.79 -26.08
C ASN A 1749 14.04 -19.79 -25.22
N ILE A 1750 13.37 -20.32 -24.20
CA ILE A 1750 14.02 -21.34 -23.41
C ILE A 1750 14.39 -22.48 -24.33
N LEU A 1751 13.50 -22.84 -25.23
CA LEU A 1751 13.95 -23.67 -26.31
C LEU A 1751 15.10 -22.98 -27.04
N ALA A 1752 14.89 -21.76 -27.51
CA ALA A 1752 15.96 -21.06 -28.18
C ALA A 1752 17.21 -21.05 -27.32
N THR A 1753 17.03 -21.00 -26.01
CA THR A 1753 18.16 -21.23 -25.17
C THR A 1753 18.78 -22.57 -25.48
N LYS A 1754 17.94 -23.58 -25.65
CA LYS A 1754 18.48 -24.92 -25.79
C LYS A 1754 19.36 -25.00 -27.00
N THR A 1755 19.37 -23.96 -27.81
CA THR A 1755 20.27 -23.92 -28.93
C THR A 1755 21.70 -24.13 -28.47
N GLY A 1756 22.48 -24.76 -29.32
CA GLY A 1756 23.73 -25.35 -28.95
C GLY A 1756 24.73 -24.35 -28.45
N HIS A 1757 24.37 -23.06 -28.52
CA HIS A 1757 25.36 -22.02 -28.63
C HIS A 1757 26.48 -22.24 -27.65
N SER A 1758 26.20 -22.08 -26.38
CA SER A 1758 27.09 -22.59 -25.37
C SER A 1758 26.60 -23.93 -24.93
N PHE A 1759 25.54 -24.40 -25.58
CA PHE A 1759 24.49 -25.10 -24.84
C PHE A 1759 25.09 -26.10 -23.88
N TRP A 1760 26.14 -26.78 -24.29
CA TRP A 1760 26.83 -27.61 -23.32
C TRP A 1760 27.26 -26.82 -22.11
N GLU A 1761 27.33 -25.49 -22.20
CA GLU A 1761 27.42 -24.73 -20.97
C GLU A 1761 26.39 -25.22 -19.98
N ILE A 1762 25.17 -25.44 -20.44
CA ILE A 1762 24.22 -26.15 -19.59
C ILE A 1762 24.75 -27.52 -19.28
N TYR A 1763 25.18 -28.26 -20.30
CA TYR A 1763 25.82 -29.52 -19.98
C TYR A 1763 27.02 -29.29 -19.08
N LYS A 1764 27.79 -28.24 -19.32
CA LYS A 1764 28.76 -27.81 -18.34
C LYS A 1764 28.06 -27.49 -17.03
N MET A 1765 26.94 -26.81 -17.12
CA MET A 1765 26.19 -26.51 -15.92
C MET A 1765 25.56 -27.75 -15.34
N THR A 1766 25.67 -28.88 -16.03
CA THR A 1766 24.70 -29.95 -15.86
C THR A 1766 25.01 -30.71 -14.59
N THR A 1767 26.04 -30.32 -13.86
CA THR A 1767 26.34 -31.11 -12.68
C THR A 1767 25.43 -30.76 -11.51
N ASP A 1768 25.64 -29.61 -10.87
CA ASP A 1768 25.02 -29.33 -9.57
C ASP A 1768 23.51 -29.08 -9.37
N PRO A 1769 22.96 -28.13 -10.14
CA PRO A 1769 21.85 -27.20 -9.85
C PRO A 1769 20.46 -27.75 -9.60
N MET A 1770 19.81 -27.24 -8.57
CA MET A 1770 18.40 -27.53 -8.40
C MET A 1770 17.60 -27.02 -9.58
N LEU A 1771 17.67 -25.72 -9.83
CA LEU A 1771 16.81 -25.12 -10.83
C LEU A 1771 16.90 -25.82 -12.16
N ALA A 1772 18.09 -26.26 -12.52
CA ALA A 1772 18.32 -26.68 -13.89
C ALA A 1772 17.35 -27.76 -14.30
N TYR A 1773 17.32 -28.86 -13.56
CA TYR A 1773 16.54 -30.00 -13.98
C TYR A 1773 15.14 -29.58 -14.35
N LEU A 1774 14.60 -28.63 -13.60
CA LEU A 1774 13.29 -28.11 -13.96
C LEU A 1774 13.29 -27.76 -15.42
N GLN A 1775 14.24 -26.95 -15.83
CA GLN A 1775 14.41 -26.72 -17.27
C GLN A 1775 14.88 -27.98 -17.95
N PRO A 1776 15.90 -28.67 -17.46
CA PRO A 1776 16.48 -29.78 -18.24
C PRO A 1776 15.44 -30.78 -18.64
N PHE A 1777 14.59 -31.14 -17.68
CA PHE A 1777 13.40 -31.88 -18.04
C PHE A 1777 12.68 -31.22 -19.18
N ARG A 1778 12.62 -29.90 -19.15
CA ARG A 1778 11.68 -29.24 -20.06
C ARG A 1778 12.27 -29.10 -21.45
N THR A 1779 13.21 -28.19 -21.59
CA THR A 1779 13.59 -27.82 -22.93
C THR A 1779 14.65 -28.80 -23.42
N SER A 1780 15.24 -28.49 -24.58
CA SER A 1780 16.29 -29.28 -25.20
C SER A 1780 15.87 -30.72 -25.46
N PRO A 1807 22.90 -27.82 -34.20
CA PRO A 1807 21.66 -27.31 -34.77
C PRO A 1807 21.18 -26.02 -34.10
N LEU A 1808 21.66 -24.88 -34.58
CA LEU A 1808 21.34 -23.57 -34.03
C LEU A 1808 21.36 -22.55 -35.16
N SER A 1809 21.13 -21.27 -34.83
CA SER A 1809 20.81 -20.29 -35.88
C SER A 1809 21.42 -18.92 -35.62
N GLU A 1810 21.70 -18.21 -36.71
CA GLU A 1810 22.31 -16.90 -36.73
C GLU A 1810 21.31 -15.80 -37.05
N ASN A 1811 21.82 -14.56 -37.13
CA ASN A 1811 21.08 -13.42 -37.64
C ASN A 1811 22.09 -12.38 -38.13
N HIS A 1812 21.65 -11.45 -38.98
CA HIS A 1812 22.54 -10.46 -39.57
C HIS A 1812 22.35 -9.07 -38.96
N ASP A 1813 23.16 -8.12 -39.43
CA ASP A 1813 23.07 -6.73 -38.99
C ASP A 1813 23.69 -5.82 -40.05
N ILE A 1814 23.36 -4.52 -39.98
CA ILE A 1814 23.94 -3.56 -40.92
C ILE A 1814 24.55 -2.34 -40.26
N TRP A 1815 23.72 -1.46 -39.69
CA TRP A 1815 24.11 -0.10 -39.37
C TRP A 1815 24.13 0.10 -37.86
N ILE A 1816 25.32 0.30 -37.31
CA ILE A 1816 25.43 0.53 -35.87
C ILE A 1816 24.89 1.89 -35.49
N LYS A 1817 25.30 2.94 -36.19
CA LYS A 1817 24.84 4.27 -35.84
C LYS A 1817 23.34 4.38 -35.95
N THR A 1818 22.70 3.40 -36.58
CA THR A 1818 21.25 3.38 -36.66
C THR A 1818 20.62 3.33 -35.28
N LEU A 1819 21.42 3.05 -34.26
CA LEU A 1819 20.92 3.02 -32.90
C LEU A 1819 21.01 4.37 -32.20
N THR A 1820 21.46 5.42 -32.89
CA THR A 1820 21.90 6.64 -32.22
C THR A 1820 20.85 7.27 -31.31
N CYS A 1821 19.63 7.43 -31.80
CA CYS A 1821 18.67 8.33 -31.15
C CYS A 1821 18.13 7.81 -29.83
N ALA A 1822 18.43 6.57 -29.45
CA ALA A 1822 17.77 5.98 -28.30
C ALA A 1822 18.06 6.74 -27.01
N PHE A 1823 19.32 6.88 -26.63
CA PHE A 1823 19.65 7.21 -25.24
C PHE A 1823 18.85 8.40 -24.73
N LEU A 1824 18.66 9.43 -25.54
CA LEU A 1824 17.77 10.50 -25.15
C LEU A 1824 16.34 10.00 -25.08
N ASP A 1825 15.86 9.45 -26.19
CA ASP A 1825 14.58 8.78 -26.14
C ASP A 1825 14.58 7.71 -25.06
N SER A 1826 15.53 6.79 -25.14
CA SER A 1826 15.73 5.84 -24.07
C SER A 1826 16.02 6.55 -22.77
N GLY A 1827 16.39 7.82 -22.83
CA GLY A 1827 16.34 8.61 -21.62
C GLY A 1827 14.94 8.62 -21.07
N GLY A 1828 13.97 8.23 -21.89
CA GLY A 1828 12.64 7.99 -21.40
C GLY A 1828 12.19 9.23 -20.70
N THR A 1829 12.23 10.35 -21.41
CA THR A 1829 11.83 11.60 -20.81
C THR A 1829 10.49 11.45 -20.13
N LYS A 1830 9.59 10.72 -20.75
CA LYS A 1830 8.29 10.44 -20.19
C LYS A 1830 8.39 9.18 -19.34
N CYS A 1831 7.24 8.67 -18.93
CA CYS A 1831 7.20 7.46 -18.13
C CYS A 1831 7.35 6.26 -19.05
N GLU A 1832 7.12 5.07 -18.49
CA GLU A 1832 7.43 3.81 -19.17
C GLU A 1832 8.91 3.78 -19.51
N ILE A 1833 9.70 3.74 -18.44
CA ILE A 1833 11.07 3.37 -18.65
C ILE A 1833 11.10 2.14 -19.50
N LEU A 1834 10.18 1.22 -19.24
CA LEU A 1834 9.99 0.06 -20.10
C LEU A 1834 9.93 0.49 -21.54
N GLN A 1835 9.20 1.56 -21.82
CA GLN A 1835 9.35 2.08 -23.14
C GLN A 1835 10.77 2.51 -23.38
N LEU A 1836 11.33 3.40 -22.58
CA LEU A 1836 12.73 3.72 -22.77
C LEU A 1836 13.55 2.46 -22.76
N LEU A 1837 13.08 1.48 -22.02
CA LEU A 1837 13.66 0.18 -22.13
C LEU A 1837 13.23 -0.51 -23.39
N LYS A 1838 12.02 -0.30 -23.81
CA LYS A 1838 11.72 -0.84 -25.12
C LYS A 1838 12.74 -0.17 -26.03
N PRO A 1839 13.00 1.11 -25.84
CA PRO A 1839 14.08 1.73 -26.60
C PRO A 1839 15.39 1.07 -26.30
N MET A 1840 15.66 0.82 -25.04
CA MET A 1840 16.73 -0.11 -24.79
C MET A 1840 16.46 -1.41 -25.52
N CYS A 1841 15.28 -1.99 -25.31
CA CYS A 1841 14.93 -3.16 -26.08
C CYS A 1841 15.10 -2.89 -27.54
N GLU A 1842 14.83 -1.66 -27.98
CA GLU A 1842 15.19 -1.29 -29.32
C GLU A 1842 16.69 -1.30 -29.47
N VAL A 1843 17.39 -0.57 -28.60
CA VAL A 1843 18.84 -0.70 -28.60
C VAL A 1843 19.18 -2.18 -28.54
N LYS A 1844 18.42 -2.93 -27.76
CA LYS A 1844 18.57 -4.37 -27.81
C LYS A 1844 18.14 -4.91 -29.15
N THR A 1845 16.93 -4.59 -29.58
CA THR A 1845 16.52 -5.00 -30.90
C THR A 1845 17.50 -4.51 -31.93
N ASP A 1846 18.21 -3.43 -31.63
CA ASP A 1846 19.29 -3.06 -32.52
C ASP A 1846 20.26 -4.19 -32.31
N PHE A 1847 20.62 -4.85 -33.39
CA PHE A 1847 21.10 -6.21 -33.27
C PHE A 1847 22.60 -6.18 -33.36
N CYS A 1848 23.24 -6.47 -32.24
CA CYS A 1848 24.67 -6.56 -32.16
C CYS A 1848 25.09 -7.99 -32.35
N GLN A 1849 26.17 -8.19 -33.08
CA GLN A 1849 26.67 -9.52 -33.29
C GLN A 1849 27.47 -9.98 -32.11
N THR A 1850 27.62 -9.12 -31.12
CA THR A 1850 28.14 -9.56 -29.85
C THR A 1850 27.41 -10.82 -29.43
N VAL A 1851 26.13 -10.71 -29.05
CA VAL A 1851 25.37 -11.94 -28.89
C VAL A 1851 24.00 -11.84 -29.54
N LEU A 1852 23.79 -12.64 -30.55
CA LEU A 1852 22.46 -13.10 -30.91
C LEU A 1852 21.99 -13.93 -29.74
N PRO A 1853 22.91 -14.69 -29.14
CA PRO A 1853 22.54 -15.42 -27.94
C PRO A 1853 21.80 -14.53 -27.00
N TYR A 1854 22.24 -13.29 -26.87
CA TYR A 1854 21.36 -12.29 -26.28
C TYR A 1854 20.09 -12.16 -27.09
N LEU A 1855 20.24 -11.85 -28.37
CA LEU A 1855 19.06 -11.61 -29.19
C LEU A 1855 18.16 -12.82 -29.26
N ILE A 1856 18.67 -13.99 -28.88
CA ILE A 1856 17.91 -15.21 -29.00
C ILE A 1856 16.52 -15.04 -28.42
N HIS A 1857 16.42 -14.44 -27.24
CA HIS A 1857 15.13 -14.21 -26.64
C HIS A 1857 14.58 -12.82 -26.88
N ASP A 1858 15.30 -11.99 -27.63
CA ASP A 1858 15.09 -10.56 -27.51
C ASP A 1858 13.62 -10.21 -27.54
N ILE A 1859 12.86 -10.86 -28.40
CA ILE A 1859 11.43 -10.67 -28.40
C ILE A 1859 10.80 -11.28 -27.17
N LEU A 1860 11.07 -12.57 -26.94
CA LEU A 1860 10.64 -13.16 -25.69
C LEU A 1860 11.08 -12.26 -24.57
N LEU A 1861 12.31 -11.78 -24.65
CA LEU A 1861 12.71 -10.68 -23.82
C LEU A 1861 11.81 -9.47 -24.02
N GLN A 1862 11.57 -9.08 -25.26
CA GLN A 1862 10.93 -7.79 -25.50
C GLN A 1862 9.67 -7.64 -24.67
N ASP A 1863 8.85 -8.65 -24.61
CA ASP A 1863 7.66 -8.50 -23.81
C ASP A 1863 7.90 -8.84 -22.37
N THR A 1864 9.11 -9.21 -22.00
CA THR A 1864 9.36 -9.60 -20.62
C THR A 1864 9.39 -8.36 -19.75
N ASN A 1865 9.67 -8.55 -18.46
CA ASN A 1865 9.92 -7.42 -17.59
C ASN A 1865 11.10 -6.64 -18.14
N GLU A 1866 10.89 -5.36 -18.33
CA GLU A 1866 11.90 -4.59 -19.01
C GLU A 1866 13.20 -4.67 -18.25
N SER A 1867 13.17 -4.25 -16.99
CA SER A 1867 14.39 -4.26 -16.21
C SER A 1867 15.06 -5.59 -16.30
N TRP A 1868 14.28 -6.66 -16.22
CA TRP A 1868 14.85 -7.98 -16.37
C TRP A 1868 15.67 -8.04 -17.61
N ARG A 1869 15.06 -7.74 -18.73
CA ARG A 1869 15.86 -7.46 -19.89
C ARG A 1869 16.81 -6.31 -19.57
N ASN A 1870 16.25 -5.18 -19.18
CA ASN A 1870 17.04 -3.98 -19.06
C ASN A 1870 18.25 -4.21 -18.20
N LEU A 1871 18.16 -5.13 -17.28
CA LEU A 1871 19.37 -5.49 -16.58
C LEU A 1871 20.43 -5.89 -17.60
N LEU A 1872 20.12 -6.90 -18.37
CA LEU A 1872 21.13 -7.34 -19.30
C LEU A 1872 21.40 -6.30 -20.34
N SER A 1873 20.50 -5.34 -20.48
CA SER A 1873 20.82 -4.25 -21.39
C SER A 1873 22.19 -3.75 -21.07
N THR A 1874 22.48 -3.61 -19.79
CA THR A 1874 23.86 -3.43 -19.44
C THR A 1874 24.67 -4.59 -19.98
N HIS A 1875 24.34 -5.80 -19.58
CA HIS A 1875 25.12 -6.94 -20.05
C HIS A 1875 25.17 -6.92 -21.55
N VAL A 1876 24.06 -6.54 -22.17
CA VAL A 1876 24.09 -6.26 -23.59
C VAL A 1876 25.07 -5.15 -23.87
N GLN A 1877 24.86 -4.00 -23.26
CA GLN A 1877 25.71 -2.87 -23.57
C GLN A 1877 27.16 -3.25 -23.43
N GLY A 1878 27.47 -4.07 -22.43
CA GLY A 1878 28.82 -4.52 -22.30
C GLY A 1878 29.26 -5.34 -23.49
N PHE A 1879 28.50 -6.38 -23.80
CA PHE A 1879 28.74 -7.05 -25.05
C PHE A 1879 28.81 -6.03 -26.17
N PHE A 1880 27.88 -5.10 -26.17
CA PHE A 1880 27.99 -4.00 -27.10
C PHE A 1880 29.29 -3.26 -26.90
N THR A 1881 29.55 -2.84 -25.67
CA THR A 1881 30.86 -2.27 -25.39
C THR A 1881 31.94 -3.20 -25.90
N SER A 1882 31.89 -4.46 -25.48
CA SER A 1882 32.80 -5.45 -26.02
C SER A 1882 32.79 -5.40 -27.52
N CYS A 1883 31.61 -5.29 -28.11
CA CYS A 1883 31.58 -5.20 -29.54
C CYS A 1883 32.14 -3.88 -30.04
N LEU A 1884 31.64 -2.75 -29.52
CA LEU A 1884 31.84 -1.45 -30.16
C LEU A 1884 33.33 -1.17 -30.33
N ARG A 1885 33.76 -0.82 -31.54
CA ARG A 1885 35.18 -0.61 -31.76
C ARG A 1885 35.59 0.77 -31.32
N HIS A 1886 35.24 1.77 -32.09
CA HIS A 1886 34.98 3.08 -31.52
C HIS A 1886 33.50 3.27 -31.32
N PHE A 1887 32.68 2.28 -31.66
CA PHE A 1887 31.43 2.64 -32.28
C PHE A 1887 30.46 3.18 -31.26
N SER A 1888 29.92 2.31 -30.42
CA SER A 1888 29.27 2.85 -29.26
C SER A 1888 30.28 3.60 -28.44
N GLN A 1889 31.53 3.13 -28.49
CA GLN A 1889 32.57 3.76 -27.71
C GLN A 1889 32.52 5.26 -27.92
N THR A 1890 32.50 5.68 -29.16
CA THR A 1890 32.02 7.01 -29.43
C THR A 1890 30.57 7.13 -28.99
N SER A 1891 29.72 6.29 -29.56
CA SER A 1891 28.29 6.56 -29.52
C SER A 1891 27.78 6.54 -28.10
N ARG A 1892 28.02 5.43 -27.41
CA ARG A 1892 27.64 5.38 -26.03
C ARG A 1892 28.17 6.55 -25.26
N SER A 1893 29.36 7.05 -25.61
CA SER A 1893 30.00 8.04 -24.76
C SER A 1893 29.06 9.21 -24.52
N THR A 1894 28.61 9.83 -25.60
CA THR A 1894 27.60 10.86 -25.42
C THR A 1894 26.30 10.26 -24.93
N THR A 1895 25.89 9.14 -25.51
CA THR A 1895 24.68 8.49 -25.05
C THR A 1895 24.64 8.42 -23.53
N PRO A 1896 25.63 7.92 -22.88
CA PRO A 1896 25.67 8.04 -21.43
C PRO A 1896 25.72 9.48 -20.98
N ALA A 1897 26.59 10.27 -21.61
CA ALA A 1897 26.62 11.67 -21.25
C ALA A 1897 25.24 12.25 -21.30
N ASN A 1898 24.43 11.76 -22.25
CA ASN A 1898 23.02 12.07 -22.20
C ASN A 1898 22.39 11.53 -20.93
N LEU A 1899 22.49 10.22 -20.73
CA LEU A 1899 22.02 9.67 -19.48
C LEU A 1899 22.64 10.42 -18.32
N ASP A 1900 23.89 10.83 -18.49
CA ASP A 1900 24.47 11.74 -17.52
C ASP A 1900 23.65 13.01 -17.45
N SER A 1901 23.49 13.68 -18.58
CA SER A 1901 22.63 14.83 -18.51
C SER A 1901 21.21 14.45 -18.13
N GLU A 1902 20.86 13.15 -18.22
CA GLU A 1902 19.46 12.76 -18.25
C GLU A 1902 18.64 13.42 -17.16
N SER A 1903 19.12 13.39 -15.92
CA SER A 1903 18.47 14.18 -14.89
C SER A 1903 19.10 15.52 -14.67
N GLU A 1904 20.17 15.85 -15.40
CA GLU A 1904 20.96 17.02 -15.06
C GLU A 1904 20.11 18.28 -15.11
N HIS A 1905 20.46 19.24 -14.24
CA HIS A 1905 19.79 20.53 -14.17
C HIS A 1905 18.30 20.37 -13.89
N PHE A 1906 17.98 19.58 -12.86
CA PHE A 1906 16.61 19.33 -12.45
C PHE A 1906 15.82 18.66 -13.57
N PHE A 1907 16.53 17.96 -14.46
CA PHE A 1907 15.83 17.07 -15.36
C PHE A 1907 15.44 15.81 -14.60
N ARG A 1908 14.76 14.90 -15.28
CA ARG A 1908 14.09 13.81 -14.61
C ARG A 1908 14.75 12.48 -14.97
N CYS A 1909 15.41 11.84 -14.00
CA CYS A 1909 15.72 10.42 -14.13
C CYS A 1909 15.43 9.71 -12.81
N CYS A 1910 14.51 8.75 -12.81
CA CYS A 1910 14.36 7.87 -11.67
C CYS A 1910 13.85 6.52 -12.13
N LEU A 1911 14.33 5.48 -11.48
CA LEU A 1911 13.77 4.15 -11.45
C LEU A 1911 13.97 3.41 -12.74
N ASP A 1912 14.29 4.09 -13.80
CA ASP A 1912 15.37 3.62 -14.63
C ASP A 1912 16.65 4.36 -14.34
N LYS A 1913 16.63 5.37 -13.48
CA LYS A 1913 17.84 6.13 -13.28
C LYS A 1913 18.92 5.23 -12.75
N LYS A 1914 18.60 4.55 -11.67
CA LYS A 1914 19.43 3.44 -11.26
C LYS A 1914 19.66 2.52 -12.44
N SER A 1915 18.60 2.13 -13.12
CA SER A 1915 18.78 1.25 -14.25
C SER A 1915 19.76 1.88 -15.23
N GLN A 1916 19.64 3.17 -15.46
CA GLN A 1916 20.67 3.82 -16.23
C GLN A 1916 22.01 3.61 -15.58
N ARG A 1917 22.13 4.01 -14.33
CA ARG A 1917 23.36 3.75 -13.62
C ARG A 1917 23.69 2.29 -13.62
N THR A 1918 22.67 1.45 -13.57
CA THR A 1918 22.95 0.03 -13.58
C THR A 1918 23.87 -0.32 -14.72
N MET A 1919 23.62 0.26 -15.88
CA MET A 1919 24.59 0.12 -16.93
C MET A 1919 25.94 0.55 -16.43
N LEU A 1920 26.02 1.79 -15.94
CA LEU A 1920 27.26 2.24 -15.33
C LEU A 1920 27.69 1.29 -14.26
N ALA A 1921 26.73 0.72 -13.55
CA ALA A 1921 27.15 -0.27 -12.60
C ALA A 1921 27.82 -1.42 -13.31
N VAL A 1922 27.12 -2.09 -14.22
CA VAL A 1922 27.77 -3.17 -14.89
C VAL A 1922 28.95 -2.61 -15.63
N VAL A 1923 28.87 -1.33 -16.00
CA VAL A 1923 30.09 -0.71 -16.46
C VAL A 1923 31.11 -0.73 -15.35
N ASP A 1924 30.79 -0.13 -14.22
CA ASP A 1924 31.71 -0.27 -13.11
C ASP A 1924 31.98 -1.73 -12.87
N TYR A 1925 30.99 -2.57 -13.12
CA TYR A 1925 31.13 -3.95 -12.74
C TYR A 1925 31.57 -4.79 -13.92
N MET A 1926 30.67 -5.00 -14.86
CA MET A 1926 30.75 -6.15 -15.74
C MET A 1926 31.73 -5.92 -16.82
N ARG A 1927 32.35 -4.74 -16.78
CA ARG A 1927 33.27 -4.24 -17.79
C ARG A 1927 34.69 -4.72 -17.58
N ARG A 1928 34.91 -5.59 -16.60
CA ARG A 1928 36.21 -5.68 -15.95
C ARG A 1928 37.37 -5.70 -16.94
N GLN A 1929 37.33 -6.55 -17.94
CA GLN A 1929 38.47 -6.53 -18.84
C GLN A 1929 38.23 -5.62 -20.02
N LYS A 1930 37.06 -5.00 -20.09
CA LYS A 1930 36.73 -4.18 -21.24
C LYS A 1930 37.79 -3.11 -21.39
N ARG A 1931 38.37 -3.05 -22.58
CA ARG A 1931 39.54 -2.22 -22.83
C ARG A 1931 40.55 -2.48 -21.73
N PRO A 1932 41.18 -3.65 -21.71
CA PRO A 1932 41.90 -4.05 -20.49
C PRO A 1932 42.90 -2.99 -20.06
N SER A 1933 42.86 -2.59 -18.78
CA SER A 1933 43.63 -1.45 -18.28
C SER A 1933 43.98 -1.63 -16.81
N SER A 1934 45.15 -1.09 -16.43
CA SER A 1934 45.71 -1.35 -15.11
C SER A 1934 44.83 -0.84 -14.00
N GLY A 1935 44.53 0.45 -13.95
CA GLY A 1935 43.32 0.68 -13.22
C GLY A 1935 42.39 0.01 -14.20
N THR A 1936 41.70 -1.00 -13.75
CA THR A 1936 40.57 -1.39 -14.56
C THR A 1936 39.57 -0.29 -14.50
N ILE A 1937 39.70 0.54 -13.48
CA ILE A 1937 39.00 1.80 -13.42
C ILE A 1937 39.19 2.53 -14.72
N PHE A 1938 40.44 2.71 -15.11
CA PHE A 1938 40.69 3.20 -16.44
C PHE A 1938 39.92 2.38 -17.43
N ASN A 1939 40.13 1.07 -17.40
CA ASN A 1939 39.37 0.19 -18.28
C ASN A 1939 37.88 0.41 -18.10
N ASP A 1940 37.44 0.49 -16.85
CA ASP A 1940 36.06 0.83 -16.62
C ASP A 1940 35.75 2.16 -17.26
N ALA A 1941 36.50 3.19 -16.89
CA ALA A 1941 36.36 4.46 -17.58
C ALA A 1941 36.43 4.25 -19.07
N PHE A 1942 37.40 3.47 -19.51
CA PHE A 1942 37.47 3.13 -20.91
C PHE A 1942 36.20 2.42 -21.35
N TRP A 1943 35.89 1.31 -20.70
CA TRP A 1943 34.59 0.71 -20.95
C TRP A 1943 33.49 1.74 -20.76
N LEU A 1944 33.65 2.65 -19.83
CA LEU A 1944 32.62 3.64 -19.60
C LEU A 1944 32.61 4.67 -20.71
N ASP A 1945 31.73 5.64 -20.53
CA ASP A 1945 31.68 6.83 -21.35
C ASP A 1945 32.65 7.87 -20.86
N LEU A 1946 33.41 7.53 -19.83
CA LEU A 1946 34.66 8.19 -19.44
C LEU A 1946 34.51 9.41 -18.52
N ASN A 1947 33.32 9.88 -18.15
CA ASN A 1947 33.26 10.86 -17.05
C ASN A 1947 32.29 10.42 -15.95
N TYR A 1948 32.83 10.09 -14.79
CA TYR A 1948 32.00 9.85 -13.64
C TYR A 1948 31.64 11.14 -12.96
N LEU A 1949 32.37 12.21 -13.30
CA LEU A 1949 32.11 13.48 -12.66
C LEU A 1949 30.63 13.74 -12.67
N GLU A 1950 30.02 13.62 -13.84
CA GLU A 1950 28.57 13.54 -13.89
C GLU A 1950 28.08 12.32 -13.17
N VAL A 1951 28.55 11.15 -13.58
CA VAL A 1951 27.96 9.92 -13.09
C VAL A 1951 27.85 10.02 -11.60
N ALA A 1952 28.87 10.57 -10.97
CA ALA A 1952 28.77 10.85 -9.57
C ALA A 1952 27.58 11.75 -9.29
N LYS A 1953 27.53 12.92 -9.88
CA LYS A 1953 26.34 13.71 -9.71
C LYS A 1953 25.13 12.90 -10.06
N VAL A 1954 25.22 12.14 -11.14
CA VAL A 1954 24.14 11.23 -11.44
C VAL A 1954 23.94 10.30 -10.28
N ALA A 1955 24.98 9.59 -9.91
CA ALA A 1955 24.91 8.84 -8.68
C ALA A 1955 24.47 9.71 -7.55
N GLN A 1956 24.94 10.95 -7.49
CA GLN A 1956 24.47 11.81 -6.43
C GLN A 1956 22.97 11.82 -6.42
N SER A 1957 22.38 11.93 -7.60
CA SER A 1957 20.96 11.73 -7.68
C SER A 1957 20.60 10.32 -7.26
N CYS A 1958 21.24 9.34 -7.88
CA CYS A 1958 21.01 7.98 -7.43
C CYS A 1958 21.17 7.91 -5.94
N ALA A 1959 22.14 8.62 -5.42
CA ALA A 1959 22.31 8.83 -3.99
C ALA A 1959 22.50 7.53 -3.24
N ALA A 1960 22.99 6.47 -3.89
CA ALA A 1960 23.45 5.33 -3.10
C ALA A 1960 24.94 5.55 -2.92
N HIS A 1961 25.30 5.87 -1.70
CA HIS A 1961 26.47 6.69 -1.56
C HIS A 1961 27.72 5.91 -1.89
N PHE A 1962 27.90 4.76 -1.26
CA PHE A 1962 29.21 4.13 -1.31
C PHE A 1962 29.64 4.00 -2.74
N THR A 1963 28.81 3.34 -3.55
CA THR A 1963 29.06 3.34 -4.97
C THR A 1963 29.22 4.76 -5.45
N ALA A 1964 28.22 5.59 -5.18
CA ALA A 1964 28.31 6.97 -5.62
C ALA A 1964 29.62 7.52 -5.16
N LEU A 1965 29.86 7.44 -3.87
CA LEU A 1965 31.12 7.88 -3.34
C LEU A 1965 32.26 7.27 -4.11
N LEU A 1966 32.27 5.96 -4.22
CA LEU A 1966 33.28 5.37 -5.05
C LEU A 1966 33.21 5.94 -6.45
N TYR A 1967 32.04 5.81 -7.07
CA TYR A 1967 31.88 6.43 -8.38
C TYR A 1967 32.33 7.87 -8.31
N ALA A 1968 31.99 8.54 -7.23
CA ALA A 1968 32.60 9.84 -7.00
C ALA A 1968 34.09 9.68 -6.90
N GLU A 1969 34.54 8.86 -5.97
CA GLU A 1969 35.96 8.66 -5.86
C GLU A 1969 36.52 8.36 -7.23
N ILE A 1970 35.78 7.57 -8.00
CA ILE A 1970 36.13 7.39 -9.39
C ILE A 1970 36.06 8.71 -10.10
N TYR A 1971 34.90 9.36 -10.07
CA TYR A 1971 34.84 10.70 -10.65
C TYR A 1971 35.98 11.52 -10.09
N ALA A 1972 36.21 11.39 -8.80
CA ALA A 1972 37.43 11.92 -8.26
C ALA A 1972 38.61 11.32 -8.97
N ASP A 1973 38.72 10.00 -8.95
CA ASP A 1973 39.79 9.39 -9.72
C ASP A 1973 39.74 9.89 -11.14
N LYS A 1974 38.54 10.00 -11.69
CA LYS A 1974 38.41 10.62 -12.99
C LYS A 1974 39.00 12.00 -12.96
N LYS A 1975 38.49 12.84 -12.06
CA LYS A 1975 39.19 14.08 -11.82
C LYS A 1975 40.64 13.80 -11.57
N SER A 1976 40.96 12.81 -10.75
CA SER A 1976 42.36 12.47 -10.57
C SER A 1976 42.96 12.06 -11.89
N MET A 1977 42.28 11.19 -12.62
CA MET A 1977 42.70 10.95 -13.98
C MET A 1977 42.76 12.27 -14.71
N ASP A 1978 41.68 13.04 -14.64
CA ASP A 1978 41.74 14.38 -15.19
C ASP A 1978 42.90 15.13 -14.59
N ASP A 1979 43.14 14.96 -13.31
CA ASP A 1979 44.34 15.55 -12.74
C ASP A 1979 45.57 14.88 -13.32
N GLN A 1980 45.60 13.55 -13.30
CA GLN A 1980 46.61 12.89 -14.09
C GLN A 1980 46.62 13.47 -15.48
N GLU A 1981 45.44 13.65 -16.06
CA GLU A 1981 45.38 14.34 -17.33
C GLU A 1981 45.87 15.76 -17.19
N LYS A 1982 45.41 16.45 -16.17
CA LYS A 1982 46.00 17.74 -15.90
C LYS A 1982 47.50 17.59 -15.78
N ARG A 1983 47.94 16.64 -14.97
CA ARG A 1983 49.35 16.31 -14.97
C ARG A 1983 49.79 16.04 -16.39
N SER A 1984 49.09 15.14 -17.06
CA SER A 1984 49.41 14.88 -18.46
C SER A 1984 49.29 16.15 -19.29
N LEU A 1985 48.38 17.05 -18.93
CA LEU A 1985 48.22 18.26 -19.73
C LEU A 1985 49.56 18.96 -19.88
N ALA A 1986 50.46 18.78 -18.93
CA ALA A 1986 51.79 19.32 -19.06
C ALA A 1986 52.48 18.79 -20.32
N GLU A 2005 29.64 22.32 -10.58
CA GLU A 2005 30.41 22.22 -9.35
C GLU A 2005 31.88 22.12 -9.66
N GLU A 2006 32.40 23.12 -10.35
CA GLU A 2006 33.79 23.07 -10.80
C GLU A 2006 34.72 22.90 -9.62
N THR A 2007 35.73 22.04 -9.78
CA THR A 2007 36.75 21.74 -8.80
C THR A 2007 36.14 20.98 -7.62
N GLY A 2008 34.82 20.97 -7.54
CA GLY A 2008 34.07 19.85 -7.02
C GLY A 2008 34.34 19.53 -5.58
N ILE A 2009 35.17 20.33 -4.93
CA ILE A 2009 35.30 20.16 -3.50
C ILE A 2009 33.93 20.29 -2.90
N SER A 2010 33.11 21.12 -3.52
CA SER A 2010 31.70 21.17 -3.16
C SER A 2010 31.00 19.91 -3.56
N LEU A 2011 31.13 19.53 -4.83
CA LEU A 2011 30.71 18.18 -5.12
C LEU A 2011 31.33 17.24 -4.12
N GLN A 2012 32.61 17.43 -3.84
CA GLN A 2012 33.20 16.65 -2.76
C GLN A 2012 32.50 16.94 -1.48
N ASP A 2013 32.14 18.19 -1.23
CA ASP A 2013 31.31 18.43 -0.09
C ASP A 2013 29.95 17.80 -0.30
N LEU A 2014 29.39 17.96 -1.49
CA LEU A 2014 28.23 17.16 -1.81
C LEU A 2014 28.54 15.71 -1.55
N LEU A 2015 29.73 15.29 -1.93
CA LEU A 2015 30.15 13.97 -1.53
C LEU A 2015 30.35 13.92 -0.04
N LEU A 2016 30.92 14.95 0.54
CA LEU A 2016 30.86 14.98 1.98
C LEU A 2016 29.42 14.93 2.41
N GLU A 2017 28.56 15.62 1.68
CA GLU A 2017 27.16 15.41 1.94
C GLU A 2017 26.80 13.99 1.59
N ILE A 2018 27.42 13.42 0.57
CA ILE A 2018 27.24 12.00 0.43
C ILE A 2018 27.91 11.31 1.61
N TYR A 2019 29.11 11.74 1.94
CA TYR A 2019 29.64 11.29 3.21
C TYR A 2019 28.69 11.66 4.31
N ARG A 2020 27.97 12.76 4.17
CA ARG A 2020 26.84 12.91 5.07
C ARG A 2020 25.82 11.87 4.73
N SER A 2021 25.49 11.74 3.45
CA SER A 2021 24.62 10.64 3.12
C SER A 2021 25.21 9.34 3.58
N ILE A 2022 26.52 9.31 3.83
CA ILE A 2022 27.05 8.14 4.51
C ILE A 2022 26.38 7.99 5.85
N GLY A 2023 26.46 9.00 6.69
CA GLY A 2023 25.97 8.76 8.03
C GLY A 2023 26.78 7.77 8.82
N GLU A 2024 28.10 7.83 8.73
CA GLU A 2024 28.95 7.25 9.76
C GLU A 2024 29.68 8.40 10.41
N PRO A 2025 29.46 8.67 11.69
CA PRO A 2025 29.89 9.97 12.22
C PRO A 2025 31.36 10.18 12.13
N ASP A 2026 32.16 9.21 12.53
CA ASP A 2026 33.58 9.42 12.35
C ASP A 2026 33.86 9.65 10.88
N SER A 2027 33.21 8.89 10.03
CA SER A 2027 33.25 9.24 8.62
C SER A 2027 32.63 10.60 8.43
N LEU A 2028 31.53 10.86 9.11
CA LEU A 2028 31.03 12.22 9.06
C LEU A 2028 32.04 13.18 9.65
N TYR A 2029 32.79 12.74 10.65
CA TYR A 2029 33.91 13.54 11.10
C TYR A 2029 35.07 13.42 10.14
N GLY A 2030 35.26 12.23 9.57
CA GLY A 2030 36.05 12.15 8.37
C GLY A 2030 35.54 13.13 7.36
N CYS A 2031 34.24 13.11 7.12
CA CYS A 2031 33.65 14.22 6.38
C CYS A 2031 33.83 15.51 7.13
N GLY A 2032 33.64 15.50 8.45
CA GLY A 2032 34.00 16.65 9.24
C GLY A 2032 35.42 17.05 8.98
N GLY A 2033 36.28 16.09 8.66
CA GLY A 2033 37.63 16.40 8.26
C GLY A 2033 37.77 16.33 6.75
N CYS A 2084 13.52 21.77 27.98
CA CYS A 2084 12.24 21.15 28.36
C CYS A 2084 11.17 22.21 28.49
N HIS A 2085 10.80 22.52 29.73
CA HIS A 2085 9.86 23.61 29.96
C HIS A 2085 10.35 24.90 29.33
N ILE A 2086 11.62 25.24 29.53
CA ILE A 2086 12.18 26.40 28.86
C ILE A 2086 12.16 26.19 27.35
N LEU A 2087 12.54 24.99 26.91
CA LEU A 2087 12.28 24.65 25.53
C LEU A 2087 10.81 24.85 25.21
N SER A 2088 9.93 24.25 26.02
CA SER A 2088 8.51 24.50 25.87
C SER A 2088 8.22 25.98 25.90
N VAL A 2089 8.91 26.73 26.76
CA VAL A 2089 8.82 28.17 26.68
C VAL A 2089 9.31 28.65 25.32
N TYR A 2090 10.55 28.30 24.97
CA TYR A 2090 11.04 28.60 23.64
C TYR A 2090 10.04 28.13 22.60
N LEU A 2091 9.43 26.97 22.84
CA LEU A 2091 8.39 26.47 21.96
C LEU A 2091 7.09 27.21 22.09
N LYS A 2092 6.78 27.74 23.28
CA LYS A 2092 5.56 28.53 23.38
C LYS A 2092 5.52 29.57 22.28
N GLY A 2093 6.69 30.16 21.97
CA GLY A 2093 6.80 30.96 20.77
C GLY A 2093 6.36 30.23 19.53
N LEU A 2094 6.90 29.05 19.29
CA LEU A 2094 6.34 28.22 18.24
C LEU A 2094 4.92 27.81 18.55
N ASP A 2095 4.65 27.29 19.75
CA ASP A 2095 3.32 26.84 20.13
C ASP A 2095 2.30 27.95 19.98
N TYR A 2096 2.42 29.00 20.80
CA TYR A 2096 1.51 30.15 20.75
C TYR A 2096 0.04 29.74 20.82
N GLU A 2104 7.52 20.20 10.92
CA GLU A 2104 8.75 20.65 11.53
C GLU A 2104 8.41 21.09 12.91
N LEU A 2105 7.11 21.18 13.14
CA LEU A 2105 6.63 21.84 14.35
C LEU A 2105 6.11 20.83 15.34
N GLU A 2106 5.04 20.13 14.98
CA GLU A 2106 4.38 19.23 15.88
C GLU A 2106 5.36 18.30 16.54
N GLU A 2107 6.17 17.63 15.74
CA GLU A 2107 7.22 16.83 16.33
C GLU A 2107 8.09 17.66 17.25
N LEU A 2108 8.69 18.73 16.74
CA LEU A 2108 9.49 19.59 17.59
C LEU A 2108 8.73 19.97 18.83
N HIS A 2109 7.50 20.45 18.64
CA HIS A 2109 6.59 20.58 19.76
C HIS A 2109 6.47 19.27 20.50
N TYR A 2110 6.10 18.20 19.80
CA TYR A 2110 5.81 16.98 20.51
C TYR A 2110 7.07 16.30 20.99
N GLN A 2111 8.17 16.48 20.28
CA GLN A 2111 9.45 16.12 20.88
C GLN A 2111 9.63 16.88 22.17
N ALA A 2112 9.32 18.16 22.17
CA ALA A 2112 9.26 18.88 23.42
C ALA A 2112 8.11 18.38 24.27
N ALA A 2113 7.06 17.84 23.66
CA ALA A 2113 6.12 17.08 24.47
C ALA A 2113 6.74 15.77 24.89
N TRP A 2114 7.37 15.08 23.95
CA TRP A 2114 8.25 13.98 24.34
C TRP A 2114 9.29 14.45 25.33
N ARG A 2115 9.61 15.74 25.33
CA ARG A 2115 10.23 16.32 26.51
C ARG A 2115 9.18 16.57 27.59
N ASN A 2116 8.28 17.51 27.37
CA ASN A 2116 7.50 18.07 28.45
C ASN A 2116 6.08 17.52 28.46
N MET A 2117 5.79 16.73 29.50
CA MET A 2117 4.45 16.55 30.04
C MET A 2117 3.38 16.41 28.95
N GLN A 2118 3.45 15.29 28.21
CA GLN A 2118 2.64 15.14 27.01
C GLN A 2118 1.18 15.37 27.31
N TRP A 2119 0.54 14.47 28.05
CA TRP A 2119 -0.84 14.66 28.41
C TRP A 2119 -1.09 16.05 28.97
N ASP A 2120 -0.13 16.59 29.71
CA ASP A 2120 -0.19 17.96 30.19
C ASP A 2120 0.09 18.95 29.06
N HIS A 2121 1.29 18.90 28.51
CA HIS A 2121 1.69 19.92 27.57
C HIS A 2121 1.11 19.66 26.21
N CYS A 2122 0.32 18.58 26.10
CA CYS A 2122 -0.53 18.40 24.95
C CYS A 2122 -1.36 19.64 24.68
N THR A 2123 -1.55 20.47 25.70
CA THR A 2123 -2.21 21.74 25.49
C THR A 2123 -1.48 22.59 24.47
N SER A 2124 -0.25 22.22 24.11
CA SER A 2124 0.49 22.91 23.07
C SER A 2124 0.08 22.45 21.68
N VAL A 2125 -0.87 21.53 21.60
CA VAL A 2125 -1.43 21.10 20.32
C VAL A 2125 -2.55 22.00 19.82
N SER A 2126 -2.89 23.05 20.57
CA SER A 2126 -3.93 23.97 20.12
C SER A 2126 -3.52 24.68 18.83
N SER A 2133 5.19 14.99 14.99
CA SER A 2133 5.03 14.01 13.93
C SER A 2133 4.81 12.66 14.54
N TYR A 2134 5.73 11.76 14.22
CA TYR A 2134 5.85 10.59 15.04
C TYR A 2134 5.89 11.01 16.49
N HIS A 2135 6.71 12.01 16.78
CA HIS A 2135 6.64 12.67 18.06
C HIS A 2135 5.22 13.08 18.36
N GLU A 2136 4.60 13.84 17.47
CA GLU A 2136 3.21 14.18 17.73
C GLU A 2136 2.41 12.92 17.89
N SER A 2137 2.47 12.04 16.90
CA SER A 2137 1.84 10.76 17.03
C SER A 2137 2.21 10.14 18.36
N LEU A 2138 3.50 10.11 18.64
CA LEU A 2138 3.90 9.68 19.97
C LEU A 2138 3.22 10.54 21.02
N TYR A 2139 3.44 11.85 20.95
CA TYR A 2139 2.82 12.72 21.94
C TYR A 2139 1.35 12.47 22.01
N ASN A 2140 0.72 12.36 20.86
CA ASN A 2140 -0.65 11.90 20.83
C ASN A 2140 -0.76 10.55 21.52
N ALA A 2141 0.00 9.58 21.06
CA ALA A 2141 -0.06 8.30 21.76
C ALA A 2141 0.37 8.47 23.20
N LEU A 2142 1.35 9.34 23.43
CA LEU A 2142 1.66 9.72 24.79
C LEU A 2142 0.45 10.34 25.46
N GLN A 2143 -0.13 11.34 24.82
CA GLN A 2143 -1.43 11.74 25.26
C GLN A 2143 -2.36 10.54 25.30
N SER A 2144 -2.36 9.72 24.26
CA SER A 2144 -3.20 8.54 24.29
C SER A 2144 -2.82 7.62 25.42
N LEU A 2145 -1.68 7.87 26.04
CA LEU A 2145 -1.37 7.24 27.30
C LEU A 2145 -1.95 7.99 28.47
N ARG A 2146 -2.69 9.08 28.24
CA ARG A 2146 -3.38 9.70 29.36
C ARG A 2146 -4.16 8.67 30.15
N ASP A 2147 -4.85 7.76 29.47
CA ASP A 2147 -5.54 6.67 30.16
C ASP A 2147 -4.56 5.87 31.00
N SER A 2151 -5.32 3.61 27.01
CA SER A 2151 -6.38 2.71 26.56
C SER A 2151 -6.32 2.58 25.07
N THR A 2152 -6.97 3.53 24.40
CA THR A 2152 -6.88 3.62 22.96
C THR A 2152 -5.46 3.68 22.46
N PHE A 2153 -4.53 4.19 23.26
CA PHE A 2153 -3.15 4.23 22.83
C PHE A 2153 -2.72 2.89 22.27
N TYR A 2154 -3.10 1.80 22.94
CA TYR A 2154 -2.77 0.48 22.43
C TYR A 2154 -3.09 0.38 20.96
N GLU A 2155 -4.30 0.78 20.59
CA GLU A 2155 -4.55 1.02 19.18
C GLU A 2155 -3.73 2.18 18.68
N SER A 2156 -3.86 3.34 19.32
CA SER A 2156 -3.22 4.55 18.79
C SER A 2156 -1.76 4.30 18.55
N LEU A 2157 -1.15 3.57 19.45
CA LEU A 2157 0.18 3.09 19.17
C LEU A 2157 0.26 2.41 17.83
N LYS A 2158 -0.60 1.43 17.60
CA LYS A 2158 -0.56 0.77 16.30
C LYS A 2158 -0.56 1.82 15.21
N TYR A 2159 -1.42 2.81 15.34
CA TYR A 2159 -1.38 3.91 14.40
C TYR A 2159 0.01 4.51 14.37
N ALA A 2160 0.50 4.94 15.52
CA ALA A 2160 1.89 5.33 15.57
C ALA A 2160 2.76 4.21 15.07
N ARG A 2161 2.59 3.01 15.62
CA ARG A 2161 3.36 1.89 15.14
C ARG A 2161 3.28 1.82 13.64
N VAL A 2162 2.07 1.91 13.11
CA VAL A 2162 1.98 2.10 11.68
C VAL A 2162 2.74 3.35 11.28
N LYS A 2163 2.38 4.49 11.86
CA LYS A 2163 3.09 5.72 11.51
C LYS A 2163 4.57 5.48 11.62
N GLU A 2164 4.97 4.81 12.67
CA GLU A 2164 6.32 4.28 12.70
C GLU A 2164 6.53 3.33 11.54
N VAL A 2165 5.71 2.28 11.43
CA VAL A 2165 5.97 1.28 10.41
C VAL A 2165 6.03 1.97 9.07
N GLU A 2166 5.18 2.97 8.88
CA GLU A 2166 5.31 3.82 7.73
C GLU A 2166 6.65 4.52 7.74
N GLU A 2167 6.92 5.26 8.80
CA GLU A 2167 8.24 5.82 8.96
C GLU A 2167 9.28 4.74 8.74
N MET A 2168 9.04 3.57 9.31
CA MET A 2168 9.89 2.45 9.00
C MET A 2168 9.89 2.18 7.52
N CYS A 2169 8.71 1.93 6.97
CA CYS A 2169 8.63 1.78 5.53
C CYS A 2169 9.23 2.99 4.84
N LYS A 2170 9.12 4.16 5.46
CA LYS A 2170 9.66 5.35 4.85
C LYS A 2170 11.15 5.25 4.63
N ARG A 2171 11.77 4.27 5.24
CA ARG A 2171 13.14 3.98 4.90
C ARG A 2171 13.28 3.81 3.40
N SER A 2172 14.32 4.39 2.86
CA SER A 2172 14.67 4.23 1.47
C SER A 2172 16.19 4.17 1.38
N LEU A 2173 16.68 3.31 0.49
CA LEU A 2173 18.06 3.13 0.05
C LEU A 2173 18.93 2.33 1.02
N GLU A 2174 18.54 2.15 2.27
CA GLU A 2174 18.96 1.02 3.07
C GLU A 2174 20.47 0.83 3.09
N SER A 2175 21.25 1.90 2.93
CA SER A 2175 22.67 1.70 2.72
C SER A 2175 23.51 1.84 3.98
N VAL A 2176 22.96 2.23 5.11
CA VAL A 2176 23.77 2.97 6.07
C VAL A 2176 23.26 2.88 7.49
N TYR A 2177 23.89 3.69 8.32
CA TYR A 2177 23.53 3.82 9.72
C TYR A 2177 22.26 4.66 9.77
N SER A 2178 21.86 5.03 10.98
CA SER A 2178 20.66 5.78 11.27
C SER A 2178 19.43 4.96 11.03
N LEU A 2179 19.57 3.79 10.41
CA LEU A 2179 18.56 2.79 10.62
C LEU A 2179 18.31 2.64 12.11
N TYR A 2180 19.37 2.71 12.89
CA TYR A 2180 19.18 2.93 14.33
C TYR A 2180 18.41 4.20 14.56
N PRO A 2181 18.87 5.36 14.12
CA PRO A 2181 18.03 6.55 14.24
C PRO A 2181 16.66 6.27 13.72
N THR A 2182 16.57 5.48 12.66
CA THR A 2182 15.28 4.93 12.33
C THR A 2182 14.79 4.04 13.45
N LEU A 2183 15.59 3.11 13.89
CA LEU A 2183 14.98 2.03 14.63
C LEU A 2183 14.68 2.43 16.04
N SER A 2184 15.04 3.65 16.41
CA SER A 2184 14.93 4.04 17.80
C SER A 2184 13.52 3.83 18.33
N ARG A 2185 12.58 4.66 17.89
CA ARG A 2185 11.23 4.50 18.40
C ARG A 2185 10.75 3.10 18.13
N LEU A 2186 11.19 2.54 17.00
CA LEU A 2186 10.96 1.13 16.80
C LEU A 2186 11.55 0.36 17.95
N GLN A 2187 12.85 0.51 18.16
CA GLN A 2187 13.44 -0.13 19.32
C GLN A 2187 12.80 0.41 20.59
N ALA A 2188 12.14 1.55 20.48
CA ALA A 2188 11.63 2.16 21.70
C ALA A 2188 10.13 1.98 21.82
N ILE A 2189 9.38 2.63 20.94
CA ILE A 2189 7.99 2.86 21.23
C ILE A 2189 7.30 1.58 21.59
N GLY A 2190 7.76 0.49 21.02
CA GLY A 2190 7.26 -0.79 21.45
C GLY A 2190 7.42 -0.97 22.94
N GLU A 2191 8.56 -0.61 23.48
CA GLU A 2191 8.63 -0.57 24.92
C GLU A 2191 7.58 0.38 25.42
N LEU A 2192 7.59 1.59 24.91
CA LEU A 2192 6.51 2.50 25.22
C LEU A 2192 5.21 1.78 25.03
N GLU A 2193 5.09 1.08 23.91
CA GLU A 2193 3.96 0.19 23.79
C GLU A 2193 3.99 -0.81 24.92
N SER A 2194 5.07 -1.54 25.05
CA SER A 2194 5.12 -2.56 26.09
C SER A 2194 4.75 -1.98 27.42
N ILE A 2195 5.02 -0.69 27.61
CA ILE A 2195 4.67 -0.05 28.87
C ILE A 2195 3.20 -0.21 29.18
N GLY A 2196 2.36 -0.41 28.16
CA GLY A 2196 0.93 -0.35 28.35
C GLY A 2196 0.42 -1.23 29.46
N GLU A 2197 1.13 -2.33 29.73
CA GLU A 2197 0.75 -3.14 30.88
C GLU A 2197 0.61 -2.29 32.12
N LEU A 2198 1.42 -1.25 32.23
CA LEU A 2198 1.24 -0.31 33.32
C LEU A 2198 -0.16 0.26 33.30
N PHE A 2199 -0.53 0.89 32.20
CA PHE A 2199 -1.92 1.27 32.06
C PHE A 2199 -2.82 0.06 32.18
N SER A 2200 -2.31 -1.12 31.87
CA SER A 2200 -3.15 -2.30 31.97
C SER A 2200 -3.22 -2.80 33.40
N ARG A 2201 -2.13 -3.39 33.89
CA ARG A 2201 -2.18 -4.06 35.18
C ARG A 2201 -2.16 -3.05 36.31
N THR A 2204 6.13 -8.67 40.92
CA THR A 2204 4.92 -7.88 40.83
C THR A 2204 5.19 -6.68 39.96
N HIS A 2205 5.42 -5.54 40.61
CA HIS A 2205 6.07 -4.46 39.91
C HIS A 2205 7.44 -4.89 39.42
N ARG A 2206 7.91 -6.04 39.91
CA ARG A 2206 9.15 -6.64 39.43
C ARG A 2206 9.15 -6.69 37.91
N GLN A 2207 7.98 -6.86 37.32
CA GLN A 2207 7.90 -6.68 35.88
C GLN A 2207 8.51 -5.36 35.48
N LEU A 2208 8.05 -4.26 36.09
CA LEU A 2208 8.67 -2.97 35.82
C LEU A 2208 10.16 -3.09 35.96
N SER A 2209 10.60 -3.68 37.05
CA SER A 2209 12.01 -4.00 37.16
C SER A 2209 12.43 -4.85 36.00
N GLU A 2210 11.79 -5.98 35.82
CA GLU A 2210 12.14 -6.82 34.69
C GLU A 2210 12.16 -5.99 33.43
N VAL A 2211 11.22 -5.06 33.33
CA VAL A 2211 11.21 -4.16 32.19
C VAL A 2211 12.32 -3.16 32.31
N TYR A 2212 12.44 -2.54 33.47
CA TYR A 2212 13.68 -1.83 33.73
C TYR A 2212 14.84 -2.75 33.44
N ILE A 2213 14.85 -3.93 34.07
CA ILE A 2213 15.84 -4.94 33.74
C ILE A 2213 15.86 -5.14 32.25
N LYS A 2214 14.70 -5.33 31.66
CA LYS A 2214 14.67 -5.35 30.22
C LYS A 2214 15.29 -4.08 29.68
N TRP A 2215 14.71 -2.94 30.05
CA TRP A 2215 15.32 -1.69 29.63
C TRP A 2215 16.79 -1.74 29.93
N GLN A 2216 17.13 -2.12 31.15
CA GLN A 2216 18.52 -2.34 31.46
C GLN A 2216 19.13 -3.35 30.52
N LYS A 2217 18.54 -4.53 30.44
CA LYS A 2217 19.04 -5.48 29.47
C LYS A 2217 19.15 -4.82 28.13
N HIS A 2218 18.05 -4.24 27.66
CA HIS A 2218 18.12 -3.43 26.45
C HIS A 2218 19.23 -2.42 26.58
N SER A 2219 19.26 -1.69 27.67
CA SER A 2219 20.36 -0.78 27.88
C SER A 2219 21.66 -1.52 27.71
N GLN A 2220 21.83 -2.58 28.48
CA GLN A 2220 23.01 -3.39 28.26
C GLN A 2220 23.13 -3.73 26.80
N LEU A 2221 22.07 -4.29 26.23
CA LEU A 2221 22.07 -4.49 24.80
C LEU A 2221 22.47 -3.20 24.11
N LEU A 2222 21.92 -2.10 24.55
CA LEU A 2222 22.25 -0.84 23.92
C LEU A 2222 23.53 -0.29 24.44
N LYS A 2223 24.16 -0.99 25.40
CA LYS A 2223 25.17 -0.35 26.23
C LYS A 2223 26.13 0.45 25.39
N ASP A 2224 26.96 -0.22 24.64
CA ASP A 2224 27.69 0.50 23.62
C ASP A 2224 26.67 0.95 22.59
N SER A 2225 26.78 2.21 22.19
CA SER A 2225 25.86 2.79 21.25
C SER A 2225 26.26 4.24 21.11
N ASP A 2226 25.61 4.94 20.20
CA ASP A 2226 25.69 6.38 20.23
C ASP A 2226 24.70 6.91 21.24
N PHE A 2227 25.20 7.61 22.24
CA PHE A 2227 24.30 8.42 23.04
C PHE A 2227 23.45 9.25 22.12
N SER A 2228 24.07 9.77 21.06
CA SER A 2228 23.32 10.46 20.04
C SER A 2228 22.18 9.59 19.57
N PHE A 2229 22.49 8.38 19.14
CA PHE A 2229 21.38 7.46 18.94
C PHE A 2229 20.60 7.34 20.23
N GLN A 2230 21.28 6.99 21.32
CA GLN A 2230 20.58 6.66 22.55
C GLN A 2230 19.69 7.76 23.02
N GLU A 2231 19.94 8.98 22.56
CA GLU A 2231 19.53 10.16 23.32
C GLU A 2231 18.10 10.04 23.81
N PRO A 2232 17.11 9.86 22.95
CA PRO A 2232 15.74 9.85 23.44
C PRO A 2232 15.40 8.66 24.30
N ILE A 2233 16.20 7.61 24.26
CA ILE A 2233 15.52 6.34 24.32
C ILE A 2233 15.05 6.07 25.73
N MET A 2234 15.97 5.79 26.63
CA MET A 2234 15.48 5.67 27.98
C MET A 2234 15.07 7.02 28.48
N ALA A 2235 15.61 8.08 27.87
CA ALA A 2235 15.04 9.39 28.12
C ALA A 2235 13.56 9.35 27.88
N LEU A 2236 13.16 8.87 26.71
CA LEU A 2236 11.75 8.60 26.52
C LEU A 2236 11.24 7.73 27.65
N ARG A 2237 11.91 6.60 27.89
CA ARG A 2237 11.52 5.76 29.00
C ARG A 2237 11.38 6.59 30.27
N THR A 2238 12.40 7.38 30.57
CA THR A 2238 12.27 8.30 31.69
C THR A 2238 11.07 9.19 31.50
N VAL A 2239 11.04 9.90 30.38
CA VAL A 2239 9.84 10.65 30.07
C VAL A 2239 8.64 9.74 30.22
N ILE A 2240 8.70 8.57 29.60
CA ILE A 2240 7.63 7.61 29.83
C ILE A 2240 7.46 7.40 31.32
N LEU A 2241 8.54 7.04 32.00
CA LEU A 2241 8.45 6.89 33.43
C LEU A 2241 7.86 8.14 34.06
N GLU A 2242 8.16 9.29 33.48
CA GLU A 2242 7.94 10.53 34.21
C GLU A 2242 6.49 10.64 34.64
N ILE A 2243 5.59 10.60 33.68
CA ILE A 2243 4.18 10.55 34.06
C ILE A 2243 3.82 9.14 34.46
N LEU A 2244 4.52 8.14 33.91
CA LEU A 2244 4.20 6.79 34.31
C LEU A 2244 4.16 6.65 35.80
N MET A 2245 5.13 7.25 36.48
CA MET A 2245 5.06 7.27 37.93
C MET A 2245 3.93 8.14 38.42
N GLU A 2246 3.48 9.09 37.59
CA GLU A 2246 2.73 10.21 38.13
C GLU A 2246 1.33 9.78 38.54
N LYS A 2247 0.50 9.40 37.57
CA LYS A 2247 -0.76 8.79 37.94
C LYS A 2247 -0.54 7.52 38.75
N GLU A 2248 0.68 6.99 38.72
CA GLU A 2248 1.03 5.86 39.54
C GLU A 2248 1.39 6.30 40.95
N MET A 2249 1.34 7.59 41.22
CA MET A 2249 1.60 8.04 42.59
C MET A 2249 0.60 7.44 43.56
N ASP A 2250 -0.50 6.87 43.06
CA ASP A 2250 -1.32 6.00 43.89
C ASP A 2250 -0.45 4.98 44.60
N ASN A 2251 0.41 4.31 43.85
CA ASN A 2251 1.34 3.37 44.45
C ASN A 2251 2.58 4.11 44.91
N SER A 2252 2.91 3.97 46.19
CA SER A 2252 4.20 4.43 46.66
C SER A 2252 5.33 3.68 45.96
N GLN A 2253 5.18 2.36 45.82
CA GLN A 2253 6.17 1.56 45.14
C GLN A 2253 6.53 2.19 43.80
N ARG A 2254 5.53 2.74 43.11
CA ARG A 2254 5.81 3.44 41.88
C ARG A 2254 6.91 4.46 42.06
N GLU A 2255 6.74 5.37 43.02
CA GLU A 2255 7.81 6.31 43.30
C GLU A 2255 9.12 5.58 43.49
N CYS A 2256 9.14 4.56 44.33
CA CYS A 2256 10.33 3.75 44.48
C CYS A 2256 10.74 3.16 43.16
N ILE A 2257 9.81 2.52 42.48
CA ILE A 2257 10.12 2.11 41.12
C ILE A 2257 10.60 3.31 40.34
N LYS A 2258 9.81 4.38 40.32
CA LYS A 2258 10.28 5.59 39.68
C LYS A 2258 11.63 5.98 40.21
N ASP A 2259 11.81 5.89 41.51
CA ASP A 2259 13.14 6.07 42.05
C ASP A 2259 14.09 5.10 41.41
N ILE A 2260 13.80 3.81 41.53
CA ILE A 2260 14.59 2.86 40.79
C ILE A 2260 14.64 3.27 39.34
N LEU A 2261 13.53 3.81 38.82
CA LEU A 2261 13.58 4.33 37.47
C LEU A 2261 14.47 5.54 37.41
N THR A 2262 14.30 6.48 38.31
CA THR A 2262 15.34 7.47 38.46
C THR A 2262 16.67 6.79 38.63
N LYS A 2263 16.72 5.78 39.49
CA LYS A 2263 17.96 5.03 39.62
C LYS A 2263 18.32 4.40 38.29
N HIS A 2264 17.34 3.89 37.58
CA HIS A 2264 17.61 3.62 36.18
C HIS A 2264 18.03 4.88 35.49
N LEU A 2265 17.20 5.91 35.56
CA LEU A 2265 17.58 7.18 34.94
C LEU A 2265 18.93 7.62 35.43
N VAL A 2266 19.28 7.24 36.65
CA VAL A 2266 20.59 7.59 37.17
C VAL A 2266 21.66 7.19 36.18
N GLU A 2267 21.58 5.97 35.67
CA GLU A 2267 22.62 5.49 34.78
C GLU A 2267 22.85 6.43 33.62
N LEU A 2268 21.83 7.18 33.23
CA LEU A 2268 22.01 8.17 32.19
C LEU A 2268 23.23 9.02 32.47
N SER A 2269 23.44 9.39 33.72
CA SER A 2269 24.56 10.26 34.03
C SER A 2269 25.86 9.66 33.57
N ILE A 2270 26.15 8.46 34.05
CA ILE A 2270 27.30 7.76 33.51
C ILE A 2270 27.23 7.75 32.01
N LEU A 2271 26.09 7.36 31.47
CA LEU A 2271 25.91 7.49 30.04
C LEU A 2271 26.15 8.91 29.59
N ALA A 2272 25.58 9.89 30.31
CA ALA A 2272 25.84 11.27 29.95
C ALA A 2272 27.32 11.56 30.02
N ARG A 2273 27.94 11.17 31.12
CA ARG A 2273 29.39 11.13 31.15
C ARG A 2273 29.91 10.33 29.97
N THR A 2274 29.39 9.12 29.77
CA THR A 2274 29.79 8.38 28.60
C THR A 2274 29.54 9.21 27.35
N PHE A 2275 28.35 9.77 27.24
CA PHE A 2275 28.15 10.79 26.23
C PHE A 2275 29.18 11.89 26.37
N LYS A 2276 29.60 12.17 27.60
CA LYS A 2276 30.35 13.36 27.87
C LYS A 2276 29.61 14.55 27.27
N ASN A 2277 28.33 14.64 27.64
CA ASN A 2277 27.44 15.68 27.13
C ASN A 2277 26.94 16.53 28.30
N THR A 2278 27.37 17.79 28.32
CA THR A 2278 27.12 18.64 29.47
C THR A 2278 25.64 18.97 29.62
N GLN A 2279 25.05 19.52 28.57
CA GLN A 2279 23.63 19.86 28.64
C GLN A 2279 22.82 18.65 29.05
N LEU A 2280 23.27 17.48 28.67
CA LEU A 2280 22.51 16.28 28.94
C LEU A 2280 22.31 16.06 30.42
N PRO A 2281 23.39 15.93 31.19
CA PRO A 2281 23.23 15.40 32.55
C PRO A 2281 22.42 16.28 33.46
N GLU A 2282 22.37 17.58 33.16
CA GLU A 2282 21.91 18.54 34.15
C GLU A 2282 20.49 18.25 34.60
N ARG A 2283 19.55 18.24 33.65
CA ARG A 2283 18.15 18.18 34.04
C ARG A 2283 17.87 16.98 34.91
N ALA A 2284 18.60 15.89 34.68
CA ALA A 2284 18.24 14.64 35.32
C ALA A 2284 18.23 14.80 36.81
N ILE A 2285 19.35 15.20 37.38
CA ILE A 2285 19.36 15.42 38.80
C ILE A 2285 18.40 16.55 39.13
N PHE A 2286 18.46 17.63 38.35
CA PHE A 2286 17.48 18.68 38.54
C PHE A 2286 16.09 18.11 38.54
N GLN A 2287 15.77 17.36 37.48
CA GLN A 2287 14.60 16.52 37.58
C GLN A 2287 14.68 15.66 38.82
N ILE A 2288 15.75 14.88 38.99
CA ILE A 2288 15.82 14.01 40.15
C ILE A 2288 15.60 14.81 41.41
N LYS A 2289 16.32 15.91 41.55
CA LYS A 2289 16.04 16.83 42.64
C LYS A 2289 14.58 17.16 42.65
N GLN A 2290 14.06 17.64 41.53
CA GLN A 2290 12.62 17.80 41.44
C GLN A 2290 11.90 16.49 41.66
N TYR A 2291 12.45 15.39 41.19
CA TYR A 2291 11.72 14.13 41.12
C TYR A 2291 11.74 13.48 42.48
N ASN A 2292 11.31 12.21 42.53
CA ASN A 2292 11.20 11.52 43.80
C ASN A 2292 12.52 11.46 44.51
N SER A 2293 13.58 11.87 43.83
CA SER A 2293 14.83 12.15 44.50
C SER A 2293 14.78 13.50 45.14
N VAL A 2294 13.66 14.22 44.98
CA VAL A 2294 13.30 15.13 46.05
C VAL A 2294 13.10 14.41 47.35
N SER A 2295 12.94 13.09 47.34
CA SER A 2295 13.04 12.38 48.61
C SER A 2295 14.44 12.46 49.17
N CYS A 2296 15.45 12.07 48.39
CA CYS A 2296 16.84 12.37 48.69
C CYS A 2296 17.33 11.75 50.00
N GLY A 2297 16.81 10.59 50.40
CA GLY A 2297 17.32 9.93 51.58
C GLY A 2297 18.73 9.35 51.55
N VAL A 2298 19.01 8.46 50.60
CA VAL A 2298 20.23 7.66 50.64
C VAL A 2298 21.37 8.22 49.80
N SER A 2299 21.17 9.31 49.08
CA SER A 2299 22.23 10.11 48.47
C SER A 2299 22.97 9.36 47.38
N GLU A 2300 22.75 8.06 47.22
CA GLU A 2300 23.31 7.41 46.05
C GLU A 2300 22.94 8.19 44.82
N TRP A 2301 21.74 8.76 44.82
CA TRP A 2301 21.38 9.74 43.80
C TRP A 2301 22.43 10.83 43.73
N GLN A 2302 22.68 11.49 44.86
CA GLN A 2302 23.53 12.66 44.86
C GLN A 2302 24.89 12.34 44.28
N LEU A 2303 25.31 11.09 44.39
CA LEU A 2303 26.64 10.75 43.96
C LEU A 2303 26.89 11.20 42.55
N GLU A 2304 25.83 11.34 41.77
CA GLU A 2304 25.97 11.82 40.41
C GLU A 2304 26.78 13.09 40.38
N GLU A 2305 26.74 13.84 41.47
CA GLU A 2305 27.66 14.96 41.54
C GLU A 2305 29.08 14.52 41.32
N ALA A 2306 29.37 13.23 41.46
CA ALA A 2306 30.63 12.76 40.96
C ALA A 2306 30.84 13.21 39.54
N GLN A 2307 29.78 13.30 38.74
CA GLN A 2307 29.91 14.05 37.52
C GLN A 2307 30.46 15.43 37.82
N VAL A 2308 29.96 16.04 38.87
CA VAL A 2308 30.16 17.46 39.07
C VAL A 2308 31.54 17.60 39.64
N PHE A 2309 32.22 16.47 39.81
CA PHE A 2309 33.67 16.58 39.89
C PHE A 2309 34.19 17.26 38.65
N TRP A 2310 33.92 16.71 37.47
CA TRP A 2310 34.04 17.47 36.26
C TRP A 2310 32.75 18.04 35.70
N ALA A 2311 31.58 17.76 36.25
CA ALA A 2311 30.39 18.30 35.60
C ALA A 2311 30.25 19.75 35.95
N LYS A 2312 30.39 20.04 37.22
CA LYS A 2312 31.18 21.20 37.50
C LYS A 2312 32.56 20.64 37.30
N LYS A 2313 33.30 21.18 36.35
CA LYS A 2313 34.69 20.76 36.31
C LYS A 2313 35.34 21.08 37.63
N GLU A 2314 34.76 22.04 38.35
CA GLU A 2314 35.23 22.38 39.67
C GLU A 2314 35.22 21.16 40.56
N GLN A 2315 36.37 20.88 41.13
CA GLN A 2315 36.45 19.91 42.18
C GLN A 2315 35.75 20.45 43.41
N SER A 2316 35.38 19.53 44.29
CA SER A 2316 34.88 19.90 45.60
C SER A 2316 33.53 20.58 45.42
N LEU A 2317 33.22 20.91 44.17
CA LEU A 2317 32.19 21.90 43.91
C LEU A 2317 30.90 21.49 44.59
N ALA A 2318 30.39 20.32 44.23
CA ALA A 2318 29.74 19.49 45.22
C ALA A 2318 30.73 18.68 46.02
N LEU A 2319 31.81 18.29 45.37
CA LEU A 2319 32.46 17.05 45.73
C LEU A 2319 32.85 17.02 47.19
N SER A 2320 33.63 17.99 47.62
CA SER A 2320 33.95 18.04 49.02
C SER A 2320 32.68 18.01 49.83
N ILE A 2321 31.72 18.85 49.47
CA ILE A 2321 30.42 18.73 50.11
C ILE A 2321 29.90 17.34 49.89
N LEU A 2322 29.92 16.88 48.66
CA LEU A 2322 29.62 15.48 48.46
C LEU A 2322 30.52 14.64 49.34
N LYS A 2323 31.79 14.98 49.40
CA LYS A 2323 32.63 14.25 50.34
C LYS A 2323 32.13 14.47 51.72
N GLN A 2324 31.87 15.71 52.07
CA GLN A 2324 31.16 15.95 53.30
C GLN A 2324 29.88 15.15 53.31
N MET A 2325 29.07 15.31 52.27
CA MET A 2325 27.93 14.42 52.15
C MET A 2325 28.38 12.99 52.29
N ILE A 2326 29.48 12.64 51.65
CA ILE A 2326 30.00 11.32 51.88
C ILE A 2326 30.35 11.18 53.33
N LYS A 2327 31.12 12.13 53.87
CA LYS A 2327 31.33 12.12 55.30
C LYS A 2327 29.99 12.05 56.00
N LYS A 2328 29.07 12.91 55.59
CA LYS A 2328 27.71 12.80 56.10
C LYS A 2328 27.15 11.44 55.81
N LEU A 2329 27.26 10.99 54.58
CA LEU A 2329 26.94 9.61 54.32
C LEU A 2329 27.74 8.71 55.23
N ASP A 2330 29.07 8.89 55.25
CA ASP A 2330 29.88 8.14 56.18
C ASP A 2330 29.32 8.25 57.57
N ALA A 2331 28.87 9.45 57.93
CA ALA A 2331 28.08 9.55 59.14
C ALA A 2331 26.78 8.78 58.96
N SER A 2332 26.02 9.12 57.91
CA SER A 2332 24.75 8.46 57.68
C SER A 2332 24.91 6.96 57.57
N CYS A 2333 26.13 6.50 57.28
CA CYS A 2333 26.42 5.08 57.34
C CYS A 2333 26.00 4.51 58.67
N ALA A 2334 26.47 5.09 59.76
CA ALA A 2334 26.09 4.61 61.06
C ALA A 2334 24.61 4.83 61.27
N PRO A 2338 22.14 -1.98 53.66
CA PRO A 2338 23.34 -2.13 54.48
C PRO A 2338 24.56 -2.19 53.61
N SER A 2339 24.81 -3.35 53.01
CA SER A 2339 25.78 -3.38 51.93
C SER A 2339 25.45 -2.35 50.87
N LEU A 2340 24.17 -2.00 50.74
CA LEU A 2340 23.83 -0.85 49.93
C LEU A 2340 24.68 0.34 50.31
N LYS A 2341 24.83 0.58 51.61
CA LYS A 2341 25.76 1.60 52.02
C LYS A 2341 27.18 1.23 51.65
N LEU A 2342 27.54 -0.04 51.75
CA LEU A 2342 28.87 -0.40 51.33
C LEU A 2342 29.12 0.09 49.93
N THR A 2343 28.10 0.03 49.08
CA THR A 2343 28.21 0.72 47.81
C THR A 2343 28.43 2.19 48.03
N TYR A 2344 27.57 2.82 48.81
CA TYR A 2344 27.88 4.18 49.19
C TYR A 2344 29.26 4.24 49.79
N THR A 2345 29.61 3.27 50.62
CA THR A 2345 30.99 3.21 51.07
C THR A 2345 31.89 2.98 49.89
N GLU A 2346 31.51 2.07 49.01
CA GLU A 2346 32.23 1.98 47.76
C GLU A 2346 32.21 3.32 47.06
N CYS A 2347 31.06 3.97 47.04
CA CYS A 2347 31.08 5.35 46.63
C CYS A 2347 32.04 6.12 47.51
N LEU A 2348 31.90 5.99 48.82
CA LEU A 2348 32.86 6.63 49.71
C LEU A 2348 34.26 6.20 49.38
N ARG A 2349 34.41 5.00 48.85
CA ARG A 2349 35.71 4.68 48.28
C ARG A 2349 35.96 5.51 47.04
N VAL A 2350 35.02 5.47 46.09
CA VAL A 2350 35.16 6.32 44.94
C VAL A 2350 35.34 7.75 45.38
N CYS A 2351 34.79 8.10 46.53
CA CYS A 2351 35.15 9.36 47.12
C CYS A 2351 36.65 9.45 47.29
N GLY A 2352 37.26 8.44 47.90
CA GLY A 2352 38.70 8.41 47.92
C GLY A 2352 39.25 8.57 46.53
N ASN A 2353 38.67 7.84 45.58
CA ASN A 2353 39.01 8.13 44.20
C ASN A 2353 38.61 9.54 43.85
N TRP A 2354 37.46 10.00 44.32
CA TRP A 2354 37.17 11.40 44.13
C TRP A 2354 38.15 12.24 44.92
N LEU A 2355 38.55 11.78 46.10
CA LEU A 2355 39.66 12.43 46.76
C LEU A 2355 40.88 12.34 45.90
N ALA A 2356 41.10 11.18 45.31
CA ALA A 2356 42.07 11.12 44.25
C ALA A 2356 41.63 12.03 43.11
N GLU A 2357 40.32 12.13 42.84
CA GLU A 2357 39.93 13.09 41.82
C GLU A 2357 40.45 14.45 42.17
N THR A 2358 40.45 14.80 43.45
CA THR A 2358 41.38 15.82 43.85
C THR A 2358 42.79 15.28 43.70
N CYS A 2359 43.06 14.15 44.33
CA CYS A 2359 44.42 13.77 44.62
C CYS A 2359 45.11 14.92 45.31
N LEU A 2360 44.33 15.66 46.10
CA LEU A 2360 44.86 16.69 46.96
C LEU A 2360 45.12 16.22 48.39
N GLU A 2361 44.79 14.97 48.70
CA GLU A 2361 44.95 14.47 50.05
C GLU A 2361 46.39 14.11 50.32
N ASN A 2362 46.89 14.55 51.46
CA ASN A 2362 48.13 14.01 51.94
C ASN A 2362 48.03 12.50 51.95
N PRO A 2363 49.10 11.82 51.62
CA PRO A 2363 49.07 10.37 51.86
C PRO A 2363 48.58 10.07 53.24
N ALA A 2364 48.88 10.96 54.17
CA ALA A 2364 48.20 10.88 55.44
C ALA A 2364 46.74 11.23 55.29
N VAL A 2365 46.43 12.30 54.58
CA VAL A 2365 45.03 12.52 54.33
C VAL A 2365 44.51 11.37 53.52
N ILE A 2366 45.36 10.72 52.75
CA ILE A 2366 45.02 9.41 52.26
C ILE A 2366 45.00 8.44 53.41
N MET A 2367 46.06 8.40 54.20
CA MET A 2367 46.01 7.64 55.43
C MET A 2367 44.90 8.15 56.30
N GLN A 2368 44.34 9.29 55.95
CA GLN A 2368 42.96 9.57 56.35
C GLN A 2368 41.99 9.04 55.31
N THR A 2369 41.93 9.69 54.16
CA THR A 2369 40.87 9.38 53.21
C THR A 2369 41.08 8.04 52.56
N TYR A 2370 42.28 7.77 52.04
CA TYR A 2370 42.52 6.42 51.57
C TYR A 2370 42.41 5.44 52.71
N LEU A 2371 42.77 5.87 53.91
CA LEU A 2371 42.39 5.04 55.05
C LEU A 2371 40.90 5.03 55.21
N GLU A 2372 40.27 6.21 55.20
CA GLU A 2372 38.83 6.21 55.06
C GLU A 2372 38.42 5.34 53.90
N LYS A 2373 39.14 5.43 52.79
CA LYS A 2373 38.93 4.44 51.76
C LYS A 2373 39.29 3.06 52.24
N ALA A 2374 40.44 2.91 52.87
CA ALA A 2374 40.74 1.60 53.46
C ALA A 2374 39.64 1.20 54.39
N VAL A 2375 39.10 2.18 55.12
CA VAL A 2375 37.90 1.93 55.88
C VAL A 2375 36.75 1.66 54.92
N GLU A 2376 36.59 2.49 53.90
CA GLU A 2376 35.66 2.07 52.87
C GLU A 2376 36.07 0.71 52.37
N VAL A 2377 37.38 0.49 52.21
CA VAL A 2377 37.84 -0.85 51.92
C VAL A 2377 37.49 -1.75 53.07
N ALA A 2378 37.48 -1.20 54.26
CA ALA A 2378 37.00 -2.03 55.33
C ALA A 2378 35.50 -2.05 55.36
N GLY A 2379 34.89 -1.29 54.45
CA GLY A 2379 33.46 -1.38 54.30
C GLY A 2379 33.02 -2.83 54.13
N ASN A 2380 33.88 -3.64 53.54
CA ASN A 2380 33.67 -5.07 53.53
C ASN A 2380 33.48 -5.59 54.95
N SER A 2386 28.38 -11.69 46.31
CA SER A 2386 29.51 -10.79 46.48
C SER A 2386 29.88 -10.20 45.15
N ASP A 2387 28.86 -9.93 44.36
CA ASP A 2387 29.12 -9.62 42.96
C ASP A 2387 29.66 -8.21 42.83
N GLU A 2388 28.80 -7.22 43.05
CA GLU A 2388 29.30 -5.86 43.11
C GLU A 2388 30.37 -5.73 44.16
N LEU A 2389 30.30 -6.57 45.18
CA LEU A 2389 31.37 -6.61 46.16
C LEU A 2389 32.69 -6.77 45.47
N ARG A 2390 32.81 -7.80 44.65
CA ARG A 2390 34.00 -7.95 43.84
C ARG A 2390 34.29 -6.65 43.13
N ASN A 2391 33.28 -6.09 42.45
CA ASN A 2391 33.49 -4.82 41.79
C ASN A 2391 34.05 -3.81 42.77
N GLY A 2392 33.33 -3.61 43.86
CA GLY A 2392 33.90 -2.83 44.93
C GLY A 2392 35.25 -3.36 45.32
N LYS A 2393 35.34 -4.67 45.55
CA LYS A 2393 36.61 -5.22 46.01
C LYS A 2393 37.72 -4.76 45.09
N MET A 2394 37.57 -5.02 43.80
CA MET A 2394 38.44 -4.36 42.86
C MET A 2394 38.34 -2.86 43.04
N LYS A 2395 37.13 -2.31 42.94
CA LYS A 2395 36.99 -0.87 43.04
C LYS A 2395 37.64 -0.37 44.29
N ALA A 2396 37.82 -1.26 45.27
CA ALA A 2396 38.69 -0.95 46.37
C ALA A 2396 40.07 -1.57 46.17
N PHE A 2397 40.16 -2.89 46.32
CA PHE A 2397 41.47 -3.51 46.47
C PHE A 2397 42.41 -2.98 45.42
N LEU A 2398 41.88 -2.83 44.21
CA LEU A 2398 42.65 -2.16 43.18
C LEU A 2398 42.79 -0.68 43.47
N SER A 2399 41.70 0.03 43.66
CA SER A 2399 41.89 1.41 44.08
C SER A 2399 42.73 1.41 45.32
N LEU A 2400 42.42 0.49 46.22
CA LEU A 2400 43.27 0.28 47.36
C LEU A 2400 44.69 0.10 46.90
N ALA A 2401 44.92 -0.80 45.97
CA ALA A 2401 46.20 -0.71 45.32
C ALA A 2401 46.33 0.66 44.71
N ARG A 2402 45.43 0.99 43.80
CA ARG A 2402 45.66 2.14 42.92
C ARG A 2402 45.98 3.35 43.74
N PHE A 2403 45.13 3.70 44.70
CA PHE A 2403 45.47 4.83 45.52
C PHE A 2403 46.77 4.58 46.25
N SER A 2404 46.83 3.51 47.01
CA SER A 2404 48.10 3.22 47.61
C SER A 2404 49.14 3.05 46.54
N ASP A 2405 48.79 2.40 45.43
CA ASP A 2405 49.68 2.43 44.30
C ASP A 2405 49.94 3.85 43.89
N THR A 2406 48.91 4.66 43.77
CA THR A 2406 49.17 6.06 43.54
C THR A 2406 50.11 6.58 44.58
N GLN A 2407 49.76 6.40 45.85
CA GLN A 2407 50.75 6.65 46.88
C GLN A 2407 52.01 5.89 46.56
N TYR A 2408 51.90 4.60 46.32
CA TYR A 2408 53.07 3.81 45.99
C TYR A 2408 53.76 4.33 44.76
N GLN A 2409 53.00 4.90 43.83
CA GLN A 2409 53.63 5.56 42.70
C GLN A 2409 54.27 6.85 43.14
N ARG A 2410 53.51 7.66 43.86
CA ARG A 2410 54.18 8.72 44.60
C ARG A 2410 55.31 8.11 45.39
N ILE A 2411 55.02 7.07 46.14
CA ILE A 2411 56.08 6.35 46.79
C ILE A 2411 57.02 5.74 45.79
N GLU A 2412 56.56 5.42 44.58
CA GLU A 2412 57.54 5.03 43.58
C GLU A 2412 58.36 6.23 43.19
N ASN A 2413 57.71 7.34 42.89
CA ASN A 2413 58.47 8.58 42.82
C ASN A 2413 59.19 8.79 44.13
N TYR A 2414 58.46 8.80 45.22
CA TYR A 2414 59.09 8.92 46.51
C TYR A 2414 59.95 7.72 46.82
N MET A 2415 59.90 6.67 45.99
CA MET A 2415 61.08 5.83 45.89
C MET A 2415 62.04 6.47 44.92
N LYS A 2416 61.63 6.55 43.66
CA LYS A 2416 62.48 6.94 42.55
C LYS A 2416 62.75 8.42 42.55
N SER A 2417 61.71 9.23 42.38
CA SER A 2417 61.93 10.66 42.51
C SER A 2417 62.70 10.91 43.78
N SER A 2418 62.38 10.24 44.86
CA SER A 2418 63.28 10.21 45.99
C SER A 2418 64.60 9.56 45.64
N GLU A 2419 64.58 8.34 45.09
CA GLU A 2419 65.85 7.77 44.67
C GLU A 2419 66.62 8.75 43.82
N PHE A 2420 65.93 9.48 42.95
CA PHE A 2420 66.52 10.69 42.44
C PHE A 2420 66.78 11.67 43.58
N GLU A 2421 65.75 12.04 44.33
CA GLU A 2421 65.91 13.09 45.32
C GLU A 2421 66.78 12.68 46.49
N ASN A 2422 66.44 11.58 47.13
CA ASN A 2422 67.22 11.10 48.25
C ASN A 2422 68.64 10.79 47.87
N LYS A 2423 68.86 10.15 46.72
CA LYS A 2423 70.21 9.97 46.25
C LYS A 2423 70.50 11.12 45.32
N GLU A 2459 66.29 8.77 55.70
CA GLU A 2459 67.29 7.71 55.69
C GLU A 2459 66.64 6.42 56.09
N LEU A 2460 66.75 6.12 57.38
CA LEU A 2460 65.78 5.23 57.96
C LEU A 2460 64.39 5.74 57.63
N ALA A 2461 64.20 7.05 57.76
CA ALA A 2461 63.01 7.67 57.20
C ALA A 2461 62.84 7.27 55.75
N LEU A 2462 63.88 7.42 54.96
CA LEU A 2462 63.82 6.89 53.61
C LEU A 2462 63.55 5.41 53.64
N ARG A 2463 64.28 4.67 54.46
CA ARG A 2463 63.89 3.29 54.67
C ARG A 2463 62.44 3.20 55.10
N ALA A 2464 62.03 4.10 55.99
CA ALA A 2464 60.61 4.15 56.29
C ALA A 2464 59.83 4.60 55.07
N LEU A 2465 60.34 5.59 54.36
CA LEU A 2465 59.75 5.87 53.07
C LEU A 2465 59.82 4.64 52.20
N LYS A 2466 60.99 4.00 52.15
CA LYS A 2466 61.04 2.69 51.55
C LYS A 2466 59.99 1.79 52.19
N GLU A 2467 59.88 1.82 53.50
CA GLU A 2467 58.77 1.12 54.10
C GLU A 2467 57.46 1.73 53.65
N ASP A 2468 57.36 3.06 53.62
CA ASP A 2468 56.17 3.63 53.01
C ASP A 2468 55.95 3.03 51.64
N ARG A 2469 57.01 2.69 50.94
CA ARG A 2469 56.79 1.75 49.88
C ARG A 2469 56.62 0.38 50.52
N LYS A 2470 57.68 -0.10 51.15
CA LYS A 2470 57.76 -1.49 51.58
C LYS A 2470 56.68 -1.86 52.54
N ARG A 2471 55.96 -0.87 53.06
CA ARG A 2471 54.62 -1.11 53.55
C ARG A 2471 53.59 -0.55 52.59
N PHE A 2472 53.41 0.76 52.57
CA PHE A 2472 52.21 1.26 51.91
C PHE A 2472 52.18 0.80 50.48
N LEU A 2473 53.30 0.88 49.79
CA LEU A 2473 53.35 0.18 48.53
C LEU A 2473 53.15 -1.30 48.76
N CYS A 2474 53.96 -1.93 49.59
CA CYS A 2474 53.71 -3.33 49.84
C CYS A 2474 52.27 -3.52 50.25
N LYS A 2475 51.76 -2.59 51.03
CA LYS A 2475 50.32 -2.54 51.24
C LYS A 2475 49.61 -2.32 49.94
N ALA A 2476 49.95 -1.25 49.22
CA ALA A 2476 49.42 -1.13 47.88
C ALA A 2476 49.61 -2.42 47.16
N VAL A 2477 50.80 -2.99 47.26
CA VAL A 2477 51.05 -4.29 46.68
C VAL A 2477 50.11 -5.31 47.26
N GLU A 2478 50.05 -5.39 48.58
CA GLU A 2478 49.03 -6.23 49.16
C GLU A 2478 47.69 -5.86 48.59
N ASN A 2479 47.35 -4.58 48.63
CA ASN A 2479 46.14 -4.14 47.98
C ASN A 2479 46.16 -4.47 46.51
N TYR A 2480 47.33 -4.39 45.90
CA TYR A 2480 47.44 -4.94 44.57
C TYR A 2480 47.31 -6.43 44.61
N ILE A 2481 48.05 -7.08 45.49
CA ILE A 2481 47.78 -8.48 45.72
C ILE A 2481 46.31 -8.64 45.94
N ASN A 2482 45.74 -7.80 46.79
CA ASN A 2482 44.30 -7.75 46.87
C ASN A 2482 43.69 -7.39 45.54
N CYS A 2483 44.18 -6.34 44.90
CA CYS A 2483 43.74 -6.11 43.54
C CYS A 2483 43.95 -7.35 42.71
N LEU A 2484 45.15 -7.90 42.75
CA LEU A 2484 45.36 -9.20 42.17
C LEU A 2484 44.35 -10.18 42.69
N LEU A 2485 44.20 -10.24 44.00
CA LEU A 2485 43.16 -11.09 44.54
C LEU A 2485 41.81 -10.68 44.02
N SER A 2486 41.62 -9.40 43.70
CA SER A 2486 40.27 -8.91 43.46
C SER A 2486 39.59 -9.72 42.36
N GLY A 2487 40.18 -9.76 41.18
CA GLY A 2487 39.54 -10.45 40.07
C GLY A 2487 39.89 -9.86 38.73
N GLU A 2488 39.10 -10.16 37.70
CA GLU A 2488 39.45 -9.67 36.37
C GLU A 2488 39.13 -8.18 36.27
N GLU A 2489 39.44 -7.62 35.12
CA GLU A 2489 39.00 -6.32 34.64
C GLU A 2489 39.69 -5.15 35.29
N HIS A 2490 40.36 -5.33 36.40
CA HIS A 2490 41.35 -4.34 36.78
C HIS A 2490 42.74 -4.77 36.37
N ASP A 2491 42.87 -5.95 35.79
CA ASP A 2491 44.11 -6.72 35.85
C ASP A 2491 45.23 -5.92 35.22
N MET A 2492 44.84 -4.85 34.54
CA MET A 2492 45.82 -4.05 33.84
C MET A 2492 47.00 -3.75 34.73
N TRP A 2493 46.75 -3.25 35.93
CA TRP A 2493 47.89 -2.84 36.72
C TRP A 2493 48.78 -4.00 37.11
N VAL A 2494 48.36 -5.25 36.83
CA VAL A 2494 49.20 -6.38 37.19
C VAL A 2494 50.60 -6.18 36.65
N PHE A 2495 50.72 -5.56 35.49
CA PHE A 2495 52.03 -5.14 35.06
C PHE A 2495 52.65 -4.25 36.11
N ARG A 2496 51.99 -3.14 36.44
CA ARG A 2496 52.54 -2.27 37.48
C ARG A 2496 52.84 -3.09 38.71
N LEU A 2497 51.92 -3.97 39.04
CA LEU A 2497 52.22 -4.96 40.04
C LEU A 2497 53.42 -5.76 39.63
N CYS A 2498 53.35 -6.42 38.48
CA CYS A 2498 54.53 -7.10 38.00
C CYS A 2498 55.71 -6.14 38.03
N SER A 2499 55.52 -4.95 37.46
CA SER A 2499 56.54 -3.93 37.56
C SER A 2499 56.97 -3.76 38.99
N LEU A 2500 56.00 -3.51 39.86
CA LEU A 2500 56.33 -3.56 41.26
C LEU A 2500 56.99 -4.88 41.58
N TRP A 2501 56.33 -5.99 41.27
CA TRP A 2501 56.91 -7.29 41.57
C TRP A 2501 58.31 -7.37 41.07
N LEU A 2502 58.54 -6.85 39.87
CA LEU A 2502 59.88 -6.67 39.38
C LEU A 2502 60.66 -5.72 40.25
N GLU A 2503 60.13 -4.52 40.49
CA GLU A 2503 60.79 -3.67 41.45
C GLU A 2503 60.98 -4.42 42.75
N ASN A 2504 59.90 -5.00 43.25
CA ASN A 2504 59.88 -5.84 44.42
C ASN A 2504 60.85 -6.99 44.32
N SER A 2505 61.11 -7.45 43.11
CA SER A 2505 62.02 -8.56 42.95
C SER A 2505 63.36 -8.22 43.58
N GLY A 2506 64.01 -9.25 44.11
CA GLY A 2506 65.27 -9.10 44.78
C GLY A 2506 65.15 -8.69 46.22
N VAL A 2507 63.98 -8.26 46.64
CA VAL A 2507 63.71 -7.95 48.02
C VAL A 2507 62.37 -8.57 48.37
N SER A 2508 61.90 -8.29 49.58
CA SER A 2508 60.54 -8.58 49.94
C SER A 2508 60.24 -10.06 49.75
N GLU A 2509 60.80 -10.84 50.65
CA GLU A 2509 60.06 -12.05 50.93
C GLU A 2509 58.65 -11.68 51.35
N VAL A 2510 58.43 -10.43 51.76
CA VAL A 2510 57.09 -9.87 51.72
C VAL A 2510 56.46 -10.11 50.37
N ASN A 2511 57.19 -9.80 49.30
CA ASN A 2511 56.72 -10.23 48.00
C ASN A 2511 56.63 -11.73 47.95
N GLY A 2512 57.57 -12.42 48.59
CA GLY A 2512 57.38 -13.84 48.79
C GLY A 2512 56.14 -14.09 49.62
N MET A 2513 55.95 -13.32 50.68
CA MET A 2513 54.67 -13.37 51.35
C MET A 2513 53.57 -12.99 50.40
N MET A 2514 53.74 -11.90 49.69
CA MET A 2514 52.86 -11.63 48.58
C MET A 2514 52.88 -12.75 47.56
N LYS A 2515 53.98 -13.48 47.43
CA LYS A 2515 53.95 -14.69 46.63
C LYS A 2515 53.30 -15.84 47.39
N ARG A 2516 53.58 -15.95 48.68
CA ARG A 2516 52.70 -16.75 49.51
C ARG A 2516 51.28 -16.29 49.30
N ASP A 2517 51.06 -14.99 49.24
CA ASP A 2517 49.80 -14.47 48.76
C ASP A 2517 49.67 -14.62 47.26
N GLY A 2518 50.73 -15.00 46.58
CA GLY A 2518 50.70 -15.03 45.13
C GLY A 2518 49.67 -15.98 44.59
N MET A 2519 49.08 -16.78 45.46
CA MET A 2519 47.92 -17.55 45.05
C MET A 2519 46.79 -16.64 44.61
N LYS A 2520 46.90 -15.34 44.87
CA LYS A 2520 45.77 -14.43 44.74
C LYS A 2520 45.07 -14.55 43.39
N ILE A 2521 45.79 -14.38 42.28
CA ILE A 2521 45.16 -14.35 40.97
C ILE A 2521 45.09 -15.72 40.30
N PRO A 2522 44.16 -15.92 39.36
CA PRO A 2522 44.34 -17.01 38.40
C PRO A 2522 45.58 -16.74 37.58
N THR A 2523 46.42 -17.74 37.43
CA THR A 2523 47.34 -17.68 36.31
C THR A 2523 46.55 -17.47 35.05
N TYR A 2524 45.32 -17.98 35.04
CA TYR A 2524 44.35 -17.61 34.03
C TYR A 2524 44.30 -16.11 33.88
N LYS A 2525 44.27 -15.40 35.00
CA LYS A 2525 44.63 -14.01 34.85
C LYS A 2525 46.12 -13.89 34.61
N PHE A 2526 46.93 -14.50 35.47
CA PHE A 2526 48.33 -14.13 35.53
C PHE A 2526 49.06 -14.32 34.22
N LEU A 2527 48.73 -15.34 33.48
CA LEU A 2527 49.61 -15.89 32.46
C LEU A 2527 50.26 -14.81 31.62
N PRO A 2528 49.51 -13.79 31.24
CA PRO A 2528 49.98 -12.93 30.15
C PRO A 2528 51.39 -12.43 30.36
N LEU A 2529 51.88 -12.39 31.57
CA LEU A 2529 53.23 -11.90 31.74
C LEU A 2529 54.28 -12.95 31.49
N MET A 2530 53.86 -14.19 31.17
CA MET A 2530 54.76 -15.33 31.24
C MET A 2530 56.08 -15.06 30.54
N TYR A 2531 56.03 -14.44 29.37
CA TYR A 2531 57.29 -14.12 28.71
C TYR A 2531 58.10 -13.17 29.55
N GLN A 2532 57.53 -12.02 29.88
CA GLN A 2532 58.20 -11.13 30.81
C GLN A 2532 58.60 -11.89 32.03
N LEU A 2533 57.77 -12.84 32.44
CA LEU A 2533 58.16 -13.68 33.55
C LEU A 2533 59.46 -14.38 33.25
N ALA A 2534 59.50 -15.12 32.16
CA ALA A 2534 60.59 -16.04 31.94
C ALA A 2534 61.93 -15.32 31.91
N ALA A 2535 62.02 -14.23 31.16
CA ALA A 2535 63.32 -13.63 30.90
C ALA A 2535 64.07 -13.38 32.19
N ARG A 2536 63.43 -12.67 33.10
CA ARG A 2536 64.01 -12.47 34.41
C ARG A 2536 63.71 -13.63 35.32
N MET A 2537 62.98 -14.64 34.84
CA MET A 2537 62.55 -15.69 35.75
C MET A 2537 63.70 -16.42 36.41
N GLY A 2538 64.91 -16.33 35.88
CA GLY A 2538 65.99 -17.11 36.46
C GLY A 2538 67.36 -16.45 36.52
N GLY A 2543 68.50 -16.70 40.41
CA GLY A 2543 69.31 -16.03 41.42
C GLY A 2543 68.83 -16.32 42.83
N GLY A 2544 68.37 -15.27 43.51
CA GLY A 2544 67.84 -15.44 44.85
C GLY A 2544 66.59 -16.27 44.79
N LEU A 2545 66.55 -17.37 45.53
CA LEU A 2545 65.42 -18.28 45.46
C LEU A 2545 64.14 -17.58 45.85
N GLY A 2546 64.15 -16.93 47.02
CA GLY A 2546 62.97 -16.29 47.55
C GLY A 2546 62.33 -15.33 46.57
N PHE A 2547 63.12 -14.77 45.68
CA PHE A 2547 62.53 -14.24 44.47
C PHE A 2547 62.56 -15.34 43.43
N HIS A 2548 63.74 -15.62 42.89
CA HIS A 2548 63.82 -16.25 41.58
C HIS A 2548 63.25 -17.65 41.61
N GLU A 2549 63.78 -18.50 42.48
CA GLU A 2549 63.23 -19.84 42.54
C GLU A 2549 61.82 -19.80 43.05
N VAL A 2550 61.58 -19.05 44.12
CA VAL A 2550 60.20 -18.81 44.52
C VAL A 2550 59.42 -18.31 43.33
N LEU A 2551 59.92 -17.26 42.69
CA LEU A 2551 59.31 -16.88 41.44
C LEU A 2551 59.25 -18.07 40.50
N ASN A 2552 60.40 -18.69 40.24
CA ASN A 2552 60.37 -19.88 39.40
C ASN A 2552 59.32 -20.85 39.90
N ASN A 2553 59.33 -21.14 41.20
CA ASN A 2553 58.24 -21.89 41.77
C ASN A 2553 56.92 -21.21 41.50
N LEU A 2554 56.79 -19.96 41.92
CA LEU A 2554 55.58 -19.23 41.58
C LEU A 2554 55.34 -19.24 40.09
N ILE A 2555 56.39 -18.95 39.31
CA ILE A 2555 56.26 -19.11 37.89
C ILE A 2555 55.75 -20.49 37.60
N SER A 2556 56.47 -21.50 38.07
CA SER A 2556 55.95 -22.84 37.94
C SER A 2556 54.55 -22.92 38.50
N ARG A 2557 54.37 -22.47 39.74
CA ARG A 2557 53.04 -22.44 40.30
C ARG A 2557 52.06 -21.78 39.36
N ILE A 2558 52.41 -20.61 38.86
CA ILE A 2558 51.63 -20.05 37.77
C ILE A 2558 51.71 -20.98 36.57
N SER A 2559 52.92 -21.26 36.11
CA SER A 2559 53.12 -22.06 34.92
C SER A 2559 52.47 -23.42 35.02
N MET A 2560 52.31 -23.93 36.25
CA MET A 2560 51.53 -25.13 36.40
C MET A 2560 50.23 -24.99 35.66
N ASP A 2561 49.61 -23.83 35.77
CA ASP A 2561 48.42 -23.54 35.00
C ASP A 2561 48.78 -23.40 33.54
N HIS A 2562 47.96 -23.97 32.67
CA HIS A 2562 47.92 -23.78 31.23
C HIS A 2562 49.31 -23.71 30.64
N PRO A 2563 50.19 -24.64 31.01
CA PRO A 2563 51.39 -24.82 30.19
C PRO A 2563 51.01 -24.97 28.75
N HIS A 2564 49.80 -25.48 28.51
CA HIS A 2564 49.25 -25.53 27.18
C HIS A 2564 49.45 -24.20 26.52
N HIS A 2565 49.08 -23.13 27.20
CA HIS A 2565 49.62 -21.86 26.76
C HIS A 2565 51.10 -21.80 27.04
N THR A 2566 51.47 -22.07 28.28
CA THR A 2566 52.77 -21.60 28.76
C THR A 2566 53.93 -22.42 28.23
N LEU A 2567 53.77 -23.73 28.16
CA LEU A 2567 54.92 -24.59 27.89
C LEU A 2567 55.68 -24.13 26.66
N PHE A 2568 54.98 -23.61 25.66
CA PHE A 2568 55.68 -23.07 24.50
C PHE A 2568 56.72 -22.06 24.95
N ILE A 2569 56.30 -21.07 25.73
CA ILE A 2569 57.30 -20.23 26.35
C ILE A 2569 58.30 -21.09 27.06
N ILE A 2570 57.81 -21.96 27.94
CA ILE A 2570 58.69 -22.82 28.70
C ILE A 2570 59.64 -23.56 27.78
N LEU A 2571 59.08 -24.27 26.82
CA LEU A 2571 59.88 -24.96 25.83
C LEU A 2571 60.91 -24.00 25.31
N ALA A 2572 60.44 -22.98 24.62
CA ALA A 2572 61.32 -21.93 24.18
C ALA A 2572 62.20 -21.42 25.31
N LEU A 2573 61.59 -21.08 26.46
CA LEU A 2573 62.39 -20.57 27.57
C LEU A 2573 63.57 -21.47 27.81
N ALA A 2574 63.35 -22.77 27.73
CA ALA A 2574 64.44 -23.71 27.69
C ALA A 2574 65.12 -23.73 26.34
N ASN A 2575 64.39 -24.16 25.32
CA ASN A 2575 64.96 -24.40 24.02
C ASN A 2575 65.74 -23.20 23.51
N ALA A 2576 65.37 -22.00 23.95
CA ALA A 2576 65.96 -20.81 23.37
C ALA A 2576 67.46 -20.93 23.30
N ASN A 2577 68.08 -21.47 24.34
CA ASN A 2577 69.47 -21.86 24.16
C ASN A 2577 69.45 -23.33 23.77
N ARG A 2578 69.77 -23.54 22.51
CA ARG A 2578 70.37 -24.76 22.01
C ARG A 2578 71.10 -24.33 20.76
N ASP A 2579 72.20 -24.98 20.42
CA ASP A 2579 72.70 -24.86 19.06
C ASP A 2579 73.04 -26.28 18.64
N GLU A 2580 72.37 -26.77 17.60
CA GLU A 2580 72.71 -28.05 17.02
C GLU A 2580 73.32 -27.71 15.67
N PHE A 2581 74.62 -27.97 15.55
CA PHE A 2581 75.41 -27.46 14.44
C PHE A 2581 75.25 -25.94 14.36
N ASP A 2605 76.59 -17.38 31.55
CA ASP A 2605 76.44 -15.94 31.68
C ASP A 2605 75.01 -15.64 32.07
N GLU A 2606 74.79 -15.45 33.36
CA GLU A 2606 73.44 -15.35 33.90
C GLU A 2606 72.61 -16.53 33.41
N ASP A 2607 73.27 -17.67 33.28
CA ASP A 2607 72.62 -18.87 32.76
C ASP A 2607 71.96 -19.66 33.86
N ARG A 2608 72.03 -19.16 35.09
CA ARG A 2608 71.27 -19.77 36.18
C ARG A 2608 69.82 -19.95 35.78
N THR A 2609 69.30 -19.01 34.99
CA THR A 2609 68.00 -19.22 34.39
C THR A 2609 67.93 -20.56 33.69
N GLU A 2610 68.87 -20.82 32.78
CA GLU A 2610 68.88 -22.10 32.10
C GLU A 2610 68.81 -23.24 33.08
N ALA A 2611 69.59 -23.18 34.15
CA ALA A 2611 69.44 -24.15 35.21
C ALA A 2611 68.06 -24.08 35.82
N ALA A 2612 67.67 -22.89 36.29
CA ALA A 2612 66.29 -22.71 36.68
C ALA A 2612 65.37 -23.20 35.59
N ASN A 2613 65.71 -22.93 34.33
CA ASN A 2613 64.92 -23.46 33.24
C ASN A 2613 64.95 -24.97 33.26
N ARG A 2614 66.13 -25.54 33.35
CA ARG A 2614 66.19 -26.97 33.63
C ARG A 2614 65.37 -27.28 34.86
N ILE A 2615 65.59 -26.52 35.93
CA ILE A 2615 64.73 -26.73 37.08
C ILE A 2615 63.30 -26.50 36.69
N ILE A 2616 63.04 -25.45 35.91
CA ILE A 2616 61.71 -25.36 35.35
C ILE A 2616 61.45 -26.56 34.48
N CYS A 2617 62.42 -26.97 33.67
CA CYS A 2617 62.23 -28.17 32.90
C CYS A 2617 61.83 -29.31 33.81
N THR A 2618 62.25 -29.25 35.07
CA THR A 2618 61.67 -30.16 36.04
C THR A 2618 60.25 -29.76 36.36
N ILE A 2619 60.03 -28.49 36.67
CA ILE A 2619 58.66 -28.06 36.74
C ILE A 2619 57.98 -28.39 35.44
N ARG A 2620 58.71 -28.25 34.34
CA ARG A 2620 58.21 -28.77 33.11
C ARG A 2620 58.18 -30.28 33.12
N SER A 2621 59.19 -30.92 33.68
CA SER A 2621 59.01 -32.34 33.90
C SER A 2621 57.81 -32.57 34.79
N ARG A 2622 57.60 -31.68 35.77
CA ARG A 2622 56.37 -31.74 36.54
C ARG A 2622 55.17 -31.65 35.62
N ARG A 2623 55.24 -30.81 34.61
CA ARG A 2623 54.24 -30.87 33.57
C ARG A 2623 54.25 -32.27 32.98
N PRO A 2624 53.14 -33.00 33.04
CA PRO A 2624 53.13 -34.40 32.62
C PRO A 2624 53.33 -34.66 31.13
N GLN A 2625 53.14 -33.65 30.28
CA GLN A 2625 52.80 -33.89 28.87
C GLN A 2625 53.69 -34.91 28.18
N MET A 2626 55.01 -34.85 28.38
CA MET A 2626 55.92 -35.55 27.49
C MET A 2626 55.57 -35.16 26.07
N VAL A 2627 55.12 -33.93 25.93
CA VAL A 2627 54.68 -33.40 24.65
C VAL A 2627 55.96 -32.92 24.02
N ARG A 2628 57.07 -33.18 24.71
CA ARG A 2628 58.34 -32.65 24.28
C ARG A 2628 58.65 -33.11 22.88
N SER A 2629 57.88 -34.07 22.41
CA SER A 2629 57.77 -34.25 20.98
C SER A 2629 57.53 -32.91 20.32
N VAL A 2630 56.60 -32.13 20.86
CA VAL A 2630 56.45 -30.79 20.33
C VAL A 2630 57.78 -30.07 20.36
N GLU A 2631 58.51 -30.19 21.46
CA GLU A 2631 59.86 -29.66 21.44
C GLU A 2631 60.66 -30.31 20.34
N ALA A 2632 60.53 -31.61 20.18
CA ALA A 2632 61.12 -32.23 19.02
C ALA A 2632 60.59 -31.58 17.76
N LEU A 2633 59.28 -31.33 17.71
CA LEU A 2633 58.75 -30.57 16.58
C LEU A 2633 59.43 -29.21 16.52
N CYS A 2634 59.57 -28.56 17.67
CA CYS A 2634 60.46 -27.41 17.70
C CYS A 2634 61.84 -27.82 17.23
N ASP A 2635 62.42 -28.83 17.86
CA ASP A 2635 63.69 -29.32 17.34
C ASP A 2635 63.59 -29.61 15.85
N ALA A 2636 62.49 -30.18 15.42
CA ALA A 2636 62.28 -30.31 13.99
C ALA A 2636 62.17 -28.94 13.37
N TYR A 2637 61.32 -28.10 13.92
CA TYR A 2637 61.42 -26.71 13.56
C TYR A 2637 62.84 -26.23 13.75
N ILE A 2638 63.54 -26.75 14.75
CA ILE A 2638 64.93 -26.37 14.84
C ILE A 2638 65.71 -27.07 13.78
N ILE A 2639 65.39 -28.33 13.52
CA ILE A 2639 65.89 -28.88 12.29
C ILE A 2639 65.49 -27.97 11.16
N LEU A 2640 64.26 -27.49 11.19
CA LEU A 2640 63.91 -26.46 10.24
C LEU A 2640 64.71 -25.20 10.47
N ALA A 2641 65.13 -24.94 11.71
CA ALA A 2641 66.03 -23.80 11.86
C ALA A 2641 67.29 -24.04 11.07
N ASN A 2642 67.54 -25.27 10.67
CA ASN A 2642 68.59 -25.54 9.72
C ASN A 2642 68.14 -25.37 8.30
N LEU A 2643 66.88 -24.99 8.09
CA LEU A 2643 66.41 -24.81 6.73
C LEU A 2643 67.35 -23.85 6.01
N ASP A 2644 67.79 -24.26 4.82
CA ASP A 2644 68.80 -23.54 4.07
C ASP A 2644 68.92 -24.05 2.64
N ARG A 2652 68.98 -24.98 -0.58
CA ARG A 2652 68.52 -23.61 -0.67
C ARG A 2652 68.09 -23.29 -2.08
N LYS A 2653 67.20 -24.10 -2.64
CA LYS A 2653 66.89 -23.91 -4.05
C LYS A 2653 65.79 -22.86 -4.17
N GLY A 2654 66.12 -21.74 -4.81
CA GLY A 2654 65.17 -20.69 -5.06
C GLY A 2654 64.12 -21.08 -6.09
N ILE A 2655 62.85 -20.91 -5.75
CA ILE A 2655 61.76 -21.08 -6.71
C ILE A 2655 60.48 -20.89 -5.92
N ASN A 2656 59.35 -20.90 -6.60
CA ASN A 2656 58.16 -21.24 -5.85
C ASN A 2656 58.43 -22.59 -5.21
N ILE A 2657 58.25 -22.68 -3.90
CA ILE A 2657 59.05 -23.59 -3.09
C ILE A 2657 58.26 -24.88 -2.88
N PRO A 2658 58.64 -25.95 -3.52
CA PRO A 2658 58.30 -27.28 -3.01
C PRO A 2658 59.39 -27.81 -2.10
N ALA A 2659 59.22 -29.08 -1.71
CA ALA A 2659 60.35 -29.96 -1.45
C ALA A 2659 61.18 -29.53 -0.25
N ASP A 2660 60.51 -29.04 0.78
CA ASP A 2660 61.14 -28.88 2.08
C ASP A 2660 60.97 -30.11 2.95
N GLN A 2661 60.37 -31.16 2.43
CA GLN A 2661 59.97 -32.30 3.24
C GLN A 2661 61.11 -32.95 4.01
N PRO A 2662 62.16 -33.40 3.32
CA PRO A 2662 62.95 -34.54 3.84
C PRO A 2662 63.40 -34.45 5.29
N ILE A 2663 63.80 -33.28 5.75
CA ILE A 2663 64.46 -33.17 7.04
C ILE A 2663 63.43 -32.92 8.14
N THR A 2664 63.92 -32.61 9.34
CA THR A 2664 63.09 -32.33 10.51
C THR A 2664 62.13 -33.48 10.74
N LYS A 2665 62.59 -34.66 10.38
CA LYS A 2665 61.78 -35.87 10.34
C LYS A 2665 60.60 -35.75 9.39
N LEU A 2666 60.69 -34.86 8.40
CA LEU A 2666 59.82 -34.90 7.22
C LEU A 2666 58.37 -35.18 7.58
N LYS A 2667 57.75 -34.20 8.23
CA LYS A 2667 56.43 -34.27 8.84
C LYS A 2667 56.47 -34.95 10.20
N ASN A 2668 57.63 -35.48 10.59
CA ASN A 2668 57.96 -35.76 11.99
C ASN A 2668 56.79 -36.43 12.70
N LEU A 2669 56.55 -37.67 12.32
CA LEU A 2669 55.40 -38.42 12.78
C LEU A 2669 54.11 -37.72 12.35
N GLU A 2670 54.10 -37.27 11.10
CA GLU A 2670 52.91 -36.77 10.41
C GLU A 2670 52.40 -35.48 11.00
N ASP A 2671 53.00 -35.03 12.10
CA ASP A 2671 52.43 -34.00 12.95
C ASP A 2671 51.04 -34.40 13.42
N VAL A 2672 50.93 -35.68 13.81
CA VAL A 2672 49.63 -36.19 14.22
C VAL A 2672 49.17 -35.43 15.46
N VAL A 2673 47.86 -35.42 15.66
CA VAL A 2673 47.25 -34.54 16.65
C VAL A 2673 47.94 -34.72 17.99
N VAL A 2674 48.31 -33.60 18.60
CA VAL A 2674 49.28 -33.60 19.69
C VAL A 2674 49.17 -32.22 20.32
N PRO A 2675 50.02 -31.88 21.27
CA PRO A 2675 50.22 -30.47 21.57
C PRO A 2675 50.48 -29.75 20.25
N THR A 2676 49.92 -28.55 20.11
CA THR A 2676 49.48 -28.18 18.80
C THR A 2676 49.48 -26.67 18.66
N MET A 2677 48.87 -26.21 17.58
CA MET A 2677 48.47 -24.83 17.44
C MET A 2677 49.68 -23.91 17.56
N GLU A 2678 50.52 -23.99 16.53
CA GLU A 2678 51.82 -23.35 16.57
C GLU A 2678 51.74 -21.86 16.88
N ILE A 2679 51.26 -21.05 15.95
CA ILE A 2679 51.26 -19.62 16.19
C ILE A 2679 50.04 -19.34 17.01
N LYS A 2680 48.90 -19.44 16.34
CA LYS A 2680 47.68 -19.94 16.94
C LYS A 2680 47.50 -19.43 18.32
N VAL A 2681 47.27 -18.13 18.42
CA VAL A 2681 47.41 -17.46 19.70
C VAL A 2681 46.15 -17.68 20.51
N ASP A 2682 45.19 -18.40 19.94
CA ASP A 2682 43.90 -18.59 20.57
C ASP A 2682 44.05 -19.13 21.98
N HIS A 2683 43.22 -18.63 22.89
CA HIS A 2683 43.42 -18.90 24.29
C HIS A 2683 42.10 -19.16 24.98
N THR A 2684 42.18 -19.75 26.16
CA THR A 2684 41.02 -20.10 26.95
C THR A 2684 41.33 -20.02 28.43
N GLY A 2685 40.36 -19.60 29.23
CA GLY A 2685 40.51 -19.68 30.67
C GLY A 2685 40.39 -21.08 31.21
N GLU A 2686 39.77 -21.98 30.45
CA GLU A 2686 39.65 -23.39 30.73
C GLU A 2686 40.77 -24.14 30.04
N TYR A 2687 41.70 -23.40 29.45
CA TYR A 2687 42.52 -23.95 28.38
C TYR A 2687 43.34 -25.10 28.90
N GLY A 2688 43.75 -25.95 27.97
CA GLY A 2688 43.76 -27.37 28.24
C GLY A 2688 42.63 -27.98 27.43
N ASN A 2689 41.83 -27.14 26.80
CA ASN A 2689 40.91 -27.57 25.75
C ASN A 2689 41.19 -26.72 24.51
N LEU A 2690 41.55 -27.36 23.39
CA LEU A 2690 42.06 -26.63 22.23
C LEU A 2690 41.98 -27.47 20.96
N VAL A 2691 42.56 -26.95 19.89
CA VAL A 2691 42.57 -27.57 18.56
C VAL A 2691 43.96 -28.12 18.29
N THR A 2692 44.03 -29.23 17.56
CA THR A 2692 45.20 -30.08 17.55
C THR A 2692 46.02 -29.91 16.27
N ILE A 2693 47.09 -30.72 16.18
CA ILE A 2693 48.28 -30.51 15.37
C ILE A 2693 48.20 -31.17 14.00
N GLN A 2694 47.05 -31.75 13.67
CA GLN A 2694 46.99 -33.10 13.16
C GLN A 2694 47.89 -33.38 11.97
N SER A 2695 48.35 -32.38 11.24
CA SER A 2695 49.36 -32.71 10.26
C SER A 2695 50.33 -31.56 10.05
N PHE A 2696 51.27 -31.83 9.17
CA PHE A 2696 52.21 -30.81 8.72
C PHE A 2696 52.36 -31.03 7.22
N LYS A 2697 52.38 -29.94 6.47
CA LYS A 2697 52.48 -30.10 5.03
C LYS A 2697 53.95 -30.03 4.71
N ALA A 2698 54.49 -31.16 4.28
CA ALA A 2698 55.90 -31.27 3.99
C ALA A 2698 56.15 -30.58 2.66
N GLU A 2699 57.39 -30.67 2.17
CA GLU A 2699 57.76 -30.02 0.92
C GLU A 2699 57.51 -28.53 1.04
N PHE A 2700 57.54 -28.06 2.27
CA PHE A 2700 56.91 -26.81 2.63
C PHE A 2700 57.63 -25.64 1.98
N ARG A 2701 56.94 -24.53 1.90
CA ARG A 2701 57.51 -23.41 1.19
C ARG A 2701 58.54 -22.71 2.06
N LEU A 2702 59.14 -21.68 1.49
CA LEU A 2702 59.92 -20.73 2.27
C LEU A 2702 59.90 -19.45 1.48
N ALA A 2703 60.08 -18.34 2.17
CA ALA A 2703 60.31 -17.10 1.45
C ALA A 2703 61.79 -16.76 1.51
N GLY A 2704 62.14 -15.67 0.87
CA GLY A 2704 63.50 -15.20 0.89
C GLY A 2704 63.76 -14.37 2.13
N GLY A 2705 64.98 -13.86 2.20
CA GLY A 2705 65.35 -12.90 3.20
C GLY A 2705 66.85 -12.94 3.38
N VAL A 2706 67.40 -12.01 4.17
CA VAL A 2706 68.74 -12.24 4.71
C VAL A 2706 68.77 -13.59 5.40
N ASN A 2707 67.79 -13.82 6.26
CA ASN A 2707 67.33 -15.16 6.56
C ASN A 2707 66.14 -15.42 5.65
N LEU A 2708 66.30 -16.35 4.74
CA LEU A 2708 65.18 -16.60 3.86
C LEU A 2708 64.05 -17.10 4.72
N PRO A 2709 62.95 -16.37 4.78
CA PRO A 2709 61.86 -16.79 5.65
C PRO A 2709 61.37 -18.16 5.26
N LYS A 2710 61.25 -19.02 6.25
CA LYS A 2710 60.83 -20.40 6.03
C LYS A 2710 59.32 -20.46 6.15
N ILE A 2711 58.66 -20.93 5.10
CA ILE A 2711 57.19 -20.95 5.08
C ILE A 2711 56.80 -22.34 5.54
N ILE A 2712 56.22 -22.40 6.73
CA ILE A 2712 56.01 -23.68 7.37
C ILE A 2712 54.56 -24.04 7.19
N ASP A 2713 54.30 -25.06 6.39
CA ASP A 2713 52.96 -25.54 6.14
C ASP A 2713 52.68 -26.73 7.05
N CYS A 2714 51.77 -26.56 8.00
CA CYS A 2714 51.45 -27.62 8.93
C CYS A 2714 49.95 -27.65 9.17
N VAL A 2715 49.37 -28.83 9.07
CA VAL A 2715 47.93 -28.96 9.07
C VAL A 2715 47.46 -29.32 10.47
N GLY A 2716 46.67 -28.45 11.04
CA GLY A 2716 46.23 -28.67 12.39
C GLY A 2716 45.25 -29.83 12.44
N SER A 2717 44.66 -30.01 13.61
CA SER A 2717 43.55 -30.94 13.71
C SER A 2717 42.53 -30.67 12.62
N ASP A 2718 42.20 -29.40 12.40
CA ASP A 2718 41.34 -29.05 11.29
C ASP A 2718 42.05 -29.22 9.96
N GLY A 2719 43.34 -29.50 9.98
CA GLY A 2719 44.04 -29.61 8.74
C GLY A 2719 44.20 -28.30 8.02
N LYS A 2720 43.70 -27.22 8.59
CA LYS A 2720 44.10 -25.92 8.09
C LYS A 2720 45.61 -25.91 8.19
N GLU A 2721 46.28 -25.61 7.09
CA GLU A 2721 47.73 -25.69 7.13
C GLU A 2721 48.19 -24.29 7.49
N ARG A 2722 48.74 -24.18 8.69
CA ARG A 2722 49.34 -22.92 9.05
C ARG A 2722 50.42 -22.65 8.03
N ARG A 2723 50.44 -21.45 7.47
CA ARG A 2723 51.66 -21.07 6.78
C ARG A 2723 52.45 -20.29 7.82
N GLN A 2724 53.56 -20.88 8.27
CA GLN A 2724 54.17 -20.42 9.50
C GLN A 2724 55.50 -19.77 9.20
N LEU A 2725 55.56 -18.45 9.38
CA LEU A 2725 56.77 -17.72 9.08
C LEU A 2725 57.89 -18.22 9.96
N VAL A 2726 59.07 -18.38 9.37
CA VAL A 2726 60.22 -18.82 10.16
C VAL A 2726 61.49 -18.14 9.70
N LYS A 2727 62.30 -17.69 10.66
CA LYS A 2727 63.59 -17.05 10.40
C LYS A 2727 64.58 -17.34 11.53
N GLY A 2728 65.85 -17.51 11.13
CA GLY A 2728 66.88 -17.95 12.03
C GLY A 2728 67.79 -16.81 12.45
N ARG A 2729 68.63 -17.11 13.43
CA ARG A 2729 69.46 -16.09 14.07
C ARG A 2729 68.60 -14.91 14.47
N ASP A 2730 67.37 -15.21 14.85
CA ASP A 2730 66.29 -14.25 14.89
C ASP A 2730 65.76 -14.09 16.30
N ASP A 2731 65.69 -12.84 16.75
CA ASP A 2731 65.14 -12.53 18.07
C ASP A 2731 63.67 -12.16 17.94
N LEU A 2732 62.85 -13.07 18.43
CA LEU A 2732 61.43 -12.95 18.17
C LEU A 2732 60.76 -12.35 19.38
N ARG A 2733 60.83 -13.05 20.49
CA ARG A 2733 60.24 -12.48 21.68
C ARG A 2733 60.72 -11.05 21.84
N GLN A 2734 61.95 -10.77 21.44
CA GLN A 2734 62.40 -9.40 21.32
C GLN A 2734 61.38 -8.61 20.52
N ASP A 2735 61.06 -9.07 19.34
CA ASP A 2735 59.93 -8.46 18.68
C ASP A 2735 58.64 -8.82 19.39
N ALA A 2736 58.43 -10.11 19.66
CA ALA A 2736 57.14 -10.54 20.17
C ALA A 2736 56.80 -9.81 21.43
N VAL A 2737 57.82 -9.24 22.07
CA VAL A 2737 57.53 -8.30 23.14
C VAL A 2737 56.54 -7.29 22.63
N MET A 2738 56.89 -6.63 21.54
CA MET A 2738 55.95 -5.72 20.94
C MET A 2738 54.66 -6.44 20.63
N GLN A 2739 54.76 -7.60 20.00
CA GLN A 2739 53.56 -8.36 19.77
C GLN A 2739 52.83 -8.55 21.08
N GLN A 2740 53.51 -9.11 22.07
CA GLN A 2740 52.93 -9.12 23.39
C GLN A 2740 52.52 -7.71 23.79
N VAL A 2741 53.44 -6.75 23.64
CA VAL A 2741 53.08 -5.39 23.96
C VAL A 2741 51.84 -5.03 23.21
N PHE A 2742 51.87 -5.21 21.90
CA PHE A 2742 50.65 -5.12 21.14
C PHE A 2742 49.58 -5.96 21.81
N GLN A 2743 49.95 -7.17 22.26
CA GLN A 2743 48.93 -8.17 22.51
C GLN A 2743 47.88 -7.62 23.45
N MET A 2744 48.28 -7.17 24.61
CA MET A 2744 47.27 -6.56 25.41
C MET A 2744 47.01 -5.13 25.02
N CYS A 2745 47.96 -4.48 24.35
CA CYS A 2745 47.62 -3.17 23.84
C CYS A 2745 46.34 -3.27 23.08
N ASN A 2746 46.18 -4.36 22.34
CA ASN A 2746 44.90 -4.66 21.74
C ASN A 2746 43.82 -4.69 22.78
N THR A 2747 44.01 -5.48 23.82
CA THR A 2747 43.07 -5.36 24.91
C THR A 2747 42.98 -3.92 25.35
N LEU A 2748 44.12 -3.29 25.59
CA LEU A 2748 44.10 -1.87 25.87
C LEU A 2748 43.30 -1.16 24.82
N LEU A 2749 43.60 -1.43 23.56
CA LEU A 2749 42.68 -1.00 22.53
C LEU A 2749 41.29 -1.50 22.85
N GLN A 2750 41.17 -2.78 23.19
CA GLN A 2750 39.84 -3.37 23.26
C GLN A 2750 39.00 -2.74 24.34
N ARG A 2751 39.60 -1.88 25.16
CA ARG A 2751 38.93 -1.48 26.37
C ARG A 2751 37.82 -0.48 26.07
N ASN A 2752 38.17 0.72 25.67
CA ASN A 2752 37.13 1.72 25.52
C ASN A 2752 36.28 1.35 24.33
N THR A 2753 35.00 1.20 24.56
CA THR A 2753 34.13 0.95 23.44
C THR A 2753 34.20 2.07 22.43
N GLU A 2754 34.69 3.24 22.85
CA GLU A 2754 34.97 4.28 21.89
C GLU A 2754 35.79 3.72 20.76
N THR A 2755 36.84 2.99 21.09
CA THR A 2755 37.49 2.20 20.07
C THR A 2755 36.50 1.25 19.45
N ARG A 2756 35.87 0.40 20.25
CA ARG A 2756 34.91 -0.54 19.71
C ARG A 2756 33.91 0.19 18.86
N LYS A 2757 33.58 1.42 19.24
CA LYS A 2757 32.78 2.26 18.36
C LYS A 2757 33.44 2.34 17.00
N ARG A 2758 34.68 2.78 16.98
CA ARG A 2758 35.40 2.64 15.73
C ARG A 2758 35.78 1.20 15.46
N LYS A 2759 35.64 0.33 16.46
CA LYS A 2759 36.12 -1.04 16.36
C LYS A 2759 37.55 -1.06 15.84
N LEU A 2760 38.41 -0.24 16.45
CA LEU A 2760 39.75 0.00 15.95
C LEU A 2760 40.79 -0.80 16.72
N THR A 2761 41.52 -1.67 16.02
CA THR A 2761 42.33 -2.70 16.66
C THR A 2761 43.74 -2.64 16.13
N ILE A 2762 44.55 -3.61 16.55
CA ILE A 2762 45.89 -3.78 16.00
C ILE A 2762 46.12 -5.25 15.69
N CYS A 2763 46.78 -5.50 14.57
CA CYS A 2763 47.01 -6.85 14.09
C CYS A 2763 48.00 -7.58 14.97
N THR A 2764 47.97 -8.91 14.89
CA THR A 2764 48.78 -9.76 15.74
C THR A 2764 49.58 -10.75 14.91
N TYR A 2765 50.89 -10.62 14.92
CA TYR A 2765 51.73 -11.67 14.38
C TYR A 2765 52.10 -12.56 15.55
N LYS A 2766 51.55 -13.78 15.54
CA LYS A 2766 51.84 -14.73 16.60
C LYS A 2766 53.11 -15.50 16.28
N VAL A 2767 54.10 -15.36 17.16
CA VAL A 2767 55.41 -15.97 16.91
C VAL A 2767 56.07 -16.34 18.23
N VAL A 2768 57.25 -16.95 18.16
CA VAL A 2768 58.09 -17.20 19.34
C VAL A 2768 59.56 -17.14 18.93
N PRO A 2769 60.42 -16.70 19.76
CA PRO A 2769 61.86 -16.95 19.53
C PRO A 2769 62.26 -18.30 20.11
N LEU A 2770 61.54 -19.34 19.71
CA LEU A 2770 61.72 -20.64 20.31
C LEU A 2770 63.19 -21.01 20.35
N SER A 2771 63.90 -20.83 19.24
CA SER A 2771 65.35 -20.77 19.30
C SER A 2771 65.72 -19.32 19.58
N GLN A 2772 66.77 -19.15 20.38
CA GLN A 2772 67.33 -17.81 20.44
C GLN A 2772 67.63 -17.33 19.04
N ARG A 2773 67.92 -18.23 18.13
CA ARG A 2773 68.01 -17.94 16.72
C ARG A 2773 66.65 -17.88 16.05
N SER A 2774 65.64 -18.51 16.59
CA SER A 2774 64.59 -18.96 15.71
C SER A 2774 63.35 -19.39 16.48
N GLY A 2775 62.42 -19.97 15.73
CA GLY A 2775 61.33 -20.78 16.22
C GLY A 2775 59.83 -20.50 16.25
N VAL A 2776 59.27 -19.32 16.02
CA VAL A 2776 57.87 -19.32 15.56
C VAL A 2776 57.53 -18.09 14.73
N LEU A 2777 56.63 -18.27 13.77
CA LEU A 2777 55.65 -17.27 13.35
C LEU A 2777 54.64 -17.97 12.45
N GLU A 2778 53.61 -17.27 11.99
CA GLU A 2778 52.75 -17.78 10.92
C GLU A 2778 52.57 -16.67 9.91
N TRP A 2779 53.06 -16.87 8.70
CA TRP A 2779 52.83 -15.84 7.69
C TRP A 2779 51.63 -16.24 6.86
N CYS A 2780 50.54 -15.50 6.94
CA CYS A 2780 49.34 -15.96 6.25
C CYS A 2780 49.25 -15.37 4.85
N THR A 2781 48.94 -14.09 4.76
CA THR A 2781 48.72 -13.47 3.46
C THR A 2781 48.89 -11.97 3.59
N GLY A 2782 49.07 -11.28 2.47
CA GLY A 2782 48.92 -9.85 2.47
C GLY A 2782 50.18 -9.11 2.91
N THR A 2783 51.31 -9.73 2.70
CA THR A 2783 52.54 -8.97 2.74
C THR A 2783 52.51 -7.92 1.64
N VAL A 2784 52.67 -6.67 2.04
CA VAL A 2784 52.57 -5.56 1.10
C VAL A 2784 53.88 -5.02 0.54
N PRO A 2785 54.40 -5.70 -0.47
CA PRO A 2785 55.62 -5.23 -1.12
C PRO A 2785 55.21 -3.96 -1.85
N ILE A 2786 53.96 -3.58 -1.62
CA ILE A 2786 53.37 -2.41 -2.22
C ILE A 2786 54.32 -1.85 -3.27
N GLY A 2787 55.62 -2.00 -3.06
CA GLY A 2787 56.58 -1.56 -4.04
C GLY A 2787 56.66 -2.51 -5.20
N GLU A 2788 56.50 -3.79 -4.91
CA GLU A 2788 56.10 -4.69 -5.96
C GLU A 2788 54.70 -4.34 -6.42
N PHE A 2789 53.80 -4.03 -5.50
CA PHE A 2789 52.58 -3.44 -5.97
C PHE A 2789 52.87 -2.12 -6.64
N LEU A 2790 54.00 -1.49 -6.33
CA LEU A 2790 54.46 -0.40 -7.17
C LEU A 2790 55.08 -0.90 -8.44
N VAL A 2791 55.87 -1.98 -8.37
CA VAL A 2791 56.19 -2.71 -9.59
C VAL A 2791 54.90 -3.13 -10.27
N ASN A 2792 53.86 -3.39 -9.48
CA ASN A 2792 52.54 -3.55 -10.03
C ASN A 2792 51.79 -2.24 -10.14
N ASN A 2793 52.28 -1.17 -9.53
CA ASN A 2793 51.83 0.15 -9.92
C ASN A 2793 52.50 0.57 -11.18
N GLU A 2794 53.76 0.25 -11.33
CA GLU A 2794 54.29 0.19 -12.67
C GLU A 2794 53.34 -0.65 -13.50
N ASP A 2795 53.07 -1.88 -13.04
CA ASP A 2795 52.02 -2.65 -13.66
C ASP A 2795 50.66 -2.04 -13.42
N GLY A 2796 50.56 -1.05 -12.56
CA GLY A 2796 49.40 -0.23 -12.46
C GLY A 2796 49.67 0.96 -13.33
N ALA A 2797 49.16 2.11 -12.94
CA ALA A 2797 49.34 3.30 -13.75
C ALA A 2797 50.79 3.74 -13.83
N HIS A 2798 51.70 3.16 -13.06
CA HIS A 2798 52.98 3.83 -12.84
C HIS A 2798 53.91 3.56 -13.99
N LYS A 2799 53.41 2.85 -14.98
CA LYS A 2799 53.99 3.00 -16.30
C LYS A 2799 54.07 4.47 -16.64
N ARG A 2800 55.19 4.86 -17.26
CA ARG A 2800 55.45 6.25 -17.57
C ARG A 2800 55.42 7.12 -16.33
N TYR A 2801 56.22 6.73 -15.33
CA TYR A 2801 56.37 7.52 -14.12
C TYR A 2801 57.81 7.82 -13.77
N ARG A 2802 58.58 6.80 -13.43
CA ARG A 2802 59.96 6.99 -12.98
C ARG A 2802 60.56 5.62 -12.70
N PRO A 2803 61.82 5.41 -13.04
CA PRO A 2803 62.43 4.11 -12.80
C PRO A 2803 62.32 3.74 -11.33
N ASN A 2804 62.11 2.47 -11.09
CA ASN A 2804 62.25 2.00 -9.73
C ASN A 2804 63.59 2.43 -9.18
N ASP A 2805 64.66 2.10 -9.88
CA ASP A 2805 65.97 2.56 -9.48
C ASP A 2805 66.12 4.06 -9.64
N PHE A 2806 65.16 4.74 -10.27
CA PHE A 2806 65.20 6.19 -10.19
C PHE A 2806 65.13 6.62 -8.74
N SER A 2807 64.31 5.93 -7.95
CA SER A 2807 64.44 6.08 -6.51
C SER A 2807 65.87 5.79 -6.09
N ALA A 2808 66.42 4.66 -6.55
CA ALA A 2808 67.82 4.40 -6.28
C ALA A 2808 68.68 5.52 -6.84
N PHE A 2809 68.24 6.14 -7.93
CA PHE A 2809 68.92 7.34 -8.37
C PHE A 2809 68.64 8.48 -7.42
N GLN A 2810 67.39 8.65 -7.01
CA GLN A 2810 67.19 9.51 -5.86
C GLN A 2810 67.98 8.98 -4.68
N CYS A 2811 68.13 7.66 -4.57
CA CYS A 2811 69.06 7.15 -3.60
C CYS A 2811 70.49 7.37 -4.03
N GLN A 2812 70.69 7.64 -5.30
CA GLN A 2812 71.97 8.18 -5.68
C GLN A 2812 72.02 9.67 -5.44
N LYS A 2813 70.90 10.24 -4.98
CA LYS A 2813 70.87 11.64 -4.58
C LYS A 2813 71.30 11.64 -3.12
N LYS A 2814 71.70 10.46 -2.65
CA LYS A 2814 72.12 10.28 -1.27
C LYS A 2814 73.12 11.35 -0.84
N MET A 2815 74.16 11.58 -1.63
CA MET A 2815 75.27 12.41 -1.16
C MET A 2815 74.79 13.75 -0.63
N MET A 2816 73.66 14.23 -1.13
CA MET A 2816 73.10 15.45 -0.62
C MET A 2816 71.66 15.61 -1.09
N PHE A 2823 72.87 18.26 1.46
CA PHE A 2823 71.63 17.51 1.55
C PHE A 2823 70.51 18.31 0.96
N GLU A 2824 70.58 19.63 1.18
CA GLU A 2824 69.51 20.49 0.72
C GLU A 2824 69.18 20.26 -0.73
N GLU A 2825 70.19 19.93 -1.53
CA GLU A 2825 69.91 19.50 -2.88
C GLU A 2825 68.87 18.41 -2.86
N LYS A 2826 69.11 17.35 -2.10
CA LYS A 2826 68.06 16.37 -1.91
C LYS A 2826 66.79 17.03 -1.44
N TYR A 2827 66.90 17.95 -0.47
CA TYR A 2827 65.71 18.63 0.01
C TYR A 2827 64.94 19.22 -1.13
N GLU A 2828 65.64 19.66 -2.15
CA GLU A 2828 64.98 19.84 -3.43
C GLU A 2828 64.78 18.52 -4.15
N VAL A 2829 65.82 17.69 -4.21
CA VAL A 2829 66.00 16.86 -5.40
C VAL A 2829 64.82 15.96 -5.64
N PHE A 2830 64.50 15.10 -4.69
CA PHE A 2830 63.57 14.05 -5.04
C PHE A 2830 62.16 14.58 -5.16
N MET A 2831 61.91 15.78 -4.68
CA MET A 2831 60.60 16.38 -4.93
C MET A 2831 60.27 16.26 -6.39
N ASP A 2832 61.25 16.47 -7.23
CA ASP A 2832 61.09 16.14 -8.63
C ASP A 2832 60.73 14.69 -8.82
N VAL A 2833 61.57 13.78 -8.31
CA VAL A 2833 61.16 12.40 -8.34
C VAL A 2833 59.78 12.28 -7.76
N CYS A 2834 59.57 12.91 -6.60
CA CYS A 2834 58.22 13.00 -6.08
C CYS A 2834 57.29 13.57 -7.12
N GLN A 2835 57.63 14.73 -7.67
CA GLN A 2835 56.89 15.20 -8.83
C GLN A 2835 56.86 14.12 -9.89
N ASN A 2836 58.02 13.58 -10.23
CA ASN A 2836 58.07 12.50 -11.20
C ASN A 2836 57.31 11.30 -10.73
N PHE A 2837 56.94 11.25 -9.46
CA PHE A 2837 56.16 10.13 -8.99
C PHE A 2837 54.78 10.62 -8.63
N GLN A 2838 53.95 9.69 -8.19
CA GLN A 2838 52.63 10.03 -7.69
C GLN A 2838 52.28 9.07 -6.59
N PRO A 2839 51.41 9.44 -5.70
CA PRO A 2839 50.96 8.50 -4.68
C PRO A 2839 49.83 7.60 -5.19
N VAL A 2840 50.16 6.54 -5.92
CA VAL A 2840 49.14 5.76 -6.65
C VAL A 2840 48.34 4.77 -5.78
N PHE A 2841 48.93 4.26 -4.71
CA PHE A 2841 48.46 3.03 -4.07
C PHE A 2841 47.03 3.09 -3.59
N ARG A 2842 46.44 4.28 -3.52
CA ARG A 2842 45.05 4.36 -3.15
C ARG A 2842 44.25 3.35 -3.95
N TYR A 2843 44.50 3.29 -5.24
CA TYR A 2843 43.78 2.31 -6.02
C TYR A 2843 43.97 0.92 -5.51
N PHE A 2844 45.03 0.67 -4.74
CA PHE A 2844 45.68 -0.62 -4.83
C PHE A 2844 44.71 -1.75 -4.62
N CYS A 2845 44.27 -1.94 -3.40
CA CYS A 2845 43.27 -2.97 -3.27
C CYS A 2845 41.89 -2.38 -3.40
N MET A 2846 41.81 -1.05 -3.41
CA MET A 2846 40.58 -0.45 -3.85
C MET A 2846 40.18 -1.07 -5.16
N GLU A 2847 41.13 -1.10 -6.09
CA GLU A 2847 40.96 -1.93 -7.27
C GLU A 2847 40.60 -3.35 -6.87
N LYS A 2848 41.41 -3.98 -6.03
CA LYS A 2848 41.10 -5.33 -5.63
C LYS A 2848 39.72 -5.41 -5.02
N PHE A 2849 39.25 -4.33 -4.46
CA PHE A 2849 37.93 -4.32 -3.90
C PHE A 2849 36.89 -4.17 -5.01
N LEU A 2850 35.70 -4.67 -4.72
CA LEU A 2850 34.43 -4.28 -5.35
C LEU A 2850 33.43 -4.00 -4.24
N ASP A 2851 32.17 -3.72 -4.61
CA ASP A 2851 31.17 -3.45 -3.58
C ASP A 2851 31.70 -2.38 -2.65
N PRO A 2852 31.75 -1.16 -3.11
CA PRO A 2852 32.70 -0.18 -2.57
C PRO A 2852 32.52 -0.01 -1.10
N ALA A 2853 31.38 -0.52 -0.65
CA ALA A 2853 31.18 -0.69 0.76
C ALA A 2853 32.47 -1.22 1.31
N ILE A 2854 32.83 -2.42 0.89
CA ILE A 2854 34.09 -2.98 1.32
C ILE A 2854 35.18 -1.94 1.16
N TRP A 2855 35.22 -1.30 0.01
CA TRP A 2855 36.19 -0.22 -0.10
C TRP A 2855 35.94 0.83 0.95
N PHE A 2856 34.75 1.42 0.94
CA PHE A 2856 34.38 2.32 2.00
C PHE A 2856 34.63 1.68 3.33
N GLU A 2857 34.48 0.37 3.38
CA GLU A 2857 34.74 -0.30 4.62
C GLU A 2857 36.23 -0.36 4.84
N LYS A 2858 36.91 -1.16 4.03
CA LYS A 2858 38.33 -1.30 4.24
C LYS A 2858 38.98 0.05 4.26
N ARG A 2859 38.32 1.02 3.66
CA ARG A 2859 38.72 2.38 3.88
C ARG A 2859 38.91 2.61 5.37
N LEU A 2860 37.98 2.14 6.18
CA LEU A 2860 38.21 2.36 7.59
C LEU A 2860 39.43 1.63 8.08
N ALA A 2861 39.64 0.40 7.62
CA ALA A 2861 40.95 -0.18 7.86
C ALA A 2861 41.99 0.72 7.27
N TYR A 2862 41.84 1.01 6.00
CA TYR A 2862 42.72 1.95 5.36
C TYR A 2862 42.64 3.28 6.03
N THR A 2863 41.64 3.48 6.87
CA THR A 2863 41.79 4.49 7.89
C THR A 2863 42.47 3.85 9.08
N ARG A 2864 41.74 3.00 9.76
CA ARG A 2864 42.16 2.61 11.08
C ARG A 2864 43.33 1.67 10.96
N SER A 2865 43.09 0.52 10.34
CA SER A 2865 44.19 -0.39 10.12
C SER A 2865 45.35 0.37 9.57
N VAL A 2866 45.08 1.29 8.67
CA VAL A 2866 46.12 2.26 8.40
C VAL A 2866 46.49 2.92 9.71
N ALA A 2867 45.59 3.73 10.22
CA ALA A 2867 45.99 4.65 11.26
C ALA A 2867 46.72 3.97 12.38
N THR A 2868 46.16 2.88 12.87
CA THR A 2868 46.51 2.39 14.18
C THR A 2868 48.00 2.34 14.34
N SER A 2869 48.67 1.82 13.34
CA SER A 2869 50.10 1.63 13.51
C SER A 2869 50.79 2.94 13.76
N SER A 2870 50.68 3.85 12.81
CA SER A 2870 51.29 5.14 13.06
C SER A 2870 50.64 5.76 14.27
N ILE A 2871 49.33 5.54 14.38
CA ILE A 2871 48.68 5.91 15.61
C ILE A 2871 49.45 5.32 16.76
N VAL A 2872 49.70 4.02 16.73
CA VAL A 2872 50.65 3.52 17.69
C VAL A 2872 51.97 4.24 17.52
N GLY A 2873 52.39 4.45 16.29
CA GLY A 2873 53.80 4.48 16.04
C GLY A 2873 54.61 5.44 16.88
N TYR A 2874 54.25 6.72 16.84
CA TYR A 2874 55.01 7.66 17.64
C TYR A 2874 54.92 7.29 19.09
N ILE A 2875 53.70 7.20 19.58
CA ILE A 2875 53.49 6.57 20.85
C ILE A 2875 54.23 5.25 20.87
N LEU A 2876 54.05 4.44 19.84
CA LEU A 2876 54.77 3.19 19.83
C LEU A 2876 56.25 3.44 19.86
N GLY A 2877 56.70 4.64 19.47
CA GLY A 2877 58.13 4.77 19.40
C GLY A 2877 58.53 3.78 18.34
N LEU A 2878 57.95 3.94 17.17
CA LEU A 2878 57.79 2.84 16.24
C LEU A 2878 59.11 2.43 15.58
N GLY A 2879 59.01 1.45 14.68
CA GLY A 2879 60.13 0.90 13.94
C GLY A 2879 60.14 1.28 12.46
N ASP A 2880 60.84 0.47 11.68
CA ASP A 2880 61.27 0.87 10.33
C ASP A 2880 60.09 1.13 9.44
N ARG A 2881 60.12 2.25 8.73
CA ARG A 2881 59.27 2.32 7.55
C ARG A 2881 60.02 1.58 6.49
N HIS A 2882 59.42 0.51 6.02
CA HIS A 2882 60.05 -0.27 4.98
C HIS A 2882 58.96 -1.04 4.28
N VAL A 2883 59.26 -1.46 3.07
CA VAL A 2883 58.55 -2.62 2.60
C VAL A 2883 58.72 -3.70 3.64
N GLN A 2884 59.95 -3.83 4.14
CA GLN A 2884 60.17 -4.73 5.24
C GLN A 2884 59.23 -4.44 6.38
N ASN A 2885 58.79 -3.19 6.51
CA ASN A 2885 57.61 -3.00 7.33
C ASN A 2885 56.35 -3.40 6.58
N ILE A 2886 56.28 -3.11 5.29
CA ILE A 2886 54.99 -2.83 4.66
C ILE A 2886 54.24 -4.13 4.38
N LEU A 2887 53.06 -4.26 4.95
CA LEU A 2887 52.14 -5.34 4.64
C LEU A 2887 50.73 -4.92 4.99
N ILE A 2888 49.75 -5.61 4.40
CA ILE A 2888 48.36 -5.38 4.75
C ILE A 2888 47.57 -6.67 4.53
N ASN A 2889 46.62 -6.93 5.40
CA ASN A 2889 45.97 -8.20 5.19
C ASN A 2889 44.77 -7.96 4.32
N GLU A 2890 44.88 -8.45 3.11
CA GLU A 2890 43.93 -8.10 2.10
C GLU A 2890 42.63 -8.83 2.30
N GLN A 2891 42.71 -10.14 2.51
CA GLN A 2891 41.50 -10.83 2.91
C GLN A 2891 40.88 -10.10 4.06
N SER A 2892 41.70 -9.80 5.06
CA SER A 2892 41.23 -8.88 6.06
C SER A 2892 40.80 -7.60 5.43
N ALA A 2893 41.44 -7.21 4.34
CA ALA A 2893 41.29 -5.87 3.84
C ALA A 2893 41.70 -4.88 4.91
N GLU A 2894 42.64 -5.28 5.74
CA GLU A 2894 43.18 -4.39 6.72
C GLU A 2894 44.68 -4.32 6.52
N LEU A 2895 45.25 -3.27 7.08
CA LEU A 2895 46.65 -2.96 6.84
C LEU A 2895 47.46 -3.24 8.09
N VAL A 2896 48.29 -4.26 8.02
CA VAL A 2896 49.22 -4.56 9.10
C VAL A 2896 50.62 -4.53 8.52
N HIS A 2897 51.40 -3.54 8.93
CA HIS A 2897 52.81 -3.54 8.56
C HIS A 2897 53.59 -3.72 9.85
N ILE A 2898 54.19 -4.90 9.98
CA ILE A 2898 55.03 -5.19 11.14
C ILE A 2898 56.45 -5.04 10.63
N ASP A 2899 57.11 -3.98 11.06
CA ASP A 2899 58.56 -4.03 11.03
C ASP A 2899 59.05 -4.81 12.23
N LEU A 2900 58.44 -4.55 13.37
CA LEU A 2900 58.91 -5.02 14.66
C LEU A 2900 60.32 -4.54 14.91
N GLY A 2901 60.68 -3.44 14.25
CA GLY A 2901 62.09 -3.11 14.19
C GLY A 2901 62.76 -2.48 15.37
N VAL A 2902 62.18 -1.43 15.94
CA VAL A 2902 63.04 -0.54 16.71
C VAL A 2902 62.86 -0.76 18.19
N ALA A 2903 63.65 -0.03 18.98
CA ALA A 2903 63.26 0.32 20.32
C ALA A 2903 62.21 1.40 20.19
N PHE A 2904 61.73 1.89 21.30
CA PHE A 2904 60.89 3.04 21.13
C PHE A 2904 61.65 4.11 20.36
N GLU A 2905 62.79 4.53 20.87
CA GLU A 2905 63.53 5.58 20.21
C GLU A 2905 64.61 5.07 19.28
N GLN A 2906 64.76 3.76 19.13
CA GLN A 2906 65.84 3.29 18.27
C GLN A 2906 65.78 3.95 16.92
N GLY A 2907 64.60 4.37 16.47
CA GLY A 2907 64.53 5.15 15.24
C GLY A 2907 65.50 6.32 15.27
N LYS A 2908 65.74 6.87 16.45
CA LYS A 2908 66.81 7.84 16.57
C LYS A 2908 68.17 7.18 16.70
N ILE A 2909 68.23 5.86 16.88
CA ILE A 2909 69.50 5.19 17.11
C ILE A 2909 70.15 4.99 15.76
N LEU A 2910 69.47 5.41 14.74
CA LEU A 2910 69.99 5.13 13.43
C LEU A 2910 71.11 6.09 13.07
N PRO A 2911 72.09 5.61 12.29
CA PRO A 2911 72.89 6.55 11.50
C PRO A 2911 71.96 7.37 10.63
N THR A 2912 72.16 8.68 10.66
CA THR A 2912 71.24 9.63 10.06
C THR A 2912 69.83 9.25 10.46
N PRO A 2913 69.60 8.99 11.74
CA PRO A 2913 68.25 8.64 12.19
C PRO A 2913 67.25 9.72 11.83
N GLU A 2914 66.03 9.29 11.53
CA GLU A 2914 64.94 10.20 11.21
C GLU A 2914 63.64 9.53 11.56
N THR A 2915 62.62 10.34 11.81
CA THR A 2915 61.32 9.74 12.00
C THR A 2915 60.18 10.69 11.77
N VAL A 2916 59.01 10.12 11.53
CA VAL A 2916 57.73 10.78 11.55
C VAL A 2916 56.78 9.60 11.56
N PRO A 2917 55.50 9.78 11.53
CA PRO A 2917 54.62 8.60 11.69
C PRO A 2917 54.33 7.86 10.40
N PHE A 2918 55.37 7.48 9.69
CA PHE A 2918 55.39 6.32 8.79
C PHE A 2918 54.54 6.44 7.54
N ARG A 2919 53.68 7.43 7.43
CA ARG A 2919 52.63 7.33 6.43
C ARG A 2919 53.14 7.79 5.08
N LEU A 2920 53.13 6.88 4.10
CA LEU A 2920 53.48 7.30 2.77
C LEU A 2920 52.43 8.23 2.23
N THR A 2921 52.87 9.19 1.43
CA THR A 2921 51.93 9.94 0.64
C THR A 2921 51.01 8.97 -0.07
N ARG A 2922 51.60 7.98 -0.71
CA ARG A 2922 50.79 6.89 -1.19
C ARG A 2922 49.95 6.36 -0.06
N ASP A 2923 50.59 5.95 1.02
CA ASP A 2923 49.80 5.53 2.15
C ASP A 2923 48.80 6.59 2.48
N ILE A 2924 49.23 7.84 2.53
CA ILE A 2924 48.26 8.90 2.72
C ILE A 2924 47.21 8.84 1.63
N VAL A 2925 47.63 8.91 0.39
CA VAL A 2925 46.69 8.66 -0.69
C VAL A 2925 46.00 7.33 -0.46
N ASP A 2926 46.76 6.34 -0.04
CA ASP A 2926 46.14 5.05 0.18
C ASP A 2926 45.45 4.99 1.51
N GLY A 2927 45.53 6.05 2.30
CA GLY A 2927 44.69 6.05 3.47
C GLY A 2927 43.28 5.88 2.97
N MET A 2928 42.91 6.78 2.10
CA MET A 2928 41.78 6.63 1.20
C MET A 2928 41.91 7.81 0.27
N GLY A 2929 40.94 7.98 -0.61
CA GLY A 2929 41.04 9.06 -1.55
C GLY A 2929 41.31 10.41 -0.91
N ILE A 2930 40.51 10.81 0.07
CA ILE A 2930 40.36 12.22 0.36
C ILE A 2930 40.63 12.51 1.83
N THR A 2931 40.37 13.76 2.18
CA THR A 2931 40.16 14.22 3.56
C THR A 2931 41.36 13.98 4.45
N GLY A 2932 42.54 14.37 3.96
CA GLY A 2932 43.57 14.84 4.86
C GLY A 2932 43.78 13.76 5.87
N VAL A 2933 44.10 12.57 5.43
CA VAL A 2933 43.43 11.35 5.84
C VAL A 2933 43.27 11.26 7.34
N GLU A 2934 44.19 11.86 8.08
CA GLU A 2934 43.87 12.18 9.47
C GLU A 2934 42.51 12.86 9.53
N GLY A 2935 42.18 13.65 8.51
CA GLY A 2935 40.89 14.29 8.43
C GLY A 2935 39.83 13.24 8.16
N VAL A 2936 40.29 11.99 8.16
CA VAL A 2936 39.53 10.88 8.69
C VAL A 2936 40.21 10.33 9.94
N PHE A 2937 41.43 9.83 9.78
CA PHE A 2937 42.13 9.17 10.86
C PHE A 2937 42.15 10.01 12.13
N ARG A 2938 42.55 11.27 12.03
CA ARG A 2938 42.76 12.04 13.24
C ARG A 2938 41.56 11.89 14.14
N ARG A 2939 40.38 11.95 13.55
CA ARG A 2939 39.16 11.71 14.30
C ARG A 2939 39.31 10.45 15.12
N CYS A 2940 39.76 9.39 14.50
CA CYS A 2940 40.17 8.29 15.33
C CYS A 2940 41.54 8.51 15.91
N CYS A 2941 42.48 9.01 15.11
CA CYS A 2941 43.84 9.08 15.59
C CYS A 2941 43.91 9.81 16.91
N GLU A 2942 43.11 10.85 17.05
CA GLU A 2942 42.95 11.40 18.38
C GLU A 2942 42.32 10.37 19.30
N LYS A 2943 41.14 9.87 18.93
CA LYS A 2943 40.50 8.84 19.71
C LYS A 2943 41.49 7.72 19.94
N THR A 2944 42.34 7.48 18.96
CA THR A 2944 43.47 6.62 19.20
C THR A 2944 44.32 7.20 20.32
N MET A 2945 44.82 8.41 20.11
CA MET A 2945 45.63 9.00 21.15
C MET A 2945 44.87 9.06 22.44
N GLU A 2946 43.55 9.09 22.35
CA GLU A 2946 42.75 9.18 23.55
C GLU A 2946 43.02 8.00 24.46
N VAL A 2947 42.80 6.80 23.95
CA VAL A 2947 43.04 5.65 24.78
C VAL A 2947 44.45 5.71 25.30
N MET A 2948 45.37 6.10 24.43
CA MET A 2948 46.73 6.32 24.88
C MET A 2948 46.73 7.32 26.02
N ARG A 2949 46.19 8.50 25.76
CA ARG A 2949 45.99 9.41 26.85
C ARG A 2949 45.22 8.76 27.96
N ASN A 2950 44.12 8.10 27.62
CA ASN A 2950 43.40 7.35 28.64
C ASN A 2950 44.32 6.37 29.32
N SER A 2951 45.30 5.85 28.59
CA SER A 2951 46.24 4.90 29.14
C SER A 2951 47.45 5.58 29.74
N GLN A 2952 47.44 6.92 29.78
CA GLN A 2952 48.67 7.63 29.56
C GLN A 2952 49.81 7.04 30.35
N GLU A 2953 49.61 6.81 31.63
CA GLU A 2953 50.66 6.12 32.34
C GLU A 2953 50.63 4.62 32.09
N THR A 2954 49.44 4.07 31.92
CA THR A 2954 49.27 2.65 32.17
C THR A 2954 50.30 1.82 31.44
N LEU A 2955 50.40 2.01 30.13
CA LEU A 2955 51.28 1.15 29.36
C LEU A 2955 52.72 1.30 29.80
N LEU A 2956 53.09 2.49 30.28
CA LEU A 2956 54.44 2.66 30.74
C LEU A 2956 54.80 1.55 31.71
N THR A 2957 53.83 1.12 32.51
CA THR A 2957 54.06 -0.05 33.32
C THR A 2957 54.43 -1.23 32.46
N ILE A 2958 53.56 -1.60 31.52
CA ILE A 2958 53.94 -2.60 30.56
C ILE A 2958 55.28 -2.22 29.97
N VAL A 2959 55.40 -0.98 29.51
CA VAL A 2959 56.65 -0.53 28.95
C VAL A 2959 57.77 -0.77 29.92
N GLU A 2960 57.64 -0.27 31.13
CA GLU A 2960 58.63 -0.62 32.12
C GLU A 2960 58.73 -2.12 32.24
N VAL A 2961 57.59 -2.80 32.43
CA VAL A 2961 57.65 -4.24 32.49
C VAL A 2961 58.39 -4.74 31.29
N LEU A 2962 58.22 -4.08 30.17
CA LEU A 2962 59.12 -4.36 29.07
C LEU A 2962 60.51 -3.89 29.38
N LEU A 2963 60.64 -2.76 30.05
CA LEU A 2963 61.83 -1.94 29.87
C LEU A 2963 63.11 -2.73 30.15
N TYR A 2964 63.25 -3.27 31.35
CA TYR A 2964 64.58 -3.71 31.77
C TYR A 2964 64.85 -5.18 31.54
N ASP A 2965 63.90 -5.94 31.02
CA ASP A 2965 63.98 -7.38 31.06
C ASP A 2965 65.10 -7.90 30.16
N PRO A 2966 65.28 -9.22 30.10
CA PRO A 2966 66.40 -9.78 29.32
C PRO A 2966 66.29 -9.57 27.81
N LEU A 2967 65.08 -9.67 27.25
CA LEU A 2967 64.95 -9.51 25.81
C LEU A 2967 65.30 -8.10 25.34
N PHE A 2968 65.50 -7.18 26.28
CA PHE A 2968 65.69 -5.77 26.04
C PHE A 2968 66.93 -5.52 25.22
N ASP A 2969 67.68 -6.57 24.99
CA ASP A 2969 68.53 -6.59 23.81
C ASP A 2969 67.64 -6.09 22.70
N TRP A 2970 66.37 -6.51 22.72
CA TRP A 2970 65.36 -5.75 22.01
C TRP A 2970 65.51 -4.26 22.33
N THR A 2971 65.25 -3.88 23.56
CA THR A 2971 65.07 -2.47 23.89
C THR A 2971 66.25 -1.71 23.66
N MET A 2972 67.30 -2.44 23.33
CA MET A 2972 68.63 -1.91 23.27
C MET A 2972 68.77 -0.76 22.30
N ASN A 2973 67.80 -0.53 21.43
CA ASN A 2973 67.94 0.41 20.33
C ASN A 2973 69.29 0.11 19.67
N PRO A 2974 69.54 -1.12 19.30
CA PRO A 2974 70.89 -1.67 19.35
C PRO A 2974 71.89 -1.19 18.32
N LEU A 2975 73.02 -1.88 18.31
CA LEU A 2975 74.27 -1.45 17.67
C LEU A 2975 74.66 -2.32 16.48
N LYS A 2976 75.84 -2.03 15.95
CA LYS A 2976 76.36 -2.62 14.72
C LYS A 2976 75.50 -2.16 13.57
N ALA A 2977 74.86 -1.03 13.82
CA ALA A 2977 73.98 -0.37 12.86
C ALA A 2977 72.91 -1.37 12.51
N LEU A 2978 72.73 -2.35 13.38
CA LEU A 2978 71.71 -3.37 13.24
C LEU A 2978 71.59 -3.79 11.79
N TYR A 2979 72.69 -4.34 11.28
CA TYR A 2979 72.71 -4.78 9.89
C TYR A 2979 72.19 -3.70 8.96
N LEU A 2980 72.49 -2.45 9.28
CA LEU A 2980 72.06 -1.35 8.44
C LEU A 2980 70.54 -1.34 8.30
N ILE A 3008 73.94 3.45 32.45
CA ILE A 3008 74.21 2.70 31.24
C ILE A 3008 72.90 2.14 30.73
N ASP A 3009 72.72 0.84 30.93
CA ASP A 3009 71.39 0.28 30.78
C ASP A 3009 70.40 1.13 31.56
N GLN A 3010 70.78 1.51 32.76
CA GLN A 3010 70.04 2.54 33.45
C GLN A 3010 70.07 3.85 32.68
N SER A 3011 71.23 4.29 32.23
CA SER A 3011 71.24 5.48 31.38
C SER A 3011 70.39 5.24 30.16
N PHE A 3012 70.54 4.06 29.58
CA PHE A 3012 69.55 3.62 28.63
C PHE A 3012 68.19 3.66 29.26
N ASN A 3013 68.03 3.03 30.41
CA ASN A 3013 66.75 3.14 31.10
C ASN A 3013 66.43 4.59 31.35
N LYS A 3014 67.44 5.40 31.64
CA LYS A 3014 67.24 6.84 31.67
C LYS A 3014 66.83 7.32 30.30
N VAL A 3015 67.64 7.03 29.29
CA VAL A 3015 67.16 7.25 27.95
C VAL A 3015 65.80 6.61 27.79
N ALA A 3016 65.61 5.41 28.33
CA ALA A 3016 64.28 4.84 28.31
C ALA A 3016 63.34 5.70 29.13
N GLU A 3017 63.73 6.05 30.33
CA GLU A 3017 62.98 7.09 30.98
C GLU A 3017 62.85 8.27 30.04
N ARG A 3018 63.95 8.70 29.43
CA ARG A 3018 63.81 9.74 28.44
C ARG A 3018 62.81 9.31 27.38
N VAL A 3019 62.91 8.08 26.92
CA VAL A 3019 61.78 7.60 26.15
C VAL A 3019 60.55 7.66 27.01
N LEU A 3020 60.58 7.08 28.20
CA LEU A 3020 59.40 7.15 29.03
C LEU A 3020 58.96 8.60 29.18
N MET A 3021 59.92 9.48 29.31
CA MET A 3021 59.60 10.88 29.13
C MET A 3021 59.04 11.10 27.74
N ARG A 3022 59.80 10.74 26.71
CA ARG A 3022 59.24 10.82 25.38
C ARG A 3022 57.93 10.07 25.34
N LEU A 3023 57.81 9.06 26.18
CA LEU A 3023 56.52 8.41 26.35
C LEU A 3023 55.60 9.28 27.17
N GLN A 3024 56.07 9.79 28.30
CA GLN A 3024 55.29 10.83 28.94
C GLN A 3024 55.01 11.92 27.95
N GLU A 3025 56.04 12.37 27.25
CA GLU A 3025 55.79 13.14 26.06
C GLU A 3025 54.80 12.40 25.18
N LYS A 3026 55.05 11.12 24.89
CA LYS A 3026 54.13 10.44 24.00
C LYS A 3026 52.72 10.47 24.55
N LEU A 3027 52.52 10.15 25.82
CA LEU A 3027 51.13 10.18 26.26
C LEU A 3027 50.88 11.54 26.87
N LYS A 3028 50.12 12.32 26.13
CA LYS A 3028 49.63 13.62 26.55
C LYS A 3028 50.75 14.43 27.19
N GLY A 3029 51.97 14.19 26.73
CA GLY A 3029 52.99 15.18 26.75
C GLY A 3029 53.26 15.62 25.35
N VAL A 3030 54.38 16.31 25.15
CA VAL A 3030 55.08 16.17 23.89
C VAL A 3030 56.54 16.46 24.14
N GLU A 3031 57.39 15.80 23.37
CA GLU A 3031 58.76 16.25 23.27
C GLU A 3031 58.81 17.65 22.68
N GLU A 3032 57.71 18.10 22.09
CA GLU A 3032 57.54 19.51 21.80
C GLU A 3032 56.79 20.24 22.89
N GLY A 3033 56.44 19.57 23.99
CA GLY A 3033 55.58 20.21 24.97
C GLY A 3033 54.26 20.56 24.36
N THR A 3034 53.97 19.92 23.26
CA THR A 3034 52.97 20.19 22.25
C THR A 3034 51.72 19.45 22.65
N VAL A 3035 51.70 18.93 23.88
CA VAL A 3035 50.76 17.88 24.26
C VAL A 3035 49.37 18.25 23.76
N LEU A 3036 48.88 19.45 24.03
CA LEU A 3036 48.06 20.19 23.07
C LEU A 3036 47.11 19.23 22.39
N SER A 3037 46.12 18.80 23.15
CA SER A 3037 45.79 17.40 23.19
C SER A 3037 45.21 16.96 21.91
N VAL A 3038 44.84 15.70 21.93
CA VAL A 3038 45.39 14.78 20.98
C VAL A 3038 45.37 15.38 19.62
N GLY A 3039 44.25 16.02 19.26
CA GLY A 3039 44.17 16.56 17.93
C GLY A 3039 45.29 17.53 17.65
N GLY A 3040 45.42 18.54 18.50
CA GLY A 3040 46.57 19.42 18.37
C GLY A 3040 47.83 18.60 18.38
N GLN A 3041 47.97 17.75 19.39
CA GLN A 3041 49.09 16.82 19.37
C GLN A 3041 49.13 16.11 18.04
N VAL A 3042 48.04 15.49 17.65
CA VAL A 3042 48.01 14.81 16.37
C VAL A 3042 48.26 15.80 15.26
N ASN A 3043 47.45 16.84 15.17
CA ASN A 3043 47.61 17.77 14.07
C ASN A 3043 49.05 18.20 13.96
N LEU A 3044 49.63 18.60 15.09
CA LEU A 3044 51.06 18.80 15.11
C LEU A 3044 51.77 17.54 14.69
N LEU A 3045 51.50 16.43 15.37
CA LEU A 3045 52.08 15.17 14.92
C LEU A 3045 51.78 14.97 13.46
N ILE A 3046 50.52 15.17 13.08
CA ILE A 3046 50.19 15.19 11.67
C ILE A 3046 51.11 16.16 10.95
N GLN A 3047 51.12 17.40 11.41
CA GLN A 3047 52.11 18.31 10.86
C GLN A 3047 53.49 17.70 10.96
N GLN A 3048 53.85 17.23 12.15
CA GLN A 3048 55.14 16.58 12.30
C GLN A 3048 55.31 15.49 11.28
N ALA A 3049 54.36 14.58 11.22
CA ALA A 3049 54.48 13.54 10.22
C ALA A 3049 54.37 14.10 8.82
N ILE A 3050 53.91 15.34 8.68
CA ILE A 3050 53.67 15.85 7.34
C ILE A 3050 54.95 16.15 6.57
N ASP A 3051 56.11 16.07 7.19
CA ASP A 3051 57.17 16.87 6.62
C ASP A 3051 57.75 16.29 5.34
N PRO A 3052 57.58 16.97 4.20
CA PRO A 3052 58.46 16.69 3.08
C PRO A 3052 59.91 16.81 3.46
N LYS A 3053 60.25 17.82 4.26
CA LYS A 3053 61.62 17.91 4.73
C LYS A 3053 61.99 16.66 5.51
N ASN A 3054 61.09 16.17 6.35
CA ASN A 3054 61.33 14.85 6.93
C ASN A 3054 61.49 13.84 5.83
N LEU A 3055 60.53 13.82 4.91
CA LEU A 3055 60.75 13.03 3.73
C LEU A 3055 62.11 13.35 3.17
N SER A 3056 62.41 14.64 3.01
CA SER A 3056 63.74 15.02 2.58
C SER A 3056 64.79 14.48 3.53
N ARG A 3057 64.47 14.37 4.80
CA ARG A 3057 65.46 13.87 5.73
C ARG A 3057 65.50 12.35 5.75
N LEU A 3058 64.63 11.70 4.99
CA LEU A 3058 64.43 10.27 5.16
C LEU A 3058 65.68 9.48 4.83
N PHE A 3059 65.77 8.30 5.43
CA PHE A 3059 66.88 7.36 5.26
C PHE A 3059 66.57 6.16 4.38
N PRO A 3060 67.54 5.25 4.25
CA PRO A 3060 67.45 4.20 3.21
C PRO A 3060 66.18 3.39 3.23
N GLY A 3061 65.75 2.94 4.40
CA GLY A 3061 64.62 2.02 4.42
C GLY A 3061 63.33 2.65 3.94
N TRP A 3062 62.93 3.75 4.56
CA TRP A 3062 61.85 4.51 3.99
C TRP A 3062 62.29 5.25 2.75
N LYS A 3063 63.59 5.27 2.46
CA LYS A 3063 63.94 5.76 1.14
C LYS A 3063 63.22 4.95 0.09
N ALA A 3064 63.00 3.67 0.38
CA ALA A 3064 62.01 2.94 -0.38
C ALA A 3064 60.74 3.74 -0.49
N TRP A 3065 60.23 4.23 0.64
CA TRP A 3065 58.99 4.99 0.59
C TRP A 3065 59.12 6.20 -0.31
N VAL A 3066 60.28 6.82 -0.35
CA VAL A 3066 60.50 7.89 -1.28
C VAL A 3066 60.35 7.34 -2.69
#